data_4KPS
#
_entry.id   4KPS
#
_cell.length_a   75.638
_cell.length_b   76.804
_cell.length_c   76.380
_cell.angle_alpha   85.60
_cell.angle_beta   82.67
_cell.angle_gamma   87.52
#
_symmetry.space_group_name_H-M   'P 1'
#
loop_
_entity.id
_entity.type
_entity.pdbx_description
1 polymer Hemagglutinin
2 polymer Hemagglutinin
3 branched 'N-acetyl-alpha-neuraminic acid-(2-3)-beta-D-galactopyranose'
4 branched 'N-acetyl-alpha-neuraminic acid-(2-3)-beta-D-galactopyranose-(1-4)-2-acetamido-2-deoxy-beta-D-glucopyranose'
5 non-polymer 2-acetamido-2-deoxy-beta-D-glucopyranose
6 water water
#
loop_
_entity_poly.entity_id
_entity_poly.type
_entity_poly.pdbx_seq_one_letter_code
_entity_poly.pdbx_strand_id
1 'polypeptide(L)'
;IQDRICVGYLSTNSSERVDTLLENGVPVTSSIDLIETNHTGTYCSLNGVSPVHLGDCSFEGWIVGNPACTSNFGIREWSY
LIEDPAAPHGLCYPGELNNNGELRHLFSGIRSFSRTELIPPTSWGEVLDGTTSACRDNTGTNSFYRNLVWFIKKNNRYPV
ISKTYNNTTGRDVLVLWGIHHPVSVDETKTLYVNSDPYTLVSTKSWSEKYKLETGVRPGYNGQRSWMKIYWSLIHPGEMI
TFESNGGFLAPRYGYIIEEYGKGRIFQSRIRMSRCNTKCQTSVGGINTNRTFQNIDKNALGDCPKYIKSGQLKLATGLRN
VPAI
;
A,C,E
2 'polypeptide(L)'
;LFGAIAGFIEGGWPGLINGWYGFQHQNEQGTGIAADKESTQKAIDQITTKINNIIDKMNGNYDSIRGEFNQVEKRINMLA
DRIDDAVTDIWSYNAKLLVLLENDKTLDMHDANVKNLHEQVRRELKDNAIDEGNGCFELLHKCNDSCMETIRNGTYDHTE
YAEES
;
B,D,F
#
loop_
_chem_comp.id
_chem_comp.type
_chem_comp.name
_chem_comp.formula
GAL D-saccharide, beta linking beta-D-galactopyranose 'C6 H12 O6'
NAG D-saccharide, beta linking 2-acetamido-2-deoxy-beta-D-glucopyranose 'C8 H15 N O6'
SIA D-saccharide, alpha linking 'N-acetyl-alpha-neuraminic acid' 'C11 H19 N O9'
#
# COMPACT_ATOMS: atom_id res chain seq x y z
N ILE A 1 32.82 -37.36 -48.77
CA ILE A 1 33.00 -36.36 -47.72
C ILE A 1 33.54 -36.98 -46.43
N GLN A 2 33.77 -36.13 -45.42
CA GLN A 2 34.38 -36.57 -44.17
C GLN A 2 33.37 -36.90 -43.07
N ASP A 3 33.88 -37.33 -41.93
CA ASP A 3 33.05 -37.51 -40.75
C ASP A 3 32.80 -36.15 -40.13
N ARG A 4 31.59 -35.94 -39.62
CA ARG A 4 31.22 -34.62 -39.09
C ARG A 4 30.30 -34.72 -37.88
N ILE A 5 30.50 -33.80 -36.93
CA ILE A 5 29.65 -33.74 -35.75
C ILE A 5 29.12 -32.33 -35.58
N CYS A 6 27.83 -32.22 -35.26
CA CYS A 6 27.18 -30.92 -35.16
C CYS A 6 26.52 -30.68 -33.80
N VAL A 7 26.51 -29.42 -33.39
CA VAL A 7 25.79 -29.00 -32.19
C VAL A 7 24.49 -28.35 -32.63
N GLY A 8 23.41 -28.62 -31.90
CA GLY A 8 22.11 -28.08 -32.22
C GLY A 8 21.18 -28.01 -31.03
N TYR A 9 19.94 -27.62 -31.28
CA TYR A 9 18.96 -27.42 -30.22
C TYR A 9 17.56 -27.78 -30.65
N LEU A 10 16.64 -27.80 -29.71
CA LEU A 10 15.29 -28.32 -29.94
C LEU A 10 14.42 -27.43 -30.82
N SER A 11 13.60 -28.09 -31.65
CA SER A 11 12.55 -27.43 -32.39
C SER A 11 11.31 -28.30 -32.27
N THR A 12 10.12 -27.70 -32.29
CA THR A 12 8.89 -28.46 -32.11
C THR A 12 7.73 -27.92 -32.95
N ASN A 13 6.57 -28.56 -32.79
CA ASN A 13 5.34 -28.08 -33.40
C ASN A 13 4.53 -27.31 -32.37
N SER A 14 4.74 -26.00 -32.32
CA SER A 14 4.03 -25.19 -31.35
C SER A 14 3.65 -23.83 -31.93
N SER A 15 2.47 -23.38 -31.56
CA SER A 15 2.06 -22.01 -31.81
C SER A 15 2.25 -21.23 -30.52
N GLU A 16 2.83 -21.91 -29.53
CA GLU A 16 3.10 -21.33 -28.23
C GLU A 16 4.02 -20.11 -28.30
N ARG A 17 3.59 -19.01 -27.70
CA ARG A 17 4.32 -17.77 -27.81
C ARG A 17 4.33 -17.02 -26.51
N VAL A 18 5.41 -16.31 -26.24
CA VAL A 18 5.55 -15.51 -25.04
C VAL A 18 6.03 -14.13 -25.44
N ASP A 19 5.79 -13.14 -24.60
CA ASP A 19 6.32 -11.81 -24.82
C ASP A 19 7.56 -11.65 -23.94
N THR A 20 8.58 -10.98 -24.46
CA THR A 20 9.73 -10.63 -23.65
C THR A 20 9.82 -9.13 -23.59
N LEU A 21 10.72 -8.61 -22.76
CA LEU A 21 10.84 -7.17 -22.62
C LEU A 21 11.22 -6.52 -23.95
N LEU A 22 11.96 -7.24 -24.77
CA LEU A 22 12.47 -6.70 -26.02
C LEU A 22 11.67 -7.12 -27.26
N GLU A 23 10.76 -8.09 -27.11
CA GLU A 23 10.08 -8.62 -28.28
C GLU A 23 8.69 -9.16 -27.97
N ASN A 24 7.75 -8.95 -28.86
CA ASN A 24 6.43 -9.49 -28.69
C ASN A 24 6.22 -10.76 -29.50
N GLY A 25 5.43 -11.67 -28.98
CA GLY A 25 5.05 -12.90 -29.68
C GLY A 25 6.23 -13.73 -30.14
N VAL A 26 7.09 -14.11 -29.21
CA VAL A 26 8.24 -14.95 -29.51
C VAL A 26 7.88 -16.41 -29.35
N PRO A 27 8.07 -17.21 -30.41
CA PRO A 27 7.78 -18.66 -30.36
C PRO A 27 8.72 -19.37 -29.39
N VAL A 28 8.17 -20.21 -28.51
CA VAL A 28 8.99 -20.98 -27.59
C VAL A 28 8.55 -22.45 -27.57
N THR A 29 9.46 -23.34 -27.19
CA THR A 29 9.17 -24.76 -27.15
C THR A 29 8.25 -25.16 -25.98
N SER A 30 8.26 -24.37 -24.91
CA SER A 30 7.38 -24.63 -23.77
C SER A 30 7.20 -23.41 -22.86
N SER A 31 6.09 -23.39 -22.13
CA SER A 31 5.80 -22.29 -21.21
C SER A 31 4.76 -22.70 -20.16
N ILE A 32 4.60 -21.87 -19.14
CA ILE A 32 3.57 -22.09 -18.13
C ILE A 32 2.74 -20.84 -17.87
N ASP A 33 1.58 -21.03 -17.24
CA ASP A 33 0.68 -19.93 -16.92
C ASP A 33 0.88 -19.50 -15.47
N LEU A 34 0.97 -18.19 -15.24
CA LEU A 34 1.15 -17.65 -13.90
C LEU A 34 -0.17 -17.28 -13.24
N ILE A 35 -1.18 -16.94 -14.04
CA ILE A 35 -2.45 -16.47 -13.52
C ILE A 35 -3.51 -17.56 -13.54
N GLU A 36 -4.21 -17.71 -12.42
CA GLU A 36 -5.31 -18.67 -12.33
C GLU A 36 -6.59 -18.04 -12.85
N THR A 37 -7.27 -18.75 -13.75
CA THR A 37 -8.48 -18.21 -14.38
C THR A 37 -9.70 -19.09 -14.13
N ASN A 38 -9.48 -20.23 -13.48
CA ASN A 38 -10.56 -21.18 -13.25
C ASN A 38 -11.02 -21.24 -11.79
N HIS A 39 -12.33 -21.24 -11.60
CA HIS A 39 -12.93 -21.31 -10.27
C HIS A 39 -14.15 -22.24 -10.28
N THR A 40 -14.65 -22.57 -9.10
CA THR A 40 -15.77 -23.50 -8.96
C THR A 40 -17.10 -22.85 -9.38
N GLY A 41 -17.18 -21.53 -9.25
CA GLY A 41 -18.41 -20.81 -9.56
C GLY A 41 -19.47 -21.01 -8.49
N THR A 42 -19.04 -21.46 -7.31
CA THR A 42 -19.95 -21.73 -6.20
C THR A 42 -19.35 -21.31 -4.87
N TYR A 43 -20.18 -21.27 -3.83
CA TYR A 43 -19.69 -21.06 -2.47
C TYR A 43 -19.20 -22.39 -1.92
N CYS A 44 -17.98 -22.41 -1.41
CA CYS A 44 -17.39 -23.65 -0.90
C CYS A 44 -17.02 -23.49 0.56
N SER A 45 -16.68 -24.59 1.20
CA SER A 45 -16.07 -24.52 2.52
C SER A 45 -14.71 -23.89 2.33
N LEU A 46 -14.27 -23.13 3.33
CA LEU A 46 -12.98 -22.46 3.24
C LEU A 46 -11.96 -23.08 4.18
N ASN A 47 -11.01 -23.82 3.62
CA ASN A 47 -9.98 -24.48 4.42
C ASN A 47 -10.60 -25.32 5.54
N GLY A 48 -11.61 -26.10 5.18
CA GLY A 48 -12.23 -27.03 6.11
C GLY A 48 -13.41 -26.47 6.87
N VAL A 49 -13.57 -25.14 6.85
CA VAL A 49 -14.63 -24.49 7.61
C VAL A 49 -15.77 -24.02 6.72
N SER A 50 -16.96 -24.53 6.99
CA SER A 50 -18.14 -24.18 6.23
C SER A 50 -18.59 -22.75 6.53
N PRO A 51 -19.14 -22.05 5.53
CA PRO A 51 -19.71 -20.73 5.74
C PRO A 51 -21.07 -20.85 6.42
N VAL A 52 -21.83 -19.75 6.45
CA VAL A 52 -23.17 -19.77 7.01
C VAL A 52 -24.10 -18.95 6.13
N HIS A 53 -25.09 -19.62 5.54
CA HIS A 53 -26.07 -18.92 4.71
C HIS A 53 -27.12 -18.31 5.63
N LEU A 54 -27.53 -17.08 5.31
CA LEU A 54 -28.50 -16.38 6.16
C LEU A 54 -29.92 -16.54 5.64
N GLY A 55 -30.07 -17.35 4.60
CA GLY A 55 -31.38 -17.62 4.03
C GLY A 55 -32.11 -16.39 3.56
N ASP A 56 -33.27 -16.13 4.17
CA ASP A 56 -34.10 -15.00 3.77
C ASP A 56 -33.92 -13.80 4.70
N CYS A 57 -32.99 -13.93 5.65
CA CYS A 57 -32.77 -12.88 6.64
C CYS A 57 -31.53 -12.04 6.34
N SER A 58 -31.60 -10.76 6.69
CA SER A 58 -30.43 -9.90 6.67
C SER A 58 -29.59 -10.23 7.89
N PHE A 59 -28.35 -9.73 7.91
CA PHE A 59 -27.47 -9.99 9.05
C PHE A 59 -28.04 -9.42 10.35
N GLU A 60 -28.65 -8.24 10.26
CA GLU A 60 -29.28 -7.61 11.41
C GLU A 60 -30.32 -8.52 12.07
N GLY A 61 -31.28 -8.98 11.27
CA GLY A 61 -32.32 -9.86 11.76
C GLY A 61 -31.77 -11.17 12.30
N TRP A 62 -30.68 -11.64 11.71
CA TRP A 62 -30.05 -12.88 12.15
C TRP A 62 -29.43 -12.73 13.52
N ILE A 63 -28.73 -11.62 13.74
CA ILE A 63 -27.94 -11.43 14.94
C ILE A 63 -28.78 -11.15 16.19
N VAL A 64 -29.94 -10.51 16.01
CA VAL A 64 -30.83 -10.23 17.13
C VAL A 64 -31.79 -11.38 17.40
N GLY A 65 -31.97 -12.25 16.41
CA GLY A 65 -32.78 -13.43 16.58
C GLY A 65 -34.21 -13.26 16.12
N ASN A 66 -34.39 -12.68 14.94
CA ASN A 66 -35.71 -12.59 14.33
C ASN A 66 -36.33 -13.97 14.23
N PRO A 67 -37.49 -14.17 14.89
CA PRO A 67 -38.13 -15.49 14.99
C PRO A 67 -38.36 -16.14 13.63
N ALA A 68 -38.38 -15.35 12.57
CA ALA A 68 -38.61 -15.87 11.23
C ALA A 68 -37.34 -16.46 10.62
N CYS A 69 -36.19 -16.07 11.17
CA CYS A 69 -34.90 -16.61 10.73
C CYS A 69 -34.65 -17.96 11.38
N THR A 70 -33.78 -18.74 10.77
CA THR A 70 -33.30 -19.96 11.40
C THR A 70 -32.35 -19.57 12.52
N SER A 71 -32.45 -20.25 13.65
CA SER A 71 -31.68 -19.91 14.84
C SER A 71 -30.19 -20.14 14.64
N ASN A 72 -29.38 -19.35 15.34
CA ASN A 72 -27.93 -19.54 15.31
C ASN A 72 -27.47 -20.22 16.59
N PHE A 73 -28.39 -20.98 17.18
CA PHE A 73 -28.11 -21.67 18.44
C PHE A 73 -27.05 -22.76 18.30
N GLY A 74 -27.05 -23.46 17.17
CA GLY A 74 -26.17 -24.60 16.98
C GLY A 74 -24.87 -24.32 16.24
N ILE A 75 -24.65 -23.08 15.82
CA ILE A 75 -23.45 -22.72 15.09
C ILE A 75 -22.22 -22.66 15.99
N ARG A 76 -21.09 -23.14 15.47
CA ARG A 76 -19.86 -23.17 16.26
C ARG A 76 -18.76 -22.30 15.67
N GLU A 77 -18.91 -21.98 14.39
CA GLU A 77 -17.83 -21.35 13.64
C GLU A 77 -18.28 -21.10 12.22
N TRP A 78 -17.75 -20.04 11.63
CA TRP A 78 -17.94 -19.82 10.19
C TRP A 78 -16.76 -19.09 9.58
N SER A 79 -16.49 -19.40 8.32
CA SER A 79 -15.37 -18.83 7.57
C SER A 79 -15.81 -17.53 6.91
N TYR A 80 -17.05 -17.52 6.43
CA TYR A 80 -17.65 -16.31 5.88
C TYR A 80 -19.18 -16.38 5.93
N LEU A 81 -19.83 -15.28 5.57
CA LEU A 81 -21.29 -15.22 5.59
C LEU A 81 -21.85 -15.03 4.18
N ILE A 82 -22.99 -15.66 3.93
CA ILE A 82 -23.71 -15.48 2.67
C ILE A 82 -25.02 -14.77 2.95
N GLU A 83 -25.19 -13.58 2.37
CA GLU A 83 -26.37 -12.78 2.63
C GLU A 83 -27.06 -12.35 1.34
N ASP A 84 -28.38 -12.40 1.33
CA ASP A 84 -29.07 -11.90 0.16
C ASP A 84 -29.26 -10.42 0.37
N PRO A 85 -28.88 -9.62 -0.61
CA PRO A 85 -29.05 -8.17 -0.56
C PRO A 85 -30.50 -7.71 -0.45
N ALA A 86 -31.43 -8.48 -1.02
CA ALA A 86 -32.85 -8.13 -0.95
C ALA A 86 -33.58 -9.02 0.04
N ALA A 87 -32.89 -9.46 1.08
CA ALA A 87 -33.52 -10.33 2.06
C ALA A 87 -34.78 -9.69 2.64
N PRO A 88 -35.93 -10.41 2.60
CA PRO A 88 -37.20 -9.94 3.15
C PRO A 88 -37.18 -9.71 4.67
N HIS A 89 -36.46 -10.54 5.40
CA HIS A 89 -36.48 -10.44 6.87
C HIS A 89 -35.26 -9.70 7.41
N GLY A 90 -35.51 -8.91 8.45
CA GLY A 90 -34.47 -8.18 9.14
C GLY A 90 -34.96 -7.89 10.54
N LEU A 91 -34.90 -6.62 10.96
CA LEU A 91 -35.53 -6.24 12.21
C LEU A 91 -37.03 -6.16 11.97
N CYS A 92 -37.74 -7.23 12.35
CA CYS A 92 -39.17 -7.35 12.09
C CYS A 92 -39.97 -6.17 12.64
N TYR A 93 -39.59 -5.71 13.83
CA TYR A 93 -40.21 -4.53 14.41
C TYR A 93 -39.46 -3.28 13.96
N PRO A 94 -40.20 -2.24 13.54
CA PRO A 94 -39.57 -1.00 13.06
C PRO A 94 -38.50 -0.50 14.01
N GLY A 95 -37.25 -0.58 13.58
CA GLY A 95 -36.13 -0.14 14.40
C GLY A 95 -34.82 -0.10 13.65
N GLU A 96 -33.76 0.23 14.37
CA GLU A 96 -32.42 0.26 13.79
C GLU A 96 -31.41 -0.36 14.75
N LEU A 97 -30.45 -1.08 14.19
CA LEU A 97 -29.33 -1.59 14.96
C LEU A 97 -28.19 -0.58 14.94
N ASN A 98 -27.81 -0.09 16.11
CA ASN A 98 -26.75 0.92 16.22
C ASN A 98 -25.38 0.36 15.88
N ASN A 99 -24.63 1.11 15.08
CA ASN A 99 -23.26 0.76 14.75
C ASN A 99 -23.16 -0.62 14.12
N ASN A 100 -24.09 -0.91 13.21
CA ASN A 100 -24.16 -2.24 12.59
C ASN A 100 -23.01 -2.50 11.62
N GLY A 101 -22.39 -1.45 11.12
CA GLY A 101 -21.22 -1.57 10.27
C GLY A 101 -20.08 -2.30 10.95
N GLU A 102 -19.69 -1.81 12.12
CA GLU A 102 -18.65 -2.45 12.93
C GLU A 102 -19.01 -3.90 13.22
N LEU A 103 -20.27 -4.12 13.60
CA LEU A 103 -20.72 -5.45 13.96
C LEU A 103 -20.60 -6.41 12.78
N ARG A 104 -21.09 -5.98 11.63
CA ARG A 104 -20.97 -6.78 10.41
C ARG A 104 -19.52 -7.19 10.20
N HIS A 105 -18.62 -6.23 10.39
CA HIS A 105 -17.20 -6.45 10.17
C HIS A 105 -16.66 -7.50 11.13
N LEU A 106 -17.09 -7.41 12.40
CA LEU A 106 -16.62 -8.31 13.45
C LEU A 106 -17.22 -9.70 13.34
N PHE A 107 -18.35 -9.82 12.65
CA PHE A 107 -19.00 -11.13 12.50
C PHE A 107 -18.85 -11.70 11.09
N SER A 108 -17.99 -11.09 10.28
CA SER A 108 -17.76 -11.56 8.93
C SER A 108 -17.24 -12.99 8.95
N GLY A 109 -16.40 -13.30 9.93
CA GLY A 109 -15.85 -14.64 10.09
C GLY A 109 -15.37 -14.82 11.52
N ILE A 110 -15.75 -15.93 12.14
CA ILE A 110 -15.39 -16.20 13.53
C ILE A 110 -15.00 -17.66 13.69
N ARG A 111 -13.85 -17.91 14.32
CA ARG A 111 -13.34 -19.27 14.45
C ARG A 111 -13.96 -20.02 15.63
N SER A 112 -14.35 -19.27 16.66
CA SER A 112 -15.01 -19.84 17.83
C SER A 112 -16.26 -19.06 18.21
N PHE A 113 -17.42 -19.67 18.02
CA PHE A 113 -18.69 -19.03 18.28
C PHE A 113 -19.66 -19.96 19.01
N SER A 114 -20.37 -19.40 19.99
CA SER A 114 -21.43 -20.13 20.68
C SER A 114 -22.34 -19.15 21.40
N ARG A 115 -23.63 -19.33 21.21
CA ARG A 115 -24.61 -18.49 21.89
C ARG A 115 -24.69 -18.90 23.36
N THR A 116 -24.96 -17.93 24.21
CA THR A 116 -25.03 -18.20 25.65
C THR A 116 -26.08 -17.30 26.29
N GLU A 117 -26.65 -17.75 27.40
CA GLU A 117 -27.63 -16.96 28.13
C GLU A 117 -26.92 -16.11 29.17
N LEU A 118 -26.95 -14.79 28.95
CA LEU A 118 -26.29 -13.85 29.86
C LEU A 118 -27.04 -13.78 31.17
N ILE A 119 -28.32 -13.44 31.09
CA ILE A 119 -29.15 -13.26 32.28
C ILE A 119 -30.47 -13.99 32.07
N PRO A 120 -30.89 -14.77 33.07
CA PRO A 120 -32.16 -15.51 33.01
C PRO A 120 -33.34 -14.56 32.81
N PRO A 121 -34.19 -14.84 31.80
CA PRO A 121 -35.31 -14.01 31.37
C PRO A 121 -36.33 -13.73 32.48
N THR A 122 -36.36 -14.56 33.52
CA THR A 122 -37.32 -14.39 34.60
C THR A 122 -36.64 -13.90 35.88
N SER A 123 -35.31 -13.82 35.84
CA SER A 123 -34.52 -13.36 36.98
C SER A 123 -34.57 -11.84 37.14
N TRP A 124 -35.37 -11.16 36.33
CA TRP A 124 -35.39 -9.69 36.32
C TRP A 124 -36.29 -9.07 37.40
N GLY A 125 -37.39 -9.75 37.72
CA GLY A 125 -38.30 -9.25 38.74
C GLY A 125 -39.74 -9.24 38.28
N GLU A 126 -40.50 -8.25 38.75
CA GLU A 126 -41.93 -8.20 38.47
C GLU A 126 -42.24 -7.48 37.16
N VAL A 127 -42.12 -8.22 36.05
CA VAL A 127 -42.44 -7.69 34.73
C VAL A 127 -42.92 -8.80 33.81
N LEU A 128 -43.68 -8.43 32.79
CA LEU A 128 -44.16 -9.39 31.80
C LEU A 128 -43.34 -9.36 30.52
N ASP A 129 -43.52 -10.38 29.69
CA ASP A 129 -42.82 -10.47 28.41
C ASP A 129 -43.76 -10.08 27.29
N GLY A 130 -43.38 -9.02 26.56
CA GLY A 130 -44.22 -8.49 25.50
C GLY A 130 -43.89 -9.07 24.14
N THR A 131 -44.93 -9.41 23.38
CA THR A 131 -44.76 -9.90 22.03
C THR A 131 -45.37 -8.91 21.06
N THR A 132 -45.38 -9.26 19.78
CA THR A 132 -45.95 -8.38 18.77
C THR A 132 -46.26 -9.12 17.47
N SER A 133 -47.23 -8.59 16.72
CA SER A 133 -47.65 -9.21 15.47
C SER A 133 -46.65 -8.92 14.35
N ALA A 134 -45.69 -8.03 14.65
CA ALA A 134 -44.65 -7.70 13.68
C ALA A 134 -43.58 -8.79 13.66
N CYS A 135 -43.42 -9.48 14.77
CA CYS A 135 -42.40 -10.53 14.90
C CYS A 135 -43.02 -11.90 15.13
N ARG A 136 -43.84 -12.35 14.18
CA ARG A 136 -44.45 -13.67 14.28
C ARG A 136 -43.41 -14.77 14.08
N ASP A 137 -43.60 -15.90 14.75
CA ASP A 137 -42.67 -17.01 14.65
C ASP A 137 -43.08 -17.98 13.54
N ASN A 138 -42.30 -19.05 13.45
CA ASN A 138 -42.53 -20.17 12.57
C ASN A 138 -43.99 -20.38 12.33
N THR A 139 -44.68 -20.54 13.44
CA THR A 139 -46.08 -20.96 13.49
C THR A 139 -47.01 -19.89 12.95
N GLY A 140 -47.08 -18.77 13.66
CA GLY A 140 -47.98 -17.69 13.33
C GLY A 140 -48.32 -16.94 14.61
N THR A 141 -47.80 -17.45 15.72
CA THR A 141 -47.99 -16.86 17.03
C THR A 141 -47.17 -15.58 17.17
N ASN A 142 -47.71 -14.61 17.88
CA ASN A 142 -46.96 -13.39 18.20
C ASN A 142 -45.75 -13.70 19.05
N SER A 143 -44.60 -13.12 18.69
CA SER A 143 -43.37 -13.38 19.41
C SER A 143 -42.46 -12.15 19.42
N PHE A 144 -41.18 -12.37 19.68
CA PHE A 144 -40.20 -11.29 19.73
C PHE A 144 -38.81 -11.85 19.46
N TYR A 145 -37.83 -10.96 19.37
CA TYR A 145 -36.44 -11.34 19.15
C TYR A 145 -35.98 -12.35 20.18
N ARG A 146 -35.32 -13.41 19.73
CA ARG A 146 -34.83 -14.45 20.63
C ARG A 146 -33.84 -13.90 21.64
N ASN A 147 -33.02 -12.95 21.23
CA ASN A 147 -31.91 -12.48 22.04
C ASN A 147 -32.30 -11.37 23.01
N LEU A 148 -33.49 -10.80 22.82
CA LEU A 148 -33.97 -9.74 23.69
C LEU A 148 -35.32 -10.10 24.30
N VAL A 149 -35.63 -9.52 25.45
CA VAL A 149 -36.95 -9.70 26.05
C VAL A 149 -37.62 -8.35 26.28
N TRP A 150 -38.80 -8.18 25.70
CA TRP A 150 -39.54 -6.93 25.78
C TRP A 150 -40.31 -6.86 27.09
N PHE A 151 -39.69 -6.29 28.12
CA PHE A 151 -40.32 -6.17 29.43
C PHE A 151 -41.41 -5.10 29.46
N ILE A 152 -42.55 -5.45 30.06
CA ILE A 152 -43.65 -4.51 30.22
C ILE A 152 -44.25 -4.58 31.63
N LYS A 153 -45.22 -3.72 31.89
CA LYS A 153 -45.82 -3.62 33.23
C LYS A 153 -46.56 -4.89 33.64
N LYS A 154 -46.39 -5.27 34.90
CA LYS A 154 -47.09 -6.43 35.45
C LYS A 154 -47.92 -5.98 36.65
N ASN A 155 -49.23 -6.15 36.54
CA ASN A 155 -50.15 -5.70 37.59
C ASN A 155 -50.09 -4.19 37.80
N ASN A 156 -50.14 -3.46 36.68
CA ASN A 156 -50.21 -2.00 36.69
C ASN A 156 -49.00 -1.31 37.33
N ARG A 157 -47.90 -2.05 37.45
CA ARG A 157 -46.69 -1.49 38.06
C ARG A 157 -45.42 -1.99 37.36
N TYR A 158 -44.51 -1.07 37.08
CA TYR A 158 -43.23 -1.41 36.49
C TYR A 158 -42.12 -1.02 37.47
N PRO A 159 -41.57 -2.01 38.18
CA PRO A 159 -40.53 -1.77 39.19
C PRO A 159 -39.18 -1.49 38.55
N VAL A 160 -38.29 -0.86 39.31
CA VAL A 160 -36.92 -0.63 38.86
C VAL A 160 -36.13 -1.94 38.85
N ILE A 161 -36.03 -2.55 37.67
CA ILE A 161 -35.31 -3.81 37.51
C ILE A 161 -33.83 -3.57 37.23
N SER A 162 -32.98 -4.45 37.75
CA SER A 162 -31.54 -4.29 37.64
C SER A 162 -30.80 -5.62 37.76
N LYS A 163 -30.22 -6.07 36.66
CA LYS A 163 -29.34 -7.23 36.68
C LYS A 163 -27.99 -6.88 36.07
N THR A 164 -27.00 -7.72 36.31
CA THR A 164 -25.67 -7.49 35.78
C THR A 164 -25.04 -8.78 35.28
N TYR A 165 -24.16 -8.66 34.29
CA TYR A 165 -23.52 -9.82 33.71
C TYR A 165 -22.02 -9.82 33.98
N ASN A 166 -21.49 -11.00 34.28
CA ASN A 166 -20.07 -11.16 34.56
C ASN A 166 -19.42 -12.00 33.49
N ASN A 167 -18.50 -11.40 32.73
CA ASN A 167 -17.80 -12.17 31.70
C ASN A 167 -16.79 -13.11 32.31
N THR A 168 -17.21 -14.36 32.49
CA THR A 168 -16.37 -15.38 33.11
C THR A 168 -15.89 -16.39 32.07
N THR A 169 -16.27 -16.19 30.83
CA THR A 169 -15.98 -17.14 29.75
C THR A 169 -14.51 -17.20 29.37
N GLY A 170 -13.76 -16.15 29.69
CA GLY A 170 -12.36 -16.08 29.31
C GLY A 170 -12.16 -15.62 27.88
N ARG A 171 -13.27 -15.38 27.19
CA ARG A 171 -13.26 -14.86 25.83
C ARG A 171 -14.17 -13.65 25.73
N ASP A 172 -14.13 -12.97 24.58
CA ASP A 172 -14.98 -11.81 24.35
C ASP A 172 -16.44 -12.22 24.19
N VAL A 173 -17.33 -11.41 24.73
CA VAL A 173 -18.75 -11.72 24.69
C VAL A 173 -19.55 -10.54 24.16
N LEU A 174 -20.32 -10.79 23.10
CA LEU A 174 -21.18 -9.77 22.54
C LEU A 174 -22.51 -9.69 23.29
N VAL A 175 -22.82 -8.51 23.80
CA VAL A 175 -24.09 -8.29 24.48
C VAL A 175 -24.98 -7.37 23.65
N LEU A 176 -26.26 -7.71 23.57
CA LEU A 176 -27.24 -6.87 22.87
C LEU A 176 -28.35 -6.42 23.80
N TRP A 177 -28.67 -5.13 23.74
CA TRP A 177 -29.85 -4.62 24.42
C TRP A 177 -30.55 -3.60 23.53
N GLY A 178 -31.71 -3.14 23.97
CA GLY A 178 -32.49 -2.24 23.14
C GLY A 178 -33.32 -1.24 23.91
N ILE A 179 -33.76 -0.20 23.22
CA ILE A 179 -34.62 0.81 23.80
C ILE A 179 -35.84 1.00 22.90
N HIS A 180 -37.03 0.87 23.47
CA HIS A 180 -38.25 1.08 22.71
C HIS A 180 -38.78 2.49 22.90
N HIS A 181 -38.98 3.19 21.78
CA HIS A 181 -39.53 4.54 21.79
C HIS A 181 -40.97 4.49 21.30
N PRO A 182 -41.94 4.61 22.24
CA PRO A 182 -43.36 4.53 21.92
C PRO A 182 -43.84 5.68 21.04
N VAL A 183 -45.06 5.56 20.53
CA VAL A 183 -45.63 6.58 19.63
C VAL A 183 -46.00 7.87 20.36
N SER A 184 -46.23 7.76 21.67
CA SER A 184 -46.66 8.92 22.45
C SER A 184 -46.50 8.65 23.94
N VAL A 185 -46.52 9.72 24.74
CA VAL A 185 -46.41 9.57 26.19
C VAL A 185 -47.56 8.72 26.72
N ASP A 186 -48.61 8.62 25.92
CA ASP A 186 -49.79 7.82 26.27
C ASP A 186 -49.47 6.34 26.19
N GLU A 187 -48.75 5.93 25.16
CA GLU A 187 -48.40 4.53 24.97
C GLU A 187 -47.34 4.08 25.95
N THR A 188 -46.39 4.95 26.27
CA THR A 188 -45.38 4.61 27.27
C THR A 188 -46.03 4.45 28.64
N LYS A 189 -47.12 5.18 28.87
CA LYS A 189 -47.87 5.04 30.11
C LYS A 189 -48.62 3.72 30.13
N THR A 190 -49.20 3.36 28.99
CA THR A 190 -49.92 2.10 28.85
C THR A 190 -48.99 0.91 29.01
N LEU A 191 -47.78 1.04 28.48
CA LEU A 191 -46.83 -0.07 28.45
C LEU A 191 -45.92 -0.15 29.67
N TYR A 192 -45.53 0.99 30.21
CA TYR A 192 -44.59 0.99 31.31
C TYR A 192 -45.02 1.80 32.52
N VAL A 193 -46.21 2.34 32.48
CA VAL A 193 -46.71 3.06 33.61
C VAL A 193 -45.93 4.32 33.82
N ASN A 194 -44.70 4.19 34.30
CA ASN A 194 -43.85 5.32 34.63
C ASN A 194 -43.77 6.35 33.52
N SER A 195 -43.86 7.62 33.89
CA SER A 195 -43.67 8.72 32.94
C SER A 195 -42.17 8.98 32.81
N ASP A 196 -41.73 9.23 31.59
CA ASP A 196 -40.32 9.56 31.35
C ASP A 196 -39.40 8.48 31.91
N PRO A 197 -39.58 7.22 31.49
CA PRO A 197 -38.72 6.13 31.94
C PRO A 197 -37.27 6.29 31.46
N TYR A 198 -36.38 5.47 32.00
CA TYR A 198 -34.97 5.53 31.65
C TYR A 198 -34.36 4.14 31.72
N THR A 199 -33.25 3.95 30.99
CA THR A 199 -32.44 2.76 31.13
C THR A 199 -31.00 3.19 31.31
N LEU A 200 -30.33 2.61 32.30
CA LEU A 200 -28.93 2.95 32.58
C LEU A 200 -28.07 1.71 32.35
N VAL A 201 -27.17 1.80 31.39
CA VAL A 201 -26.25 0.69 31.10
C VAL A 201 -24.82 1.12 31.41
N SER A 202 -24.12 0.31 32.19
CA SER A 202 -22.77 0.68 32.60
C SER A 202 -21.81 -0.49 32.71
N THR A 203 -20.55 -0.18 32.45
CA THR A 203 -19.44 -1.07 32.75
C THR A 203 -18.53 -0.24 33.65
N LYS A 204 -17.31 -0.72 33.87
CA LYS A 204 -16.38 0.04 34.70
C LYS A 204 -15.53 0.98 33.87
N SER A 205 -15.87 1.09 32.59
CA SER A 205 -15.11 1.93 31.67
C SER A 205 -15.99 2.98 31.00
N TRP A 206 -17.27 2.66 30.83
CA TRP A 206 -18.22 3.59 30.24
C TRP A 206 -19.60 3.45 30.86
N SER A 207 -20.48 4.40 30.58
CA SER A 207 -21.82 4.41 31.14
C SER A 207 -22.77 5.25 30.28
N GLU A 208 -23.85 4.63 29.83
CA GLU A 208 -24.83 5.32 29.00
C GLU A 208 -26.20 5.38 29.67
N LYS A 209 -26.86 6.52 29.59
CA LYS A 209 -28.22 6.65 30.08
C LYS A 209 -29.18 6.94 28.94
N TYR A 210 -30.19 6.09 28.79
CA TYR A 210 -31.13 6.20 27.68
C TYR A 210 -32.49 6.71 28.13
N LYS A 211 -33.01 7.70 27.42
CA LYS A 211 -34.37 8.17 27.65
C LYS A 211 -35.22 7.92 26.41
N LEU A 212 -36.54 7.97 26.57
CA LEU A 212 -37.44 7.65 25.47
C LEU A 212 -37.70 8.85 24.57
N GLU A 213 -37.73 8.59 23.26
CA GLU A 213 -37.97 9.62 22.26
C GLU A 213 -39.29 9.35 21.55
N THR A 214 -40.39 9.78 22.16
CA THR A 214 -41.72 9.46 21.66
C THR A 214 -42.05 10.17 20.36
N GLY A 215 -42.88 9.53 19.55
CA GLY A 215 -43.28 10.07 18.26
C GLY A 215 -43.72 8.98 17.31
N VAL A 216 -44.47 9.37 16.28
CA VAL A 216 -44.92 8.41 15.28
C VAL A 216 -43.95 8.31 14.11
N ARG A 217 -43.40 7.13 13.89
CA ARG A 217 -42.54 6.88 12.76
C ARG A 217 -43.31 6.27 11.60
N PRO A 218 -42.88 6.53 10.37
CA PRO A 218 -43.50 5.90 9.21
C PRO A 218 -42.97 4.48 9.04
N GLY A 219 -43.21 3.65 10.04
CA GLY A 219 -42.58 2.34 10.12
C GLY A 219 -43.03 1.32 9.08
N TYR A 220 -43.03 0.07 9.49
CA TYR A 220 -43.33 -1.02 8.61
C TYR A 220 -44.03 -2.07 9.41
N ASN A 221 -44.69 -2.98 8.71
CA ASN A 221 -45.57 -3.88 9.37
C ASN A 221 -46.47 -3.05 10.27
N GLY A 222 -47.41 -3.66 10.94
CA GLY A 222 -48.32 -2.87 11.74
C GLY A 222 -47.85 -1.59 12.40
N GLN A 223 -46.64 -1.58 12.94
CA GLN A 223 -46.27 -0.73 14.05
C GLN A 223 -45.81 0.64 13.60
N ARG A 224 -45.79 1.57 14.54
CA ARG A 224 -45.49 2.95 14.22
C ARG A 224 -44.53 3.58 15.23
N SER A 225 -44.06 2.79 16.18
CA SER A 225 -43.06 3.25 17.12
C SER A 225 -41.67 2.91 16.62
N TRP A 226 -40.66 3.08 17.48
CA TRP A 226 -39.29 2.86 17.05
C TRP A 226 -38.43 2.18 18.10
N MET A 227 -37.64 1.20 17.66
CA MET A 227 -36.69 0.51 18.53
C MET A 227 -35.26 0.79 18.11
N LYS A 228 -34.40 1.05 19.10
CA LYS A 228 -32.98 1.21 18.86
C LYS A 228 -32.19 0.15 19.61
N ILE A 229 -31.56 -0.75 18.86
CA ILE A 229 -30.81 -1.84 19.45
C ILE A 229 -29.33 -1.51 19.52
N TYR A 230 -28.73 -1.70 20.69
CA TYR A 230 -27.32 -1.42 20.89
C TYR A 230 -26.55 -2.70 21.18
N TRP A 231 -25.23 -2.63 21.12
CA TRP A 231 -24.40 -3.77 21.43
C TRP A 231 -23.07 -3.32 22.02
N SER A 232 -22.38 -4.26 22.65
CA SER A 232 -21.07 -3.99 23.21
C SER A 232 -20.33 -5.29 23.42
N LEU A 233 -19.03 -5.25 23.23
CA LEU A 233 -18.19 -6.42 23.48
C LEU A 233 -17.64 -6.36 24.89
N ILE A 234 -18.06 -7.31 25.71
CA ILE A 234 -17.55 -7.41 27.07
C ILE A 234 -16.31 -8.29 27.07
N HIS A 235 -15.21 -7.74 27.59
CA HIS A 235 -13.95 -8.47 27.61
C HIS A 235 -13.87 -9.38 28.82
N PRO A 236 -13.03 -10.43 28.74
CA PRO A 236 -12.88 -11.36 29.86
C PRO A 236 -12.58 -10.64 31.16
N GLY A 237 -13.42 -10.85 32.17
CA GLY A 237 -13.21 -10.25 33.48
C GLY A 237 -13.95 -8.95 33.66
N GLU A 238 -14.70 -8.54 32.64
CA GLU A 238 -15.48 -7.32 32.69
C GLU A 238 -16.95 -7.62 32.96
N MET A 239 -17.68 -6.62 33.44
CA MET A 239 -19.07 -6.79 33.77
C MET A 239 -19.92 -5.59 33.35
N ILE A 240 -21.13 -5.87 32.91
CA ILE A 240 -22.05 -4.84 32.45
C ILE A 240 -23.39 -4.91 33.17
N THR A 241 -23.81 -3.79 33.77
CA THR A 241 -25.06 -3.77 34.53
C THR A 241 -26.15 -2.99 33.81
N PHE A 242 -27.36 -3.52 33.84
CA PHE A 242 -28.52 -2.87 33.25
C PHE A 242 -29.52 -2.47 34.31
N GLU A 243 -29.93 -1.21 34.32
CA GLU A 243 -30.96 -0.74 35.24
C GLU A 243 -32.02 0.04 34.47
N SER A 244 -33.28 -0.31 34.69
CA SER A 244 -34.37 0.32 33.94
C SER A 244 -35.69 0.32 34.67
N ASN A 245 -36.56 1.27 34.30
CA ASN A 245 -37.93 1.29 34.80
C ASN A 245 -38.92 1.46 33.65
N GLY A 246 -38.54 1.01 32.47
CA GLY A 246 -39.42 1.05 31.32
C GLY A 246 -38.72 1.25 29.98
N GLY A 247 -39.41 0.86 28.91
CA GLY A 247 -38.92 1.05 27.55
C GLY A 247 -37.60 0.35 27.26
N PHE A 248 -37.41 -0.82 27.86
CA PHE A 248 -36.12 -1.49 27.81
C PHE A 248 -36.21 -2.91 27.24
N LEU A 249 -35.45 -3.17 26.19
CA LEU A 249 -35.35 -4.50 25.62
C LEU A 249 -34.15 -5.20 26.22
N ALA A 250 -34.40 -6.09 27.17
CA ALA A 250 -33.33 -6.68 27.97
C ALA A 250 -32.55 -7.76 27.23
N PRO A 251 -31.25 -7.86 27.54
CA PRO A 251 -30.38 -8.90 26.99
C PRO A 251 -30.70 -10.28 27.56
N ARG A 252 -30.96 -11.24 26.68
CA ARG A 252 -31.13 -12.62 27.09
C ARG A 252 -29.95 -13.47 26.61
N TYR A 253 -29.82 -13.59 25.30
CA TYR A 253 -28.71 -14.34 24.72
C TYR A 253 -27.61 -13.42 24.19
N GLY A 254 -26.36 -13.81 24.46
CA GLY A 254 -25.22 -13.12 23.91
C GLY A 254 -24.37 -14.12 23.14
N TYR A 255 -23.21 -13.68 22.66
CA TYR A 255 -22.35 -14.57 21.89
C TYR A 255 -20.93 -14.60 22.44
N ILE A 256 -20.38 -15.79 22.61
CA ILE A 256 -19.00 -15.95 23.00
C ILE A 256 -18.15 -16.12 21.74
N ILE A 257 -17.21 -15.21 21.53
CA ILE A 257 -16.47 -15.19 20.27
C ILE A 257 -14.95 -15.11 20.44
N GLU A 258 -14.24 -15.80 19.56
CA GLU A 258 -12.78 -15.81 19.57
C GLU A 258 -12.26 -15.87 18.14
N GLU A 259 -11.17 -15.15 17.87
CA GLU A 259 -10.63 -15.05 16.52
C GLU A 259 -11.73 -14.66 15.53
N TYR A 260 -12.11 -13.39 15.54
CA TYR A 260 -13.20 -12.90 14.71
C TYR A 260 -12.74 -11.77 13.78
N GLY A 261 -13.65 -11.33 12.91
CA GLY A 261 -13.32 -10.35 11.89
C GLY A 261 -12.46 -10.96 10.81
N LYS A 262 -12.48 -12.29 10.73
CA LYS A 262 -11.60 -13.03 9.82
C LYS A 262 -12.30 -13.41 8.53
N GLY A 263 -13.49 -12.87 8.30
CA GLY A 263 -14.31 -13.33 7.20
C GLY A 263 -14.68 -12.29 6.17
N ARG A 264 -15.88 -12.45 5.63
CA ARG A 264 -16.38 -11.58 4.58
C ARG A 264 -17.87 -11.86 4.50
N ILE A 265 -18.64 -10.83 4.14
CA ILE A 265 -20.06 -11.04 3.92
C ILE A 265 -20.36 -10.94 2.44
N PHE A 266 -20.34 -12.08 1.77
CA PHE A 266 -20.63 -12.14 0.34
C PHE A 266 -22.13 -12.01 0.08
N GLN A 267 -22.48 -11.26 -0.95
CA GLN A 267 -23.88 -11.06 -1.29
C GLN A 267 -24.14 -11.52 -2.72
N SER A 268 -23.26 -12.39 -3.21
CA SER A 268 -23.37 -12.86 -4.57
C SER A 268 -24.43 -13.95 -4.68
N ARG A 269 -25.23 -13.88 -5.73
CA ARG A 269 -26.30 -14.85 -5.96
C ARG A 269 -25.80 -16.08 -6.72
N ILE A 270 -24.81 -16.76 -6.14
CA ILE A 270 -24.34 -18.01 -6.69
C ILE A 270 -24.64 -19.12 -5.71
N ARG A 271 -24.53 -20.36 -6.18
CA ARG A 271 -24.96 -21.50 -5.39
C ARG A 271 -23.92 -22.02 -4.40
N MET A 272 -24.39 -22.61 -3.33
CA MET A 272 -23.52 -23.22 -2.34
C MET A 272 -23.20 -24.64 -2.78
N SER A 273 -22.18 -25.26 -2.23
CA SER A 273 -21.76 -26.57 -2.73
C SER A 273 -20.90 -27.37 -1.76
N ARG A 274 -20.63 -28.63 -2.11
CA ARG A 274 -19.90 -29.54 -1.24
C ARG A 274 -18.38 -29.42 -1.38
N CYS A 275 -17.94 -28.59 -2.32
CA CYS A 275 -16.51 -28.44 -2.57
C CYS A 275 -15.80 -27.79 -1.39
N ASN A 276 -14.48 -27.81 -1.42
CA ASN A 276 -13.67 -27.13 -0.41
C ASN A 276 -12.43 -26.51 -1.06
N THR A 277 -12.24 -25.21 -0.86
CA THR A 277 -11.09 -24.51 -1.43
C THR A 277 -10.33 -23.75 -0.36
N LYS A 278 -9.16 -23.21 -0.73
CA LYS A 278 -8.39 -22.40 0.19
C LYS A 278 -8.63 -20.91 -0.07
N CYS A 279 -9.36 -20.61 -1.14
CA CYS A 279 -9.67 -19.24 -1.53
C CYS A 279 -11.08 -19.10 -2.07
N GLN A 280 -11.89 -18.27 -1.43
CA GLN A 280 -13.25 -18.03 -1.90
C GLN A 280 -13.39 -16.62 -2.45
N THR A 281 -14.03 -16.49 -3.61
CA THR A 281 -14.31 -15.19 -4.19
C THR A 281 -15.80 -15.00 -4.30
N SER A 282 -16.24 -13.78 -4.61
CA SER A 282 -17.66 -13.51 -4.76
C SER A 282 -18.19 -14.14 -6.04
N VAL A 283 -17.34 -14.92 -6.70
CA VAL A 283 -17.69 -15.46 -8.00
C VAL A 283 -17.51 -16.98 -8.03
N GLY A 284 -16.72 -17.50 -7.10
CA GLY A 284 -16.52 -18.94 -7.01
C GLY A 284 -15.28 -19.27 -6.21
N GLY A 285 -15.09 -20.55 -5.93
CA GLY A 285 -13.95 -21.01 -5.17
C GLY A 285 -12.73 -21.20 -6.05
N ILE A 286 -11.55 -21.01 -5.48
CA ILE A 286 -10.32 -21.14 -6.23
C ILE A 286 -9.36 -22.12 -5.56
N ASN A 287 -9.02 -23.19 -6.28
CA ASN A 287 -8.02 -24.12 -5.78
C ASN A 287 -6.87 -24.26 -6.77
N THR A 288 -5.73 -23.68 -6.41
CA THR A 288 -4.59 -23.61 -7.32
C THR A 288 -3.29 -23.42 -6.54
N ASN A 289 -2.18 -23.78 -7.16
CA ASN A 289 -0.87 -23.54 -6.57
C ASN A 289 -0.25 -22.26 -7.16
N ARG A 290 -0.92 -21.69 -8.15
CA ARG A 290 -0.48 -20.45 -8.75
C ARG A 290 -0.66 -19.30 -7.76
N THR A 291 0.17 -18.26 -7.91
CA THR A 291 0.18 -17.17 -6.95
C THR A 291 -0.50 -15.90 -7.46
N PHE A 292 -1.07 -15.96 -8.67
CA PHE A 292 -1.83 -14.83 -9.18
C PHE A 292 -3.19 -15.28 -9.69
N GLN A 293 -4.11 -14.33 -9.83
CA GLN A 293 -5.45 -14.62 -10.29
C GLN A 293 -6.11 -13.35 -10.81
N ASN A 294 -6.90 -13.47 -11.89
CA ASN A 294 -7.56 -12.30 -12.48
C ASN A 294 -9.08 -12.47 -12.56
N ILE A 295 -9.62 -13.28 -11.66
CA ILE A 295 -11.03 -13.64 -11.68
C ILE A 295 -11.92 -12.64 -10.95
N ASP A 296 -11.49 -12.22 -9.76
CA ASP A 296 -12.31 -11.37 -8.91
C ASP A 296 -11.47 -10.71 -7.83
N LYS A 297 -11.61 -9.41 -7.66
CA LYS A 297 -10.88 -8.73 -6.61
C LYS A 297 -11.44 -8.96 -5.24
N ASN A 298 -12.67 -9.40 -5.17
CA ASN A 298 -13.27 -9.75 -3.87
C ASN A 298 -12.97 -11.20 -3.51
N ALA A 299 -11.92 -11.40 -2.72
CA ALA A 299 -11.45 -12.75 -2.41
C ALA A 299 -11.05 -12.87 -0.95
N LEU A 300 -11.16 -14.08 -0.41
CA LEU A 300 -10.91 -14.31 1.01
C LEU A 300 -10.14 -15.61 1.24
N GLY A 301 -9.19 -15.59 2.15
CA GLY A 301 -8.46 -16.79 2.52
C GLY A 301 -7.03 -16.82 2.02
N ASP A 302 -6.51 -18.04 1.86
CA ASP A 302 -5.16 -18.24 1.34
C ASP A 302 -5.19 -18.14 -0.19
N CYS A 303 -5.31 -16.90 -0.68
CA CYS A 303 -5.57 -16.64 -2.08
C CYS A 303 -4.32 -16.24 -2.85
N PRO A 304 -4.33 -16.49 -4.16
CA PRO A 304 -3.36 -15.86 -5.07
C PRO A 304 -3.70 -14.37 -5.12
N LYS A 305 -2.71 -13.52 -5.38
CA LYS A 305 -2.96 -12.08 -5.47
C LYS A 305 -3.80 -11.79 -6.71
N TYR A 306 -4.84 -10.99 -6.56
CA TYR A 306 -5.60 -10.55 -7.71
C TYR A 306 -4.80 -9.47 -8.43
N ILE A 307 -4.72 -9.58 -9.76
CA ILE A 307 -4.03 -8.58 -10.56
C ILE A 307 -4.82 -8.27 -11.82
N LYS A 308 -4.69 -7.04 -12.31
CA LYS A 308 -5.41 -6.60 -13.49
C LYS A 308 -4.57 -6.89 -14.73
N SER A 309 -4.75 -8.09 -15.28
CA SER A 309 -3.89 -8.55 -16.36
C SER A 309 -4.50 -9.72 -17.10
N GLY A 310 -4.19 -9.82 -18.39
CA GLY A 310 -4.50 -11.02 -19.15
C GLY A 310 -3.52 -12.09 -18.71
N GLN A 311 -3.68 -13.30 -19.24
CA GLN A 311 -2.79 -14.40 -18.89
C GLN A 311 -1.32 -14.03 -19.13
N LEU A 312 -0.46 -14.47 -18.22
CA LEU A 312 0.97 -14.21 -18.34
C LEU A 312 1.73 -15.52 -18.50
N LYS A 313 2.35 -15.71 -19.66
CA LYS A 313 3.06 -16.95 -19.95
C LYS A 313 4.55 -16.81 -19.65
N LEU A 314 5.05 -17.67 -18.78
CA LEU A 314 6.47 -17.73 -18.43
C LEU A 314 7.14 -18.74 -19.35
N ALA A 315 8.18 -18.31 -20.06
CA ALA A 315 8.91 -19.20 -20.94
C ALA A 315 9.72 -20.19 -20.13
N THR A 316 9.69 -21.46 -20.54
CA THR A 316 10.51 -22.48 -19.92
C THR A 316 11.49 -23.05 -20.92
N GLY A 317 11.02 -23.23 -22.16
CA GLY A 317 11.85 -23.75 -23.22
C GLY A 317 12.70 -22.67 -23.86
N LEU A 318 13.16 -22.93 -25.07
CA LEU A 318 13.97 -21.96 -25.80
C LEU A 318 13.19 -21.40 -26.97
N ARG A 319 13.77 -20.45 -27.66
CA ARG A 319 13.15 -19.95 -28.83
C ARG A 319 12.88 -21.07 -29.82
N ASN A 320 11.69 -21.10 -30.39
CA ASN A 320 11.33 -22.12 -31.36
C ASN A 320 11.62 -21.65 -32.79
N VAL A 321 12.82 -21.95 -33.26
CA VAL A 321 13.23 -21.55 -34.61
C VAL A 321 13.25 -22.77 -35.52
N PRO A 322 12.44 -22.74 -36.59
CA PRO A 322 12.23 -23.86 -37.53
C PRO A 322 13.53 -24.48 -38.06
N ALA A 323 13.44 -25.75 -38.45
CA ALA A 323 14.59 -26.50 -38.94
C ALA A 323 15.10 -26.00 -40.30
N ILE A 324 16.42 -25.94 -40.44
CA ILE A 324 17.07 -25.49 -41.65
C ILE A 324 16.53 -26.20 -42.88
N LEU B 1 22.33 -11.23 -25.67
CA LEU B 1 22.28 -12.27 -26.70
C LEU B 1 23.68 -12.76 -27.08
N PHE B 2 23.77 -14.06 -27.35
CA PHE B 2 25.06 -14.71 -27.53
C PHE B 2 25.28 -15.24 -28.95
N GLY B 3 24.33 -14.92 -29.83
CA GLY B 3 24.51 -15.12 -31.26
C GLY B 3 24.47 -16.56 -31.75
N ALA B 4 24.09 -17.48 -30.87
CA ALA B 4 24.03 -18.89 -31.23
C ALA B 4 22.65 -19.28 -31.77
N ILE B 5 21.66 -19.33 -30.89
CA ILE B 5 20.30 -19.67 -31.29
C ILE B 5 19.73 -18.62 -32.23
N ALA B 6 19.22 -19.07 -33.38
CA ALA B 6 18.74 -18.16 -34.42
C ALA B 6 19.88 -17.24 -34.86
N GLY B 7 21.10 -17.66 -34.56
CA GLY B 7 22.29 -16.92 -34.91
C GLY B 7 23.10 -17.70 -35.93
N PHE B 8 24.33 -18.06 -35.59
CA PHE B 8 25.17 -18.77 -36.54
C PHE B 8 24.73 -20.22 -36.72
N ILE B 9 24.03 -20.75 -35.72
CA ILE B 9 23.32 -22.01 -35.87
C ILE B 9 21.88 -21.64 -36.19
N GLU B 10 21.52 -21.66 -37.44
CA GLU B 10 20.31 -21.04 -37.85
C GLU B 10 19.02 -21.80 -37.70
N GLY B 11 19.04 -22.98 -37.13
CA GLY B 11 17.80 -23.68 -36.96
C GLY B 11 17.77 -24.74 -35.91
N GLY B 12 16.57 -25.00 -35.45
CA GLY B 12 16.36 -26.02 -34.47
C GLY B 12 16.39 -27.37 -35.12
N TRP B 13 16.32 -28.40 -34.31
CA TRP B 13 16.25 -29.74 -34.80
C TRP B 13 14.99 -30.38 -34.31
N PRO B 14 14.01 -30.57 -35.18
CA PRO B 14 12.88 -31.42 -34.77
C PRO B 14 13.43 -32.81 -34.57
N GLY B 15 12.78 -33.63 -33.75
CA GLY B 15 13.25 -34.98 -33.55
C GLY B 15 14.54 -35.03 -32.73
N LEU B 16 14.77 -33.99 -31.95
CA LEU B 16 15.78 -34.05 -30.90
C LEU B 16 15.05 -34.50 -29.64
N ILE B 17 15.23 -35.76 -29.27
CA ILE B 17 14.43 -36.38 -28.22
C ILE B 17 15.03 -36.25 -26.81
N ASN B 18 14.17 -35.96 -25.85
CA ASN B 18 14.57 -35.86 -24.44
C ASN B 18 15.73 -34.91 -24.16
N GLY B 19 15.70 -33.73 -24.80
CA GLY B 19 16.75 -32.76 -24.60
C GLY B 19 16.51 -31.46 -25.30
N TRP B 20 17.17 -30.41 -24.80
CA TRP B 20 17.10 -29.09 -25.42
C TRP B 20 18.29 -28.88 -26.35
N TYR B 21 19.47 -29.27 -25.92
CA TYR B 21 20.67 -29.18 -26.74
C TYR B 21 21.23 -30.57 -27.03
N GLY B 22 22.01 -30.69 -28.10
CA GLY B 22 22.58 -31.98 -28.45
C GLY B 22 23.50 -31.97 -29.64
N PHE B 23 23.78 -33.17 -30.15
CA PHE B 23 24.70 -33.34 -31.28
C PHE B 23 24.07 -34.11 -32.43
N GLN B 24 24.54 -33.82 -33.63
CA GLN B 24 24.17 -34.59 -34.82
C GLN B 24 25.45 -34.99 -35.55
N HIS B 25 25.70 -36.28 -35.65
CA HIS B 25 26.93 -36.76 -36.29
C HIS B 25 26.67 -37.48 -37.60
N GLN B 26 27.73 -37.61 -38.40
CA GLN B 26 27.68 -38.45 -39.58
C GLN B 26 29.06 -38.97 -39.96
N ASN B 27 29.29 -40.25 -39.69
CA ASN B 27 30.49 -40.94 -40.17
C ASN B 27 30.11 -41.96 -41.23
N GLU B 28 31.07 -42.77 -41.67
CA GLU B 28 30.81 -43.74 -42.71
C GLU B 28 29.63 -44.66 -42.38
N GLN B 29 29.31 -44.77 -41.08
CA GLN B 29 28.38 -45.78 -40.62
C GLN B 29 27.11 -45.25 -39.93
N GLY B 30 26.56 -44.14 -40.41
CA GLY B 30 25.24 -43.72 -39.97
C GLY B 30 25.05 -42.36 -39.32
N THR B 31 23.85 -42.14 -38.81
CA THR B 31 23.43 -40.88 -38.21
C THR B 31 22.29 -41.19 -37.24
N GLY B 32 22.25 -40.52 -36.09
CA GLY B 32 23.23 -39.52 -35.71
C GLY B 32 22.60 -38.31 -35.04
N ILE B 33 21.83 -38.53 -33.98
CA ILE B 33 21.26 -37.46 -33.17
C ILE B 33 21.08 -37.89 -31.72
N ALA B 34 21.67 -37.13 -30.80
CA ALA B 34 21.59 -37.43 -29.38
C ALA B 34 21.59 -36.16 -28.54
N ALA B 35 20.78 -36.14 -27.48
CA ALA B 35 20.76 -35.00 -26.58
C ALA B 35 21.99 -35.01 -25.67
N ASP B 36 22.42 -33.82 -25.25
CA ASP B 36 23.51 -33.72 -24.29
C ASP B 36 22.93 -33.64 -22.88
N LYS B 37 22.79 -34.80 -22.24
CA LYS B 37 22.14 -34.86 -20.92
C LYS B 37 22.77 -33.92 -19.91
N GLU B 38 24.09 -33.78 -19.95
CA GLU B 38 24.82 -32.90 -19.04
C GLU B 38 24.28 -31.47 -19.04
N SER B 39 24.41 -30.78 -20.16
CA SER B 39 24.01 -29.38 -20.26
C SER B 39 22.50 -29.20 -20.23
N THR B 40 21.77 -30.17 -20.79
CA THR B 40 20.31 -30.09 -20.79
C THR B 40 19.74 -30.16 -19.36
N GLN B 41 20.19 -31.15 -18.60
CA GLN B 41 19.73 -31.35 -17.23
C GLN B 41 20.07 -30.13 -16.36
N LYS B 42 21.27 -29.59 -16.57
CA LYS B 42 21.73 -28.42 -15.83
C LYS B 42 20.83 -27.20 -16.10
N ALA B 43 20.40 -27.07 -17.35
CA ALA B 43 19.51 -25.98 -17.75
C ALA B 43 18.11 -26.21 -17.17
N ILE B 44 17.68 -27.47 -17.16
CA ILE B 44 16.38 -27.81 -16.60
C ILE B 44 16.32 -27.52 -15.10
N ASP B 45 17.43 -27.75 -14.41
CA ASP B 45 17.50 -27.46 -12.97
C ASP B 45 17.44 -25.97 -12.71
N GLN B 46 18.00 -25.18 -13.63
CA GLN B 46 18.01 -23.73 -13.47
C GLN B 46 16.63 -23.14 -13.69
N ILE B 47 15.96 -23.59 -14.75
CA ILE B 47 14.61 -23.12 -15.06
C ILE B 47 13.67 -23.48 -13.94
N THR B 48 13.87 -24.67 -13.37
CA THR B 48 13.04 -25.15 -12.27
C THR B 48 13.24 -24.33 -11.01
N THR B 49 14.50 -24.05 -10.69
CA THR B 49 14.82 -23.21 -9.54
C THR B 49 14.26 -21.81 -9.73
N LYS B 50 14.35 -21.30 -10.94
CA LYS B 50 13.78 -20.02 -11.24
C LYS B 50 12.31 -19.97 -10.95
N ILE B 51 11.56 -20.85 -11.60
CA ILE B 51 10.11 -20.95 -11.42
C ILE B 51 9.72 -21.12 -9.96
N ASN B 52 10.40 -22.04 -9.27
CA ASN B 52 10.13 -22.27 -7.86
C ASN B 52 10.36 -21.02 -7.01
N ASN B 53 11.43 -20.29 -7.26
CA ASN B 53 11.71 -19.06 -6.52
C ASN B 53 10.62 -18.02 -6.74
N ILE B 54 10.30 -17.78 -8.01
CA ILE B 54 9.28 -16.79 -8.36
C ILE B 54 7.98 -17.05 -7.61
N ILE B 55 7.63 -18.32 -7.46
CA ILE B 55 6.35 -18.70 -6.86
C ILE B 55 6.43 -18.95 -5.35
N ASP B 56 7.46 -19.66 -4.90
CA ASP B 56 7.58 -20.00 -3.49
C ASP B 56 7.88 -18.79 -2.61
N LYS B 57 8.44 -17.74 -3.19
CA LYS B 57 8.79 -16.56 -2.42
C LYS B 57 7.58 -15.69 -2.11
N MET B 58 6.48 -15.95 -2.81
CA MET B 58 5.22 -15.25 -2.54
C MET B 58 4.43 -15.98 -1.47
N ASN B 59 4.81 -15.76 -0.22
CA ASN B 59 4.24 -16.49 0.90
C ASN B 59 3.56 -15.58 1.91
N GLY B 60 3.10 -14.42 1.45
CA GLY B 60 2.40 -13.50 2.31
C GLY B 60 0.89 -13.63 2.16
N ASN B 61 0.16 -12.64 2.66
CA ASN B 61 -1.29 -12.61 2.58
C ASN B 61 -1.77 -11.72 1.42
N TYR B 62 -2.49 -12.32 0.47
CA TYR B 62 -2.84 -11.61 -0.75
C TYR B 62 -4.34 -11.51 -1.06
N ASP B 63 -5.19 -11.90 -0.13
CA ASP B 63 -6.62 -11.66 -0.33
C ASP B 63 -6.94 -10.17 -0.20
N SER B 64 -8.19 -9.81 -0.48
CA SER B 64 -8.60 -8.41 -0.48
C SER B 64 -8.27 -7.65 0.80
N ILE B 65 -7.98 -6.37 0.63
CA ILE B 65 -7.99 -5.42 1.73
C ILE B 65 -9.36 -4.76 1.78
N ARG B 66 -10.27 -5.34 2.56
CA ARG B 66 -11.60 -4.77 2.69
C ARG B 66 -12.27 -5.14 4.00
N GLY B 67 -13.18 -4.29 4.44
CA GLY B 67 -13.95 -4.54 5.64
C GLY B 67 -15.44 -4.49 5.35
N GLU B 68 -16.24 -4.53 6.41
CA GLU B 68 -17.68 -4.39 6.25
C GLU B 68 -18.08 -2.99 6.69
N PHE B 69 -18.93 -2.35 5.88
CA PHE B 69 -19.39 -1.00 6.18
C PHE B 69 -20.87 -0.89 5.90
N ASN B 70 -21.57 -0.06 6.68
CA ASN B 70 -22.95 0.27 6.35
C ASN B 70 -22.97 1.43 5.35
N GLN B 71 -24.15 1.88 4.96
CA GLN B 71 -24.26 2.89 3.92
C GLN B 71 -24.02 4.31 4.43
N VAL B 72 -23.74 4.45 5.72
CA VAL B 72 -23.48 5.77 6.29
C VAL B 72 -21.98 6.07 6.39
N GLU B 73 -21.15 5.05 6.19
CA GLU B 73 -19.71 5.21 6.25
C GLU B 73 -19.06 4.99 4.87
N LYS B 74 -19.47 5.83 3.92
CA LYS B 74 -19.02 5.72 2.53
C LYS B 74 -17.56 6.11 2.35
N ARG B 75 -17.14 7.18 3.02
CA ARG B 75 -15.78 7.67 2.89
C ARG B 75 -14.75 6.62 3.28
N ILE B 76 -14.86 6.09 4.49
CA ILE B 76 -13.94 5.07 4.97
C ILE B 76 -14.01 3.85 4.06
N ASN B 77 -15.20 3.61 3.50
CA ASN B 77 -15.42 2.49 2.59
C ASN B 77 -14.69 2.71 1.27
N MET B 78 -14.68 3.96 0.82
CA MET B 78 -14.06 4.33 -0.45
C MET B 78 -12.53 4.35 -0.35
N LEU B 79 -12.02 4.76 0.81
CA LEU B 79 -10.58 4.71 1.05
C LEU B 79 -10.09 3.28 1.12
N ALA B 80 -10.85 2.42 1.78
CA ALA B 80 -10.48 1.02 1.89
C ALA B 80 -10.36 0.42 0.49
N ASP B 81 -11.34 0.71 -0.37
CA ASP B 81 -11.31 0.22 -1.74
C ASP B 81 -10.16 0.82 -2.55
N ARG B 82 -9.89 2.09 -2.34
CA ARG B 82 -8.81 2.75 -3.08
C ARG B 82 -7.45 2.16 -2.71
N ILE B 83 -7.29 1.82 -1.43
CA ILE B 83 -6.04 1.23 -0.97
C ILE B 83 -5.89 -0.17 -1.51
N ASP B 84 -6.95 -0.95 -1.45
CA ASP B 84 -6.94 -2.29 -2.01
C ASP B 84 -6.54 -2.21 -3.49
N ASP B 85 -7.13 -1.25 -4.20
CA ASP B 85 -6.84 -1.05 -5.61
C ASP B 85 -5.39 -0.67 -5.84
N ALA B 86 -4.85 0.20 -4.98
CA ALA B 86 -3.48 0.66 -5.12
C ALA B 86 -2.51 -0.49 -4.94
N VAL B 87 -2.75 -1.31 -3.92
CA VAL B 87 -1.92 -2.48 -3.68
C VAL B 87 -1.99 -3.42 -4.87
N THR B 88 -3.18 -3.55 -5.45
CA THR B 88 -3.38 -4.41 -6.61
C THR B 88 -2.64 -3.88 -7.84
N ASP B 89 -2.56 -2.55 -7.97
CA ASP B 89 -1.85 -1.93 -9.09
C ASP B 89 -0.36 -2.14 -9.00
N ILE B 90 0.17 -2.16 -7.77
CA ILE B 90 1.59 -2.43 -7.58
C ILE B 90 1.96 -3.85 -8.01
N TRP B 91 1.19 -4.83 -7.55
CA TRP B 91 1.43 -6.22 -7.92
C TRP B 91 1.22 -6.49 -9.41
N SER B 92 0.22 -5.83 -9.99
CA SER B 92 -0.08 -5.97 -11.41
C SER B 92 1.11 -5.59 -12.27
N TYR B 93 1.64 -4.40 -12.06
CA TYR B 93 2.80 -3.91 -12.82
C TYR B 93 4.03 -4.77 -12.60
N ASN B 94 4.30 -5.14 -11.36
CA ASN B 94 5.44 -6.00 -11.06
C ASN B 94 5.36 -7.37 -11.74
N ALA B 95 4.16 -7.94 -11.76
CA ALA B 95 3.95 -9.25 -12.37
C ALA B 95 4.20 -9.22 -13.87
N LYS B 96 3.62 -8.24 -14.54
CA LYS B 96 3.81 -8.07 -15.98
C LYS B 96 5.28 -7.85 -16.33
N LEU B 97 5.93 -6.97 -15.57
CA LEU B 97 7.34 -6.64 -15.82
C LEU B 97 8.28 -7.79 -15.47
N LEU B 98 8.01 -8.50 -14.39
CA LEU B 98 8.88 -9.59 -13.99
C LEU B 98 8.90 -10.68 -15.06
N VAL B 99 7.72 -11.02 -15.57
CA VAL B 99 7.59 -12.02 -16.62
C VAL B 99 8.30 -11.61 -17.91
N LEU B 100 8.15 -10.34 -18.28
CA LEU B 100 8.84 -9.82 -19.46
C LEU B 100 10.35 -9.89 -19.27
N LEU B 101 10.83 -9.44 -18.12
CA LEU B 101 12.26 -9.46 -17.81
C LEU B 101 12.79 -10.88 -17.76
N GLU B 102 12.00 -11.78 -17.18
CA GLU B 102 12.44 -13.15 -17.01
C GLU B 102 12.43 -13.95 -18.31
N ASN B 103 11.42 -13.72 -19.14
CA ASN B 103 11.39 -14.36 -20.46
C ASN B 103 12.61 -13.93 -21.25
N ASP B 104 12.94 -12.64 -21.17
CA ASP B 104 14.11 -12.09 -21.81
C ASP B 104 15.34 -12.89 -21.38
N LYS B 105 15.50 -13.07 -20.07
CA LYS B 105 16.67 -13.77 -19.55
C LYS B 105 16.69 -15.27 -19.81
N THR B 106 15.51 -15.87 -19.92
CA THR B 106 15.42 -17.32 -20.13
C THR B 106 15.89 -17.70 -21.53
N LEU B 107 15.37 -17.00 -22.54
CA LEU B 107 15.79 -17.22 -23.92
C LEU B 107 17.29 -17.00 -24.11
N ASP B 108 17.81 -15.92 -23.54
CA ASP B 108 19.24 -15.63 -23.62
C ASP B 108 20.09 -16.70 -22.92
N MET B 109 19.54 -17.27 -21.84
CA MET B 109 20.24 -18.31 -21.12
C MET B 109 20.44 -19.53 -22.02
N HIS B 110 19.38 -19.91 -22.71
CA HIS B 110 19.43 -21.03 -23.65
C HIS B 110 20.43 -20.73 -24.76
N ASP B 111 20.39 -19.51 -25.27
CA ASP B 111 21.33 -19.05 -26.29
C ASP B 111 22.75 -19.24 -25.77
N ALA B 112 23.01 -18.81 -24.55
CA ALA B 112 24.33 -18.94 -23.94
C ALA B 112 24.75 -20.39 -23.78
N ASN B 113 23.79 -21.25 -23.46
CA ASN B 113 24.06 -22.66 -23.22
C ASN B 113 24.51 -23.40 -24.47
N VAL B 114 23.82 -23.20 -25.59
CA VAL B 114 24.23 -23.88 -26.82
C VAL B 114 25.51 -23.27 -27.37
N LYS B 115 25.76 -22.00 -27.05
CA LYS B 115 26.99 -21.36 -27.49
C LYS B 115 28.18 -21.90 -26.68
N ASN B 116 27.97 -22.12 -25.40
CA ASN B 116 29.02 -22.69 -24.55
C ASN B 116 29.26 -24.16 -24.87
N LEU B 117 28.24 -24.82 -25.40
CA LEU B 117 28.37 -26.20 -25.82
C LEU B 117 29.19 -26.27 -27.12
N HIS B 118 28.87 -25.39 -28.06
CA HIS B 118 29.60 -25.28 -29.32
C HIS B 118 31.07 -24.96 -29.08
N GLU B 119 31.33 -24.01 -28.18
CA GLU B 119 32.70 -23.65 -27.86
C GLU B 119 33.44 -24.79 -27.18
N GLN B 120 32.70 -25.60 -26.43
CA GLN B 120 33.29 -26.73 -25.71
C GLN B 120 33.78 -27.78 -26.71
N VAL B 121 33.00 -28.03 -27.74
CA VAL B 121 33.39 -28.99 -28.77
C VAL B 121 34.56 -28.45 -29.58
N ARG B 122 34.53 -27.16 -29.88
CA ARG B 122 35.60 -26.52 -30.65
C ARG B 122 36.93 -26.61 -29.92
N ARG B 123 36.91 -26.48 -28.59
CA ARG B 123 38.13 -26.59 -27.80
C ARG B 123 38.66 -28.02 -27.75
N GLU B 124 37.76 -29.00 -27.76
CA GLU B 124 38.15 -30.40 -27.79
C GLU B 124 38.97 -30.73 -29.02
N LEU B 125 38.39 -30.43 -30.19
CA LEU B 125 38.96 -30.84 -31.47
C LEU B 125 40.25 -30.08 -31.77
N LYS B 126 40.26 -28.78 -31.50
CA LYS B 126 41.40 -27.93 -31.85
C LYS B 126 41.58 -28.12 -33.35
N ASP B 127 42.80 -28.47 -33.75
CA ASP B 127 43.19 -28.46 -35.16
C ASP B 127 42.73 -29.70 -35.90
N ASN B 128 42.06 -30.60 -35.19
CA ASN B 128 41.59 -31.84 -35.79
C ASN B 128 40.28 -31.68 -36.55
N ALA B 129 39.79 -30.44 -36.62
CA ALA B 129 38.53 -30.18 -37.31
C ALA B 129 38.47 -28.78 -37.89
N ILE B 130 37.63 -28.61 -38.91
CA ILE B 130 37.39 -27.31 -39.50
C ILE B 130 36.07 -26.78 -38.98
N ASP B 131 36.08 -25.56 -38.46
CA ASP B 131 34.85 -24.92 -38.00
C ASP B 131 34.10 -24.33 -39.18
N GLU B 132 32.93 -24.87 -39.48
CA GLU B 132 32.16 -24.44 -40.64
C GLU B 132 31.32 -23.18 -40.36
N GLY B 133 31.31 -22.73 -39.11
CA GLY B 133 30.63 -21.50 -38.75
C GLY B 133 29.12 -21.59 -38.83
N ASN B 134 28.57 -22.77 -38.59
CA ASN B 134 27.13 -22.96 -38.58
C ASN B 134 26.72 -24.06 -37.59
N GLY B 135 27.60 -24.37 -36.66
CA GLY B 135 27.33 -25.38 -35.66
C GLY B 135 27.96 -26.71 -35.98
N CYS B 136 28.48 -26.85 -37.20
CA CYS B 136 29.08 -28.10 -37.64
C CYS B 136 30.59 -28.09 -37.63
N PHE B 137 31.17 -29.26 -37.39
CA PHE B 137 32.62 -29.43 -37.43
C PHE B 137 32.98 -30.54 -38.41
N GLU B 138 33.85 -30.22 -39.36
CA GLU B 138 34.31 -31.21 -40.33
C GLU B 138 35.62 -31.82 -39.85
N LEU B 139 35.56 -33.07 -39.41
CA LEU B 139 36.73 -33.78 -38.92
C LEU B 139 37.76 -34.01 -40.03
N LEU B 140 39.04 -33.88 -39.68
CA LEU B 140 40.11 -34.08 -40.64
C LEU B 140 40.61 -35.51 -40.66
N HIS B 141 40.21 -36.28 -39.66
CA HIS B 141 40.52 -37.70 -39.60
C HIS B 141 39.21 -38.50 -39.57
N LYS B 142 39.32 -39.82 -39.44
CA LYS B 142 38.14 -40.66 -39.37
C LYS B 142 37.67 -40.79 -37.92
N CYS B 143 36.36 -40.88 -37.72
CA CYS B 143 35.80 -40.92 -36.38
C CYS B 143 34.84 -42.09 -36.18
N ASN B 144 35.29 -43.07 -35.39
CA ASN B 144 34.46 -44.21 -34.99
C ASN B 144 33.13 -43.74 -34.41
N ASP B 145 32.23 -44.69 -34.18
CA ASP B 145 31.05 -44.42 -33.38
C ASP B 145 31.50 -44.23 -31.93
N SER B 146 32.68 -44.76 -31.62
CA SER B 146 33.25 -44.63 -30.29
C SER B 146 33.99 -43.30 -30.20
N CYS B 147 34.50 -42.84 -31.33
CA CYS B 147 35.15 -41.54 -31.41
C CYS B 147 34.13 -40.43 -31.19
N MET B 148 33.01 -40.52 -31.89
CA MET B 148 31.92 -39.56 -31.73
C MET B 148 31.50 -39.43 -30.27
N GLU B 149 31.42 -40.56 -29.58
CA GLU B 149 30.98 -40.59 -28.18
C GLU B 149 31.95 -39.89 -27.25
N THR B 150 33.24 -39.98 -27.55
CA THR B 150 34.25 -39.31 -26.74
C THR B 150 34.19 -37.80 -26.96
N ILE B 151 33.77 -37.39 -28.15
CA ILE B 151 33.57 -35.98 -28.44
C ILE B 151 32.36 -35.46 -27.68
N ARG B 152 31.29 -36.26 -27.67
CA ARG B 152 30.07 -35.90 -26.97
C ARG B 152 30.25 -35.83 -25.45
N ASN B 153 31.02 -36.75 -24.89
CA ASN B 153 31.18 -36.81 -23.45
C ASN B 153 32.38 -36.01 -22.92
N GLY B 154 33.02 -35.25 -23.81
CA GLY B 154 34.05 -34.32 -23.41
C GLY B 154 35.44 -34.88 -23.16
N THR B 155 35.64 -36.17 -23.44
CA THR B 155 36.92 -36.81 -23.17
C THR B 155 37.85 -36.90 -24.39
N TYR B 156 37.32 -36.58 -25.56
CA TYR B 156 38.11 -36.63 -26.80
C TYR B 156 39.48 -35.96 -26.65
N ASP B 157 40.54 -36.73 -26.89
CA ASP B 157 41.91 -36.22 -26.78
C ASP B 157 42.50 -35.92 -28.16
N HIS B 158 42.83 -34.65 -28.39
CA HIS B 158 43.29 -34.20 -29.71
C HIS B 158 44.66 -34.76 -30.08
N THR B 159 45.42 -35.22 -29.09
CA THR B 159 46.76 -35.75 -29.35
C THR B 159 46.71 -37.12 -30.01
N GLU B 160 45.66 -37.88 -29.69
CA GLU B 160 45.46 -39.23 -30.21
C GLU B 160 44.96 -39.26 -31.65
N TYR B 161 45.12 -38.16 -32.37
CA TYR B 161 44.62 -38.08 -33.74
C TYR B 161 45.43 -37.10 -34.59
N ALA B 162 46.31 -36.35 -33.94
CA ALA B 162 46.98 -35.21 -34.56
C ALA B 162 47.50 -35.44 -35.98
N GLU B 163 47.97 -36.65 -36.27
CA GLU B 163 48.71 -36.89 -37.51
C GLU B 163 47.88 -37.06 -38.78
N GLU B 164 46.71 -37.70 -38.66
CA GLU B 164 45.87 -37.92 -39.83
C GLU B 164 45.33 -36.60 -40.37
N SER B 165 45.62 -35.53 -39.65
CA SER B 165 45.20 -34.19 -40.05
C SER B 165 46.34 -33.46 -40.75
N ILE C 1 49.75 -1.38 -48.53
CA ILE C 1 48.96 -2.20 -47.62
C ILE C 1 47.80 -2.88 -48.34
N GLN C 2 47.04 -3.69 -47.61
CA GLN C 2 45.95 -4.48 -48.20
C GLN C 2 44.58 -3.80 -48.09
N ASP C 3 43.57 -4.48 -48.62
CA ASP C 3 42.19 -4.05 -48.45
C ASP C 3 41.73 -4.48 -47.06
N ARG C 4 40.94 -3.64 -46.40
CA ARG C 4 40.55 -3.92 -45.03
C ARG C 4 39.12 -3.46 -44.75
N ILE C 5 38.41 -4.22 -43.92
CA ILE C 5 37.06 -3.87 -43.52
C ILE C 5 36.95 -3.92 -41.99
N CYS C 6 36.30 -2.92 -41.41
CA CYS C 6 36.21 -2.81 -39.96
C CYS C 6 34.78 -2.72 -39.46
N VAL C 7 34.57 -3.27 -38.27
CA VAL C 7 33.30 -3.14 -37.57
C VAL C 7 33.45 -2.07 -36.50
N GLY C 8 32.42 -1.25 -36.33
CA GLY C 8 32.45 -0.18 -35.36
C GLY C 8 31.06 0.25 -34.92
N TYR C 9 31.01 1.29 -34.09
CA TYR C 9 29.75 1.75 -33.52
C TYR C 9 29.72 3.27 -33.38
N LEU C 10 28.55 3.79 -33.02
CA LEU C 10 28.32 5.24 -33.02
C LEU C 10 29.05 6.00 -31.91
N SER C 11 29.51 7.20 -32.25
CA SER C 11 30.03 8.15 -31.28
C SER C 11 29.42 9.51 -31.63
N THR C 12 29.20 10.36 -30.64
CA THR C 12 28.57 11.65 -30.90
C THR C 12 29.13 12.77 -30.01
N ASN C 13 28.55 13.96 -30.17
CA ASN C 13 28.85 15.09 -29.31
C ASN C 13 27.76 15.23 -28.26
N SER C 14 27.97 14.59 -27.12
CA SER C 14 26.98 14.64 -26.06
C SER C 14 27.62 14.72 -24.69
N SER C 15 27.01 15.50 -23.81
CA SER C 15 27.34 15.48 -22.40
C SER C 15 26.28 14.63 -21.70
N GLU C 16 25.37 14.07 -22.50
CA GLU C 16 24.31 13.20 -22.01
C GLU C 16 24.88 12.05 -21.20
N ARG C 17 24.31 11.85 -20.00
CA ARG C 17 24.78 10.81 -19.11
C ARG C 17 23.63 10.11 -18.43
N VAL C 18 23.84 8.84 -18.11
CA VAL C 18 22.86 8.07 -17.38
C VAL C 18 23.57 7.31 -16.28
N ASP C 19 22.84 6.93 -15.23
CA ASP C 19 23.41 6.09 -14.20
C ASP C 19 22.95 4.65 -14.47
N THR C 20 23.84 3.69 -14.24
CA THR C 20 23.44 2.28 -14.30
C THR C 20 23.64 1.68 -12.91
N LEU C 21 23.17 0.46 -12.73
CA LEU C 21 23.30 -0.18 -11.42
C LEU C 21 24.76 -0.30 -11.02
N LEU C 22 25.64 -0.46 -12.00
CA LEU C 22 27.05 -0.70 -11.72
C LEU C 22 27.94 0.54 -11.89
N GLU C 23 27.40 1.61 -12.44
CA GLU C 23 28.22 2.78 -12.73
C GLU C 23 27.45 4.10 -12.71
N ASN C 24 28.10 5.13 -12.20
CA ASN C 24 27.51 6.47 -12.18
C ASN C 24 28.03 7.35 -13.31
N GLY C 25 27.13 8.15 -13.89
CA GLY C 25 27.50 9.10 -14.92
C GLY C 25 28.15 8.49 -16.14
N VAL C 26 27.45 7.55 -16.78
CA VAL C 26 27.94 6.90 -17.99
C VAL C 26 27.46 7.66 -19.22
N PRO C 27 28.40 8.09 -20.07
CA PRO C 27 28.05 8.82 -21.30
C PRO C 27 27.28 7.92 -22.28
N VAL C 28 26.18 8.41 -22.82
CA VAL C 28 25.42 7.66 -23.81
C VAL C 28 25.06 8.52 -25.01
N THR C 29 24.81 7.89 -26.14
CA THR C 29 24.49 8.61 -27.37
C THR C 29 23.08 9.19 -27.36
N SER C 30 22.18 8.58 -26.58
CA SER C 30 20.81 9.09 -26.47
C SER C 30 20.07 8.55 -25.22
N SER C 31 19.07 9.30 -24.78
CA SER C 31 18.29 8.91 -23.62
C SER C 31 16.95 9.64 -23.57
N ILE C 32 16.06 9.17 -22.71
CA ILE C 32 14.78 9.85 -22.51
C ILE C 32 14.49 10.08 -21.03
N ASP C 33 13.54 10.98 -20.76
CA ASP C 33 13.14 11.30 -19.39
C ASP C 33 11.88 10.54 -19.01
N LEU C 34 11.90 9.94 -17.81
CA LEU C 34 10.74 9.19 -17.34
C LEU C 34 9.80 10.02 -16.47
N ILE C 35 10.33 11.05 -15.82
CA ILE C 35 9.55 11.87 -14.90
C ILE C 35 9.10 13.19 -15.53
N GLU C 36 7.82 13.51 -15.38
CA GLU C 36 7.29 14.77 -15.86
C GLU C 36 7.52 15.87 -14.84
N THR C 37 8.07 16.99 -15.29
CA THR C 37 8.43 18.08 -14.38
C THR C 37 7.71 19.38 -14.73
N ASN C 38 6.98 19.36 -15.85
CA ASN C 38 6.30 20.56 -16.33
C ASN C 38 4.79 20.52 -16.17
N HIS C 39 4.24 21.63 -15.67
CA HIS C 39 2.81 21.77 -15.47
C HIS C 39 2.34 23.17 -15.88
N THR C 40 1.02 23.35 -15.98
CA THR C 40 0.44 24.61 -16.41
C THR C 40 0.55 25.70 -15.35
N GLY C 41 0.61 25.30 -14.08
CA GLY C 41 0.67 26.26 -12.99
C GLY C 41 -0.68 26.92 -12.73
N THR C 42 -1.74 26.31 -13.27
CA THR C 42 -3.09 26.87 -13.15
C THR C 42 -4.12 25.77 -12.93
N TYR C 43 -5.34 26.16 -12.56
CA TYR C 43 -6.45 25.22 -12.48
C TYR C 43 -7.03 25.06 -13.88
N CYS C 44 -7.17 23.82 -14.33
CA CYS C 44 -7.68 23.55 -15.67
C CYS C 44 -8.93 22.71 -15.59
N SER C 45 -9.62 22.59 -16.71
CA SER C 45 -10.69 21.61 -16.82
C SER C 45 -10.02 20.24 -16.75
N LEU C 46 -10.73 19.27 -16.18
CA LEU C 46 -10.18 17.94 -16.01
C LEU C 46 -10.89 16.95 -16.93
N ASN C 47 -10.19 16.52 -17.97
CA ASN C 47 -10.77 15.58 -18.92
C ASN C 47 -12.12 16.05 -19.43
N GLY C 48 -12.18 17.32 -19.81
CA GLY C 48 -13.38 17.89 -20.42
C GLY C 48 -14.34 18.52 -19.43
N VAL C 49 -14.18 18.21 -18.15
CA VAL C 49 -15.09 18.70 -17.14
C VAL C 49 -14.50 19.85 -16.32
N SER C 50 -15.18 20.98 -16.34
CA SER C 50 -14.73 22.16 -15.61
C SER C 50 -14.94 21.99 -14.11
N PRO C 51 -14.03 22.56 -13.30
CA PRO C 51 -14.20 22.56 -11.85
C PRO C 51 -15.24 23.59 -11.44
N VAL C 52 -15.32 23.89 -10.15
CA VAL C 52 -16.23 24.91 -9.65
C VAL C 52 -15.54 25.73 -8.59
N HIS C 53 -15.34 27.02 -8.86
CA HIS C 53 -14.74 27.91 -7.90
C HIS C 53 -15.80 28.37 -6.91
N LEU C 54 -15.44 28.43 -5.64
CA LEU C 54 -16.42 28.78 -4.60
C LEU C 54 -16.35 30.25 -4.25
N GLY C 55 -15.52 30.99 -4.98
CA GLY C 55 -15.39 32.42 -4.79
C GLY C 55 -14.96 32.80 -3.38
N ASP C 56 -15.82 33.55 -2.70
CA ASP C 56 -15.51 34.04 -1.36
C ASP C 56 -16.18 33.19 -0.28
N CYS C 57 -16.82 32.11 -0.69
CA CYS C 57 -17.54 31.25 0.23
C CYS C 57 -16.78 29.97 0.55
N SER C 58 -16.95 29.48 1.78
CA SER C 58 -16.47 28.17 2.16
C SER C 58 -17.45 27.14 1.61
N PHE C 59 -17.06 25.87 1.62
CA PHE C 59 -17.92 24.81 1.10
C PHE C 59 -19.22 24.72 1.89
N GLU C 60 -19.13 24.91 3.19
CA GLU C 60 -20.31 24.89 4.05
C GLU C 60 -21.35 25.90 3.60
N GLY C 61 -20.93 27.17 3.50
CA GLY C 61 -21.83 28.23 3.08
C GLY C 61 -22.38 28.01 1.68
N TRP C 62 -21.57 27.38 0.83
CA TRP C 62 -22.00 27.09 -0.53
C TRP C 62 -23.11 26.06 -0.56
N ILE C 63 -22.95 25.00 0.23
CA ILE C 63 -23.84 23.85 0.15
C ILE C 63 -25.22 24.12 0.76
N VAL C 64 -25.28 25.00 1.77
CA VAL C 64 -26.55 25.33 2.40
C VAL C 64 -27.26 26.48 1.69
N GLY C 65 -26.49 27.24 0.91
CA GLY C 65 -27.06 28.32 0.11
C GLY C 65 -27.01 29.66 0.79
N ASN C 66 -25.85 30.00 1.35
CA ASN C 66 -25.62 31.33 1.89
C ASN C 66 -25.91 32.38 0.81
N PRO C 67 -26.88 33.27 1.06
CA PRO C 67 -27.35 34.25 0.08
C PRO C 67 -26.23 35.11 -0.50
N ALA C 68 -25.11 35.20 0.22
CA ALA C 68 -23.97 35.99 -0.24
C ALA C 68 -23.14 35.24 -1.28
N CYS C 69 -23.27 33.92 -1.32
CA CYS C 69 -22.57 33.10 -2.29
C CYS C 69 -23.33 33.12 -3.62
N THR C 70 -22.62 32.80 -4.69
CA THR C 70 -23.26 32.58 -5.98
C THR C 70 -24.00 31.25 -5.91
N SER C 71 -25.21 31.23 -6.45
CA SER C 71 -26.06 30.05 -6.39
C SER C 71 -25.48 28.86 -7.15
N ASN C 72 -25.79 27.66 -6.70
CA ASN C 72 -25.40 26.44 -7.38
C ASN C 72 -26.58 25.86 -8.13
N PHE C 73 -27.52 26.73 -8.49
CA PHE C 73 -28.74 26.33 -9.18
C PHE C 73 -28.47 25.79 -10.59
N GLY C 74 -27.50 26.39 -11.29
CA GLY C 74 -27.25 26.04 -12.68
C GLY C 74 -26.14 25.02 -12.91
N ILE C 75 -25.51 24.55 -11.85
CA ILE C 75 -24.41 23.59 -11.97
C ILE C 75 -24.92 22.20 -12.34
N ARG C 76 -24.18 21.51 -13.21
CA ARG C 76 -24.58 20.18 -13.67
C ARG C 76 -23.57 19.10 -13.27
N GLU C 77 -22.35 19.53 -12.96
CA GLU C 77 -21.26 18.59 -12.81
C GLU C 77 -19.99 19.35 -12.47
N TRP C 78 -19.12 18.72 -11.70
CA TRP C 78 -17.79 19.26 -11.48
C TRP C 78 -16.75 18.17 -11.25
N SER C 79 -15.52 18.44 -11.68
CA SER C 79 -14.43 17.48 -11.58
C SER C 79 -13.73 17.65 -10.24
N TYR C 80 -13.64 18.90 -9.80
CA TYR C 80 -13.09 19.21 -8.48
C TYR C 80 -13.57 20.57 -7.99
N LEU C 81 -13.26 20.89 -6.75
CA LEU C 81 -13.67 22.16 -6.16
C LEU C 81 -12.48 23.04 -5.82
N ILE C 82 -12.64 24.34 -6.01
CA ILE C 82 -11.63 25.31 -5.62
C ILE C 82 -12.15 26.16 -4.48
N GLU C 83 -11.48 26.10 -3.34
CA GLU C 83 -11.93 26.81 -2.14
C GLU C 83 -10.84 27.68 -1.55
N ASP C 84 -11.20 28.89 -1.15
CA ASP C 84 -10.26 29.75 -0.46
C ASP C 84 -10.26 29.37 1.03
N PRO C 85 -9.09 28.99 1.57
CA PRO C 85 -8.97 28.64 2.99
C PRO C 85 -9.43 29.75 3.94
N ALA C 86 -9.26 31.01 3.55
CA ALA C 86 -9.66 32.12 4.39
C ALA C 86 -10.94 32.77 3.87
N ALA C 87 -11.80 31.97 3.26
CA ALA C 87 -13.03 32.51 2.70
C ALA C 87 -13.83 33.23 3.78
N PRO C 88 -14.24 34.49 3.52
CA PRO C 88 -15.05 35.30 4.45
C PRO C 88 -16.44 34.73 4.72
N HIS C 89 -17.06 34.13 3.70
CA HIS C 89 -18.43 33.65 3.86
C HIS C 89 -18.50 32.16 4.13
N GLY C 90 -19.44 31.78 5.01
CA GLY C 90 -19.69 30.39 5.33
C GLY C 90 -21.11 30.29 5.83
N LEU C 91 -21.30 29.69 7.00
CA LEU C 91 -22.61 29.73 7.63
C LEU C 91 -22.78 31.12 8.24
N CYS C 92 -23.51 31.98 7.52
CA CYS C 92 -23.68 33.37 7.92
C CYS C 92 -24.25 33.51 9.33
N TYR C 93 -25.21 32.66 9.67
CA TYR C 93 -25.76 32.63 11.02
C TYR C 93 -24.93 31.68 11.89
N PRO C 94 -24.58 32.13 13.10
CA PRO C 94 -23.77 31.31 14.01
C PRO C 94 -24.30 29.88 14.13
N GLY C 95 -23.54 28.93 13.59
CA GLY C 95 -23.95 27.54 13.61
C GLY C 95 -22.86 26.60 13.13
N GLU C 96 -23.20 25.31 13.07
CA GLU C 96 -22.27 24.29 12.62
C GLU C 96 -22.97 23.30 11.71
N LEU C 97 -22.28 22.85 10.67
CA LEU C 97 -22.78 21.79 9.81
C LEU C 97 -22.30 20.45 10.34
N ASN C 98 -23.22 19.58 10.69
CA ASN C 98 -22.89 18.28 11.25
C ASN C 98 -22.27 17.35 10.23
N ASN C 99 -21.17 16.69 10.62
CA ASN C 99 -20.54 15.69 9.79
C ASN C 99 -20.12 16.27 8.43
N ASN C 100 -19.56 17.48 8.46
CA ASN C 100 -19.18 18.18 7.24
C ASN C 100 -17.98 17.55 6.54
N GLY C 101 -17.18 16.79 7.27
CA GLY C 101 -16.05 16.08 6.70
C GLY C 101 -16.50 15.09 5.64
N GLU C 102 -17.42 14.19 5.99
CA GLU C 102 -17.99 13.24 5.06
C GLU C 102 -18.58 13.95 3.86
N LEU C 103 -19.32 15.03 4.10
CA LEU C 103 -20.00 15.76 3.04
C LEU C 103 -18.99 16.33 2.06
N ARG C 104 -17.97 17.00 2.59
CA ARG C 104 -16.91 17.54 1.76
C ARG C 104 -16.35 16.46 0.86
N HIS C 105 -16.13 15.28 1.43
CA HIS C 105 -15.57 14.16 0.70
C HIS C 105 -16.50 13.73 -0.43
N LEU C 106 -17.79 13.66 -0.14
CA LEU C 106 -18.79 13.23 -1.11
C LEU C 106 -19.07 14.27 -2.21
N PHE C 107 -18.75 15.53 -1.93
CA PHE C 107 -18.97 16.58 -2.93
C PHE C 107 -17.68 17.08 -3.55
N SER C 108 -16.58 16.36 -3.35
CA SER C 108 -15.30 16.75 -3.91
C SER C 108 -15.36 16.75 -5.44
N GLY C 109 -16.13 15.82 -5.99
CA GLY C 109 -16.33 15.72 -7.42
C GLY C 109 -17.56 14.89 -7.71
N ILE C 110 -18.42 15.41 -8.58
CA ILE C 110 -19.69 14.75 -8.91
C ILE C 110 -19.94 14.83 -10.41
N ARG C 111 -20.24 13.70 -11.03
CA ARG C 111 -20.45 13.66 -12.48
C ARG C 111 -21.85 14.08 -12.89
N SER C 112 -22.82 13.85 -12.01
CA SER C 112 -24.20 14.27 -12.27
C SER C 112 -24.81 15.00 -11.06
N PHE C 113 -25.04 16.30 -11.23
CA PHE C 113 -25.54 17.14 -10.16
C PHE C 113 -26.65 18.07 -10.64
N SER C 114 -27.68 18.21 -9.82
CA SER C 114 -28.75 19.17 -10.11
C SER C 114 -29.54 19.42 -8.84
N ARG C 115 -29.75 20.70 -8.52
CA ARG C 115 -30.55 21.06 -7.36
C ARG C 115 -32.01 20.81 -7.66
N THR C 116 -32.77 20.45 -6.63
CA THR C 116 -34.18 20.16 -6.79
C THR C 116 -34.96 20.59 -5.55
N GLU C 117 -36.23 20.89 -5.73
CA GLU C 117 -37.08 21.27 -4.61
C GLU C 117 -37.75 20.02 -4.03
N LEU C 118 -37.36 19.68 -2.80
CA LEU C 118 -37.88 18.50 -2.13
C LEU C 118 -39.34 18.72 -1.74
N ILE C 119 -39.57 19.77 -0.96
CA ILE C 119 -40.89 20.08 -0.45
C ILE C 119 -41.19 21.56 -0.64
N PRO C 120 -42.37 21.88 -1.19
CA PRO C 120 -42.77 23.27 -1.42
C PRO C 120 -42.77 24.07 -0.12
N PRO C 121 -42.10 25.22 -0.12
CA PRO C 121 -41.88 26.09 1.06
C PRO C 121 -43.17 26.56 1.73
N THR C 122 -44.29 26.52 1.00
CA THR C 122 -45.56 26.97 1.55
C THR C 122 -46.51 25.80 1.82
N SER C 123 -46.08 24.60 1.43
CA SER C 123 -46.87 23.39 1.60
C SER C 123 -46.82 22.88 3.04
N TRP C 124 -46.17 23.63 3.93
CA TRP C 124 -45.95 23.16 5.30
C TRP C 124 -47.13 23.41 6.24
N GLY C 125 -47.85 24.51 6.02
CA GLY C 125 -48.99 24.83 6.85
C GLY C 125 -48.96 26.25 7.38
N GLU C 126 -49.48 26.45 8.59
CA GLU C 126 -49.60 27.79 9.15
C GLU C 126 -48.33 28.24 9.87
N VAL C 127 -47.36 28.73 9.10
CA VAL C 127 -46.13 29.25 9.66
C VAL C 127 -45.55 30.34 8.77
N LEU C 128 -44.73 31.21 9.36
CA LEU C 128 -44.08 32.27 8.61
C LEU C 128 -42.63 31.93 8.27
N ASP C 129 -42.05 32.70 7.36
CA ASP C 129 -40.67 32.51 6.97
C ASP C 129 -39.79 33.57 7.65
N GLY C 130 -38.85 33.11 8.45
CA GLY C 130 -37.99 34.01 9.21
C GLY C 130 -36.70 34.34 8.50
N THR C 131 -36.32 35.60 8.54
CA THR C 131 -35.06 36.05 7.96
C THR C 131 -34.16 36.58 9.06
N THR C 132 -33.00 37.11 8.69
CA THR C 132 -32.08 37.64 9.68
C THR C 132 -31.04 38.57 9.06
N SER C 133 -30.52 39.50 9.87
CA SER C 133 -29.54 40.46 9.40
C SER C 133 -28.17 39.82 9.26
N ALA C 134 -28.05 38.58 9.75
CA ALA C 134 -26.79 37.85 9.64
C ALA C 134 -26.62 37.26 8.24
N CYS C 135 -27.74 37.01 7.57
CA CYS C 135 -27.73 36.41 6.24
C CYS C 135 -28.32 37.35 5.19
N ARG C 136 -27.72 38.53 5.04
CA ARG C 136 -28.18 39.48 4.04
C ARG C 136 -27.86 38.99 2.63
N ASP C 137 -28.73 39.33 1.68
CA ASP C 137 -28.53 38.90 0.30
C ASP C 137 -27.73 39.94 -0.50
N ASN C 138 -27.57 39.66 -1.80
CA ASN C 138 -26.81 40.52 -2.69
C ASN C 138 -27.20 42.00 -2.57
N THR C 139 -28.47 42.24 -2.31
CA THR C 139 -28.98 43.60 -2.19
C THR C 139 -28.57 44.25 -0.87
N GLY C 140 -29.10 43.71 0.23
CA GLY C 140 -28.87 44.25 1.56
C GLY C 140 -30.07 43.91 2.42
N THR C 141 -31.05 43.26 1.80
CA THR C 141 -32.27 42.82 2.47
C THR C 141 -31.97 41.62 3.36
N ASN C 142 -32.65 41.55 4.50
CA ASN C 142 -32.56 40.39 5.37
C ASN C 142 -33.07 39.14 4.67
N SER C 143 -32.32 38.05 4.76
CA SER C 143 -32.69 36.80 4.12
C SER C 143 -32.26 35.58 4.94
N PHE C 144 -32.18 34.44 4.27
CA PHE C 144 -31.80 33.19 4.92
C PHE C 144 -31.24 32.23 3.90
N TYR C 145 -30.74 31.08 4.37
CA TYR C 145 -30.21 30.06 3.49
C TYR C 145 -31.20 29.66 2.41
N ARG C 146 -30.74 29.55 1.17
CA ARG C 146 -31.61 29.19 0.06
C ARG C 146 -32.23 27.81 0.24
N ASN C 147 -31.45 26.89 0.82
CA ASN C 147 -31.85 25.49 0.89
C ASN C 147 -32.71 25.15 2.10
N LEU C 148 -32.78 26.08 3.05
CA LEU C 148 -33.58 25.89 4.25
C LEU C 148 -34.59 27.01 4.42
N VAL C 149 -35.67 26.75 5.14
CA VAL C 149 -36.65 27.79 5.47
C VAL C 149 -36.86 27.85 6.97
N TRP C 150 -36.60 29.03 7.54
CA TRP C 150 -36.71 29.24 8.98
C TRP C 150 -38.16 29.49 9.37
N PHE C 151 -38.87 28.42 9.71
CA PHE C 151 -40.27 28.54 10.10
C PHE C 151 -40.46 29.13 11.50
N ILE C 152 -41.39 30.08 11.61
CA ILE C 152 -41.71 30.68 12.89
C ILE C 152 -43.23 30.80 13.09
N LYS C 153 -43.62 31.29 14.26
CA LYS C 153 -45.04 31.36 14.62
C LYS C 153 -45.83 32.32 13.74
N LYS C 154 -47.03 31.90 13.36
CA LYS C 154 -47.92 32.72 12.56
C LYS C 154 -49.22 32.93 13.31
N ASN C 155 -49.51 34.19 13.64
CA ASN C 155 -50.69 34.53 14.42
C ASN C 155 -50.65 33.91 15.82
N ASN C 156 -49.50 34.06 16.48
CA ASN C 156 -49.32 33.63 17.87
C ASN C 156 -49.49 32.13 18.09
N ARG C 157 -49.40 31.35 17.01
CA ARG C 157 -49.55 29.90 17.11
C ARG C 157 -48.60 29.17 16.15
N TYR C 158 -47.95 28.14 16.67
CA TYR C 158 -47.07 27.30 15.86
C TYR C 158 -47.62 25.87 15.86
N PRO C 159 -48.30 25.50 14.78
CA PRO C 159 -48.93 24.17 14.65
C PRO C 159 -47.90 23.07 14.39
N VAL C 160 -48.29 21.84 14.66
CA VAL C 160 -47.43 20.69 14.38
C VAL C 160 -47.40 20.43 12.88
N ILE C 161 -46.33 20.91 12.24
CA ILE C 161 -46.17 20.75 10.79
C ILE C 161 -45.46 19.44 10.47
N SER C 162 -45.86 18.81 9.37
CA SER C 162 -45.32 17.52 8.98
C SER C 162 -45.42 17.26 7.49
N LYS C 163 -44.27 17.25 6.80
CA LYS C 163 -44.23 16.84 5.40
C LYS C 163 -43.21 15.72 5.21
N THR C 164 -43.30 15.04 4.07
CA THR C 164 -42.40 13.94 3.80
C THR C 164 -41.92 13.98 2.34
N TYR C 165 -40.72 13.47 2.11
CA TYR C 165 -40.16 13.47 0.77
C TYR C 165 -39.99 12.06 0.22
N ASN C 166 -40.30 11.87 -1.04
CA ASN C 166 -40.13 10.59 -1.65
C ASN C 166 -39.09 10.66 -2.73
N ASN C 167 -38.06 9.86 -2.58
CA ASN C 167 -37.00 9.81 -3.58
C ASN C 167 -37.44 9.04 -4.81
N THR C 168 -37.91 9.77 -5.81
CA THR C 168 -38.42 9.17 -7.03
C THR C 168 -37.46 9.40 -8.19
N THR C 169 -36.33 10.05 -7.90
CA THR C 169 -35.39 10.47 -8.93
C THR C 169 -34.62 9.30 -9.55
N GLY C 170 -34.55 8.18 -8.83
CA GLY C 170 -33.80 7.04 -9.29
C GLY C 170 -32.31 7.16 -8.99
N ARG C 171 -31.93 8.29 -8.39
CA ARG C 171 -30.56 8.53 -7.96
C ARG C 171 -30.53 8.97 -6.50
N ASP C 172 -29.34 9.05 -5.93
CA ASP C 172 -29.18 9.50 -4.56
C ASP C 172 -29.51 10.98 -4.42
N VAL C 173 -30.17 11.34 -3.32
CA VAL C 173 -30.57 12.72 -3.09
C VAL C 173 -30.10 13.20 -1.72
N LEU C 174 -29.35 14.30 -1.71
CA LEU C 174 -28.89 14.90 -0.47
C LEU C 174 -29.96 15.81 0.11
N VAL C 175 -30.37 15.54 1.34
CA VAL C 175 -31.34 16.38 2.04
C VAL C 175 -30.67 17.12 3.19
N LEU C 176 -31.01 18.41 3.34
CA LEU C 176 -30.49 19.20 4.44
C LEU C 176 -31.62 19.75 5.31
N TRP C 177 -31.46 19.64 6.62
CA TRP C 177 -32.37 20.29 7.55
C TRP C 177 -31.56 20.85 8.72
N GLY C 178 -32.22 21.59 9.58
CA GLY C 178 -31.52 22.24 10.68
C GLY C 178 -32.36 22.41 11.93
N ILE C 179 -31.66 22.69 13.03
CA ILE C 179 -32.29 22.92 14.32
C ILE C 179 -31.75 24.23 14.88
N HIS C 180 -32.66 25.14 15.23
CA HIS C 180 -32.23 26.40 15.83
C HIS C 180 -32.35 26.33 17.35
N HIS C 181 -31.25 26.64 18.03
CA HIS C 181 -31.21 26.68 19.49
C HIS C 181 -31.16 28.11 19.96
N PRO C 182 -32.30 28.64 20.45
CA PRO C 182 -32.42 30.04 20.88
C PRO C 182 -31.55 30.35 22.10
N VAL C 183 -31.42 31.63 22.42
CA VAL C 183 -30.57 32.08 23.52
C VAL C 183 -31.18 31.76 24.88
N SER C 184 -32.49 31.57 24.92
CA SER C 184 -33.19 31.33 26.18
C SER C 184 -34.60 30.80 25.93
N VAL C 185 -35.21 30.22 26.96
CA VAL C 185 -36.57 29.71 26.84
C VAL C 185 -37.51 30.85 26.50
N ASP C 186 -37.07 32.07 26.75
CA ASP C 186 -37.85 33.26 26.45
C ASP C 186 -37.91 33.51 24.95
N GLU C 187 -36.78 33.33 24.27
CA GLU C 187 -36.71 33.55 22.83
C GLU C 187 -37.43 32.44 22.06
N THR C 188 -37.35 31.21 22.56
CA THR C 188 -38.04 30.10 21.90
C THR C 188 -39.55 30.31 22.03
N LYS C 189 -39.96 30.95 23.12
CA LYS C 189 -41.37 31.28 23.32
C LYS C 189 -41.80 32.39 22.36
N THR C 190 -40.94 33.38 22.19
CA THR C 190 -41.19 34.49 21.28
C THR C 190 -41.26 33.99 19.83
N LEU C 191 -40.40 33.04 19.48
CA LEU C 191 -40.27 32.58 18.11
C LEU C 191 -41.18 31.41 17.75
N TYR C 192 -41.38 30.49 18.68
CA TYR C 192 -42.10 29.26 18.37
C TYR C 192 -43.31 29.02 19.26
N VAL C 193 -43.53 29.92 20.22
CA VAL C 193 -44.65 29.81 21.16
C VAL C 193 -44.49 28.62 22.09
N ASN C 194 -44.57 27.42 21.52
CA ASN C 194 -44.49 26.18 22.28
C ASN C 194 -43.25 26.12 23.17
N SER C 195 -43.44 25.66 24.40
CA SER C 195 -42.32 25.43 25.31
C SER C 195 -41.75 24.05 25.01
N ASP C 196 -40.41 23.95 25.03
CA ASP C 196 -39.75 22.67 24.82
C ASP C 196 -40.18 22.02 23.50
N PRO C 197 -40.01 22.75 22.38
CA PRO C 197 -40.36 22.21 21.06
C PRO C 197 -39.48 21.03 20.67
N TYR C 198 -39.87 20.33 19.61
CA TYR C 198 -39.13 19.18 19.13
C TYR C 198 -39.22 19.07 17.62
N THR C 199 -38.27 18.38 17.02
CA THR C 199 -38.33 18.01 15.62
C THR C 199 -38.04 16.52 15.50
N LEU C 200 -38.89 15.82 14.78
CA LEU C 200 -38.70 14.38 14.57
C LEU C 200 -38.44 14.09 13.11
N VAL C 201 -37.25 13.57 12.81
CA VAL C 201 -36.88 13.22 11.45
C VAL C 201 -36.71 11.71 11.34
N SER C 202 -37.37 11.11 10.36
CA SER C 202 -37.34 9.65 10.24
C SER C 202 -37.34 9.16 8.80
N THR C 203 -36.69 8.02 8.59
CA THR C 203 -36.81 7.24 7.39
C THR C 203 -37.28 5.87 7.85
N LYS C 204 -37.24 4.88 6.98
CA LYS C 204 -37.64 3.53 7.38
C LYS C 204 -36.46 2.72 7.91
N SER C 205 -35.32 3.39 8.10
CA SER C 205 -34.12 2.73 8.57
C SER C 205 -33.58 3.37 9.84
N TRP C 206 -33.82 4.67 10.00
CA TRP C 206 -33.38 5.39 11.19
C TRP C 206 -34.38 6.47 11.58
N SER C 207 -34.20 7.03 12.77
CA SER C 207 -35.13 8.03 13.29
C SER C 207 -34.45 8.86 14.37
N GLU C 208 -34.43 10.17 14.18
CA GLU C 208 -33.81 11.07 15.16
C GLU C 208 -34.82 12.06 15.72
N LYS C 209 -34.75 12.28 17.03
CA LYS C 209 -35.59 13.30 17.67
C LYS C 209 -34.72 14.41 18.24
N TYR C 210 -35.00 15.65 17.81
CA TYR C 210 -34.19 16.78 18.21
C TYR C 210 -34.94 17.68 19.20
N LYS C 211 -34.25 18.06 20.27
CA LYS C 211 -34.78 19.03 21.20
C LYS C 211 -33.88 20.25 21.25
N LEU C 212 -34.39 21.36 21.77
CA LEU C 212 -33.66 22.61 21.77
C LEU C 212 -32.69 22.72 22.94
N GLU C 213 -31.50 23.26 22.66
CA GLU C 213 -30.47 23.43 23.66
C GLU C 213 -30.21 24.92 23.86
N THR C 214 -31.03 25.56 24.69
CA THR C 214 -30.99 27.00 24.86
C THR C 214 -29.72 27.47 25.58
N GLY C 215 -29.28 28.68 25.26
CA GLY C 215 -28.10 29.25 25.87
C GLY C 215 -27.47 30.31 24.98
N VAL C 216 -26.64 31.17 25.56
CA VAL C 216 -25.97 32.21 24.79
C VAL C 216 -24.61 31.76 24.32
N ARG C 217 -24.43 31.73 23.00
CA ARG C 217 -23.14 31.39 22.40
C ARG C 217 -22.37 32.66 22.09
N PRO C 218 -21.03 32.58 22.13
CA PRO C 218 -20.19 33.71 21.71
C PRO C 218 -20.10 33.76 20.20
N GLY C 219 -21.24 33.94 19.55
CA GLY C 219 -21.33 33.79 18.10
C GLY C 219 -20.62 34.86 17.28
N TYR C 220 -21.23 35.23 16.17
CA TYR C 220 -20.69 36.23 15.27
C TYR C 220 -21.79 36.86 14.47
N ASN C 221 -21.49 37.97 13.84
CA ASN C 221 -22.45 38.64 12.99
C ASN C 221 -23.62 39.19 13.73
N GLY C 222 -23.49 39.44 15.02
CA GLY C 222 -24.62 39.97 15.75
C GLY C 222 -25.57 39.05 16.49
N GLN C 223 -25.73 37.81 16.03
CA GLN C 223 -26.56 36.85 16.73
C GLN C 223 -25.80 36.13 17.84
N ARG C 224 -26.55 35.48 18.72
CA ARG C 224 -25.95 34.88 19.88
C ARG C 224 -26.54 33.50 20.17
N SER C 225 -27.43 33.04 19.30
CA SER C 225 -27.99 31.70 19.40
C SER C 225 -27.16 30.73 18.56
N TRP C 226 -27.66 29.51 18.37
CA TRP C 226 -26.90 28.51 17.64
C TRP C 226 -27.75 27.64 16.73
N MET C 227 -27.26 27.40 15.53
CA MET C 227 -27.92 26.52 14.58
C MET C 227 -27.09 25.27 14.30
N LYS C 228 -27.76 24.12 14.27
CA LYS C 228 -27.10 22.88 13.90
C LYS C 228 -27.74 22.31 12.65
N ILE C 229 -26.97 22.27 11.57
CA ILE C 229 -27.48 21.78 10.29
C ILE C 229 -27.08 20.33 10.06
N TYR C 230 -28.06 19.50 9.71
CA TYR C 230 -27.81 18.09 9.47
C TYR C 230 -28.09 17.75 8.02
N TRP C 231 -27.62 16.57 7.60
CA TRP C 231 -27.86 16.11 6.25
C TRP C 231 -27.98 14.60 6.20
N SER C 232 -28.51 14.10 5.10
CA SER C 232 -28.65 12.67 4.90
C SER C 232 -28.84 12.37 3.43
N LEU C 233 -28.27 11.26 2.97
CA LEU C 233 -28.45 10.82 1.60
C LEU C 233 -29.62 9.88 1.50
N ILE C 234 -30.67 10.32 0.81
CA ILE C 234 -31.83 9.47 0.59
C ILE C 234 -31.62 8.64 -0.68
N HIS C 235 -31.72 7.33 -0.55
CA HIS C 235 -31.49 6.45 -1.69
C HIS C 235 -32.75 6.30 -2.51
N PRO C 236 -32.60 5.94 -3.80
CA PRO C 236 -33.75 5.75 -4.69
C PRO C 236 -34.80 4.82 -4.08
N GLY C 237 -36.01 5.32 -3.93
CA GLY C 237 -37.10 4.52 -3.39
C GLY C 237 -37.29 4.70 -1.90
N GLU C 238 -36.47 5.56 -1.30
CA GLU C 238 -36.57 5.82 0.13
C GLU C 238 -37.27 7.14 0.39
N MET C 239 -37.78 7.31 1.60
CA MET C 239 -38.52 8.50 1.97
C MET C 239 -38.18 8.98 3.38
N ILE C 240 -38.14 10.30 3.54
CA ILE C 240 -37.80 10.90 4.82
C ILE C 240 -38.89 11.89 5.26
N THR C 241 -39.40 11.70 6.48
CA THR C 241 -40.47 12.56 6.98
C THR C 241 -39.99 13.50 8.09
N PHE C 242 -40.43 14.75 8.02
CA PHE C 242 -40.09 15.75 9.04
C PHE C 242 -41.34 16.16 9.81
N GLU C 243 -41.26 16.09 11.13
CA GLU C 243 -42.35 16.57 11.98
C GLU C 243 -41.80 17.49 13.05
N SER C 244 -42.42 18.67 13.20
CA SER C 244 -41.91 19.65 14.15
C SER C 244 -42.98 20.60 14.67
N ASN C 245 -42.72 21.18 15.84
CA ASN C 245 -43.57 22.22 16.39
C ASN C 245 -42.75 23.42 16.86
N GLY C 246 -41.58 23.59 16.25
CA GLY C 246 -40.73 24.72 16.57
C GLY C 246 -39.25 24.46 16.45
N GLY C 247 -38.47 25.53 16.30
CA GLY C 247 -37.03 25.46 16.24
C GLY C 247 -36.48 24.63 15.10
N PHE C 248 -37.16 24.65 13.97
CA PHE C 248 -36.87 23.75 12.86
C PHE C 248 -36.56 24.49 11.56
N LEU C 249 -35.38 24.22 11.00
CA LEU C 249 -35.01 24.77 9.69
C LEU C 249 -35.35 23.73 8.63
N ALA C 250 -36.47 23.95 7.95
CA ALA C 250 -37.01 22.95 7.03
C ALA C 250 -36.25 22.85 5.72
N PRO C 251 -36.19 21.64 5.15
CA PRO C 251 -35.57 21.38 3.84
C PRO C 251 -36.41 21.94 2.70
N ARG C 252 -35.79 22.77 1.87
CA ARG C 252 -36.44 23.25 0.67
C ARG C 252 -35.78 22.65 -0.57
N TYR C 253 -34.51 22.98 -0.78
CA TYR C 253 -33.76 22.43 -1.90
C TYR C 253 -32.84 21.31 -1.46
N GLY C 254 -32.80 20.25 -2.26
CA GLY C 254 -31.85 19.16 -2.07
C GLY C 254 -31.02 19.01 -3.33
N TYR C 255 -30.18 17.97 -3.37
CA TYR C 255 -29.33 17.75 -4.54
C TYR C 255 -29.45 16.32 -5.06
N ILE C 256 -29.64 16.19 -6.36
CA ILE C 256 -29.65 14.88 -7.00
C ILE C 256 -28.25 14.58 -7.52
N ILE C 257 -27.64 13.50 -7.02
CA ILE C 257 -26.23 13.24 -7.31
C ILE C 257 -25.97 11.81 -7.79
N GLU C 258 -25.03 11.69 -8.72
CA GLU C 258 -24.64 10.38 -9.26
C GLU C 258 -23.14 10.40 -9.55
N GLU C 259 -22.47 9.28 -9.31
CA GLU C 259 -21.02 9.20 -9.45
C GLU C 259 -20.34 10.35 -8.72
N TYR C 260 -20.26 10.26 -7.39
CA TYR C 260 -19.70 11.32 -6.59
C TYR C 260 -18.53 10.84 -5.74
N GLY C 261 -17.89 11.77 -5.04
CA GLY C 261 -16.69 11.48 -4.28
C GLY C 261 -15.51 11.24 -5.20
N LYS C 262 -15.64 11.74 -6.43
CA LYS C 262 -14.65 11.50 -7.48
C LYS C 262 -13.67 12.65 -7.62
N GLY C 263 -13.72 13.60 -6.69
CA GLY C 263 -12.97 14.82 -6.87
C GLY C 263 -11.95 15.13 -5.80
N ARG C 264 -11.78 16.41 -5.53
CA ARG C 264 -10.80 16.91 -4.59
C ARG C 264 -11.18 18.34 -4.30
N ILE C 265 -10.89 18.81 -3.10
CA ILE C 265 -11.13 20.21 -2.77
C ILE C 265 -9.78 20.90 -2.63
N PHE C 266 -9.32 21.49 -3.72
CA PHE C 266 -8.05 22.20 -3.72
C PHE C 266 -8.21 23.56 -3.06
N GLN C 267 -7.21 23.95 -2.29
CA GLN C 267 -7.25 25.24 -1.60
C GLN C 267 -6.05 26.09 -1.99
N SER C 268 -5.46 25.75 -3.13
CA SER C 268 -4.26 26.43 -3.59
C SER C 268 -4.62 27.76 -4.24
N ARG C 269 -3.83 28.78 -3.92
CA ARG C 269 -4.07 30.13 -4.44
C ARG C 269 -3.40 30.35 -5.79
N ILE C 270 -3.77 29.51 -6.75
CA ILE C 270 -3.29 29.68 -8.12
C ILE C 270 -4.48 29.99 -9.00
N ARG C 271 -4.19 30.46 -10.21
CA ARG C 271 -5.23 30.98 -11.09
C ARG C 271 -5.94 29.91 -11.91
N MET C 272 -7.22 30.16 -12.20
CA MET C 272 -8.00 29.29 -13.08
C MET C 272 -7.75 29.69 -14.54
N SER C 273 -8.00 28.77 -15.48
CA SER C 273 -7.60 28.99 -16.87
C SER C 273 -8.40 28.18 -17.89
N ARG C 274 -8.18 28.48 -19.17
CA ARG C 274 -8.95 27.86 -20.26
C ARG C 274 -8.35 26.52 -20.70
N CYS C 275 -7.22 26.13 -20.13
CA CYS C 275 -6.55 24.89 -20.50
C CYS C 275 -7.39 23.68 -20.12
N ASN C 276 -6.98 22.51 -20.61
CA ASN C 276 -7.61 21.25 -20.24
C ASN C 276 -6.56 20.15 -20.15
N THR C 277 -6.50 19.49 -19.00
CA THR C 277 -5.54 18.42 -18.78
C THR C 277 -6.23 17.15 -18.29
N LYS C 278 -5.47 16.05 -18.24
CA LYS C 278 -6.01 14.80 -17.72
C LYS C 278 -5.60 14.59 -16.26
N CYS C 279 -4.73 15.48 -15.77
CA CYS C 279 -4.26 15.41 -14.39
C CYS C 279 -4.12 16.79 -13.77
N GLN C 280 -4.84 17.05 -12.69
CA GLN C 280 -4.74 18.32 -11.98
C GLN C 280 -4.03 18.15 -10.64
N THR C 281 -3.09 19.03 -10.34
CA THR C 281 -2.43 19.02 -9.04
C THR C 281 -2.73 20.33 -8.33
N SER C 282 -2.37 20.41 -7.05
CA SER C 282 -2.60 21.63 -6.28
C SER C 282 -1.61 22.71 -6.72
N VAL C 283 -0.85 22.42 -7.78
CA VAL C 283 0.20 23.32 -8.21
C VAL C 283 0.05 23.70 -9.69
N GLY C 284 -0.69 22.87 -10.43
CA GLY C 284 -0.96 23.13 -11.82
C GLY C 284 -1.41 21.89 -12.56
N GLY C 285 -1.84 22.07 -13.81
CA GLY C 285 -2.29 20.96 -14.63
C GLY C 285 -1.13 20.23 -15.28
N ILE C 286 -1.30 18.94 -15.52
CA ILE C 286 -0.26 18.12 -16.11
C ILE C 286 -0.78 17.39 -17.34
N ASN C 287 -0.16 17.66 -18.49
CA ASN C 287 -0.49 16.93 -19.71
C ASN C 287 0.75 16.27 -20.28
N THR C 288 0.81 14.95 -20.14
CA THR C 288 2.00 14.20 -20.53
C THR C 288 1.66 12.74 -20.78
N ASN C 289 2.50 12.07 -21.56
CA ASN C 289 2.35 10.63 -21.78
C ASN C 289 3.27 9.84 -20.86
N ARG C 290 4.10 10.56 -20.12
CA ARG C 290 4.98 9.94 -19.13
C ARG C 290 4.17 9.40 -17.96
N THR C 291 4.71 8.37 -17.31
CA THR C 291 3.96 7.68 -16.25
C THR C 291 4.43 8.02 -14.84
N PHE C 292 5.41 8.92 -14.73
CA PHE C 292 5.86 9.40 -13.43
C PHE C 292 5.89 10.92 -13.38
N GLN C 293 5.92 11.46 -12.16
CA GLN C 293 5.93 12.90 -11.96
C GLN C 293 6.44 13.22 -10.56
N ASN C 294 7.22 14.30 -10.43
CA ASN C 294 7.75 14.69 -9.14
C ASN C 294 7.37 16.12 -8.73
N ILE C 295 6.24 16.57 -9.24
CA ILE C 295 5.80 17.96 -9.08
C ILE C 295 5.02 18.18 -7.79
N ASP C 296 4.07 17.29 -7.52
CA ASP C 296 3.16 17.47 -6.40
C ASP C 296 2.46 16.17 -6.04
N LYS C 297 2.52 15.81 -4.76
CA LYS C 297 1.85 14.60 -4.27
C LYS C 297 0.33 14.73 -4.34
N ASN C 298 -0.19 15.95 -4.27
CA ASN C 298 -1.64 16.19 -4.33
C ASN C 298 -2.10 16.30 -5.79
N ALA C 299 -2.60 15.18 -6.33
CA ALA C 299 -2.96 15.11 -7.74
C ALA C 299 -4.25 14.33 -7.94
N LEU C 300 -4.97 14.66 -9.00
CA LEU C 300 -6.28 14.06 -9.26
C LEU C 300 -6.46 13.76 -10.74
N GLY C 301 -7.07 12.61 -11.03
CA GLY C 301 -7.40 12.25 -12.39
C GLY C 301 -6.51 11.16 -12.97
N ASP C 302 -6.40 11.14 -14.29
CA ASP C 302 -5.55 10.18 -15.00
C ASP C 302 -4.10 10.65 -14.94
N CYS C 303 -3.49 10.49 -13.77
CA CYS C 303 -2.18 11.08 -13.49
C CYS C 303 -1.05 10.09 -13.59
N PRO C 304 0.16 10.59 -13.87
CA PRO C 304 1.37 9.81 -13.67
C PRO C 304 1.54 9.63 -12.17
N LYS C 305 2.19 8.55 -11.75
CA LYS C 305 2.42 8.33 -10.33
C LYS C 305 3.41 9.35 -9.81
N TYR C 306 3.09 9.98 -8.68
CA TYR C 306 4.05 10.86 -8.03
C TYR C 306 5.11 10.03 -7.34
N ILE C 307 6.37 10.41 -7.52
CA ILE C 307 7.48 9.71 -6.86
C ILE C 307 8.50 10.70 -6.34
N LYS C 308 9.17 10.34 -5.26
CA LYS C 308 10.17 11.19 -4.64
C LYS C 308 11.51 10.93 -5.27
N SER C 309 11.81 11.67 -6.34
CA SER C 309 13.01 11.40 -7.13
C SER C 309 13.38 12.57 -8.02
N GLY C 310 14.68 12.72 -8.26
CA GLY C 310 15.14 13.63 -9.30
C GLY C 310 14.84 12.99 -10.64
N GLN C 311 15.11 13.71 -11.72
CA GLN C 311 14.86 13.18 -13.06
C GLN C 311 15.56 11.82 -13.26
N LEU C 312 14.87 10.91 -13.94
CA LEU C 312 15.41 9.59 -14.23
C LEU C 312 15.59 9.41 -15.74
N LYS C 313 16.83 9.28 -16.17
CA LYS C 313 17.13 9.14 -17.59
C LYS C 313 17.28 7.69 -18.00
N LEU C 314 16.45 7.26 -18.94
CA LEU C 314 16.52 5.92 -19.50
C LEU C 314 17.43 5.93 -20.72
N ALA C 315 18.46 5.09 -20.72
CA ALA C 315 19.37 5.02 -21.86
C ALA C 315 18.67 4.38 -23.05
N THR C 316 18.87 4.96 -24.22
CA THR C 316 18.35 4.38 -25.46
C THR C 316 19.50 4.03 -26.40
N GLY C 317 20.50 4.89 -26.44
CA GLY C 317 21.68 4.65 -27.27
C GLY C 317 22.68 3.74 -26.58
N LEU C 318 23.92 3.81 -27.02
CA LEU C 318 24.97 2.99 -26.43
C LEU C 318 25.97 3.86 -25.70
N ARG C 319 26.94 3.24 -25.05
CA ARG C 319 27.97 3.99 -24.35
C ARG C 319 28.72 4.88 -25.33
N ASN C 320 28.82 6.16 -25.00
CA ASN C 320 29.49 7.13 -25.86
C ASN C 320 30.98 7.17 -25.58
N VAL C 321 31.73 6.35 -26.31
CA VAL C 321 33.18 6.29 -26.14
C VAL C 321 33.88 6.97 -27.33
N PRO C 322 34.66 8.02 -27.04
CA PRO C 322 35.33 8.87 -28.04
C PRO C 322 36.10 8.09 -29.11
N ALA C 323 36.27 8.72 -30.27
CA ALA C 323 36.94 8.09 -31.41
C ALA C 323 38.44 7.90 -31.17
N ILE C 324 38.94 6.75 -31.62
CA ILE C 324 40.35 6.40 -31.47
C ILE C 324 41.27 7.52 -31.99
N LEU D 1 28.78 -8.03 -19.73
CA LEU D 1 29.56 -7.30 -20.72
C LEU D 1 30.23 -8.23 -21.72
N PHE D 2 30.31 -7.80 -22.97
CA PHE D 2 30.75 -8.67 -24.06
C PHE D 2 32.08 -8.24 -24.68
N GLY D 3 32.71 -7.24 -24.08
CA GLY D 3 34.08 -6.88 -24.40
C GLY D 3 34.31 -6.20 -25.73
N ALA D 4 33.23 -5.82 -26.40
CA ALA D 4 33.32 -5.17 -27.70
C ALA D 4 33.40 -3.65 -27.57
N ILE D 5 32.28 -3.02 -27.23
CA ILE D 5 32.23 -1.57 -27.07
C ILE D 5 33.14 -1.14 -25.91
N ALA D 6 34.00 -0.16 -26.17
CA ALA D 6 34.99 0.27 -25.20
C ALA D 6 35.87 -0.91 -24.80
N GLY D 7 35.84 -1.95 -25.62
CA GLY D 7 36.64 -3.15 -25.39
C GLY D 7 37.73 -3.27 -26.44
N PHE D 8 37.69 -4.36 -27.21
CA PHE D 8 38.71 -4.56 -28.24
C PHE D 8 38.53 -3.61 -29.42
N ILE D 9 37.31 -3.14 -29.63
CA ILE D 9 37.05 -2.02 -30.54
C ILE D 9 37.02 -0.78 -29.66
N GLU D 10 38.16 -0.11 -29.55
CA GLU D 10 38.37 0.84 -28.46
C GLU D 10 37.78 2.23 -28.64
N GLY D 11 37.13 2.47 -29.77
CA GLY D 11 36.57 3.78 -30.03
C GLY D 11 35.35 3.78 -30.94
N GLY D 12 34.54 4.83 -30.81
CA GLY D 12 33.36 4.98 -31.64
C GLY D 12 33.70 5.70 -32.93
N TRP D 13 32.71 5.79 -33.82
CA TRP D 13 32.88 6.50 -35.07
C TRP D 13 31.94 7.70 -35.15
N PRO D 14 32.47 8.92 -34.99
CA PRO D 14 31.65 10.08 -35.34
C PRO D 14 31.40 10.00 -36.84
N GLY D 15 30.30 10.58 -37.30
CA GLY D 15 30.03 10.58 -38.73
C GLY D 15 29.61 9.21 -39.22
N LEU D 16 29.10 8.38 -38.30
CA LEU D 16 28.38 7.18 -38.69
C LEU D 16 26.91 7.60 -38.79
N ILE D 17 26.42 7.74 -40.02
CA ILE D 17 25.09 8.33 -40.24
C ILE D 17 23.96 7.31 -40.28
N ASN D 18 22.85 7.67 -39.65
CA ASN D 18 21.63 6.84 -39.65
C ASN D 18 21.84 5.40 -39.17
N GLY D 19 22.59 5.24 -38.10
CA GLY D 19 22.86 3.91 -37.59
C GLY D 19 23.67 3.89 -36.30
N TRP D 20 23.54 2.80 -35.55
CA TRP D 20 24.32 2.60 -34.35
C TRP D 20 25.57 1.76 -34.62
N TYR D 21 25.42 0.71 -35.42
CA TYR D 21 26.55 -0.12 -35.81
C TYR D 21 26.77 -0.06 -37.32
N GLY D 22 27.97 -0.36 -37.77
CA GLY D 22 28.26 -0.31 -39.19
C GLY D 22 29.66 -0.76 -39.58
N PHE D 23 30.04 -0.43 -40.81
CA PHE D 23 31.33 -0.83 -41.36
C PHE D 23 32.13 0.35 -41.89
N GLN D 24 33.45 0.20 -41.85
CA GLN D 24 34.35 1.17 -42.47
C GLN D 24 35.34 0.40 -43.34
N HIS D 25 35.31 0.65 -44.65
CA HIS D 25 36.18 -0.08 -45.57
C HIS D 25 37.23 0.81 -46.21
N GLN D 26 38.26 0.17 -46.76
CA GLN D 26 39.24 0.88 -47.56
C GLN D 26 39.91 -0.05 -48.57
N ASN D 27 39.51 0.09 -49.83
CA ASN D 27 40.19 -0.59 -50.93
C ASN D 27 40.94 0.43 -51.78
N GLU D 28 41.49 -0.01 -52.91
CA GLU D 28 42.26 0.89 -53.77
C GLU D 28 41.47 2.13 -54.14
N GLN D 29 40.14 2.03 -54.09
CA GLN D 29 39.28 3.07 -54.66
C GLN D 29 38.36 3.79 -53.68
N GLY D 30 38.83 4.07 -52.46
CA GLY D 30 38.11 4.96 -51.57
C GLY D 30 37.65 4.44 -50.21
N THR D 31 36.87 5.28 -49.53
CA THR D 31 36.39 5.04 -48.18
C THR D 31 35.10 5.84 -48.00
N GLY D 32 34.10 5.29 -47.32
CA GLY D 32 34.17 3.96 -46.73
C GLY D 32 33.55 3.89 -45.35
N ILE D 33 32.30 4.32 -45.23
CA ILE D 33 31.53 4.21 -43.98
C ILE D 33 30.03 4.05 -44.24
N ALA D 34 29.45 2.98 -43.71
CA ALA D 34 28.03 2.71 -43.91
C ALA D 34 27.43 2.00 -42.69
N ALA D 35 26.21 2.38 -42.35
CA ALA D 35 25.51 1.74 -41.25
C ALA D 35 25.00 0.36 -41.67
N ASP D 36 24.90 -0.56 -40.70
CA ASP D 36 24.31 -1.86 -40.97
C ASP D 36 22.82 -1.82 -40.63
N LYS D 37 22.00 -1.49 -41.62
CA LYS D 37 20.57 -1.32 -41.39
C LYS D 37 19.91 -2.51 -40.70
N GLU D 38 20.36 -3.72 -41.06
CA GLU D 38 19.83 -4.95 -40.48
C GLU D 38 19.90 -4.97 -38.95
N SER D 39 21.11 -4.96 -38.41
CA SER D 39 21.30 -5.06 -36.97
C SER D 39 20.88 -3.78 -36.24
N THR D 40 21.05 -2.64 -36.89
CA THR D 40 20.65 -1.37 -36.27
C THR D 40 19.14 -1.30 -36.07
N GLN D 41 18.39 -1.61 -37.11
CA GLN D 41 16.93 -1.56 -37.08
C GLN D 41 16.40 -2.54 -36.05
N LYS D 42 17.01 -3.72 -35.99
CA LYS D 42 16.61 -4.74 -35.03
C LYS D 42 16.81 -4.28 -33.59
N ALA D 43 17.91 -3.57 -33.36
CA ALA D 43 18.20 -3.00 -32.04
C ALA D 43 17.23 -1.87 -31.71
N ILE D 44 16.90 -1.07 -32.72
CA ILE D 44 15.95 0.02 -32.52
C ILE D 44 14.58 -0.51 -32.16
N ASP D 45 14.19 -1.62 -32.76
CA ASP D 45 12.90 -2.23 -32.48
C ASP D 45 12.86 -2.77 -31.04
N GLN D 46 14.00 -3.24 -30.56
CA GLN D 46 14.08 -3.79 -29.21
C GLN D 46 13.99 -2.70 -28.16
N ILE D 47 14.75 -1.62 -28.36
CA ILE D 47 14.72 -0.49 -27.45
C ILE D 47 13.34 0.12 -27.40
N THR D 48 12.67 0.15 -28.55
CA THR D 48 11.34 0.71 -28.65
C THR D 48 10.33 -0.15 -27.90
N THR D 49 10.44 -1.46 -28.08
CA THR D 49 9.55 -2.39 -27.38
C THR D 49 9.78 -2.32 -25.87
N LYS D 50 11.05 -2.24 -25.47
CA LYS D 50 11.38 -2.06 -24.07
C LYS D 50 10.69 -0.82 -23.49
N ILE D 51 10.97 0.35 -24.06
CA ILE D 51 10.38 1.61 -23.62
C ILE D 51 8.85 1.55 -23.57
N ASN D 52 8.24 1.04 -24.63
CA ASN D 52 6.79 0.92 -24.69
C ASN D 52 6.22 0.02 -23.59
N ASN D 53 6.88 -1.09 -23.31
CA ASN D 53 6.45 -1.99 -22.24
C ASN D 53 6.53 -1.31 -20.88
N ILE D 54 7.67 -0.71 -20.59
CA ILE D 54 7.87 -0.02 -19.32
C ILE D 54 6.76 0.99 -19.04
N ILE D 55 6.33 1.68 -20.09
CA ILE D 55 5.33 2.74 -19.95
C ILE D 55 3.89 2.29 -20.13
N ASP D 56 3.64 1.46 -21.15
CA ASP D 56 2.29 1.03 -21.46
C ASP D 56 1.72 0.08 -20.42
N LYS D 57 2.60 -0.58 -19.67
CA LYS D 57 2.14 -1.55 -18.67
C LYS D 57 1.65 -0.85 -17.40
N MET D 58 1.97 0.43 -17.26
CA MET D 58 1.46 1.22 -16.13
C MET D 58 0.11 1.81 -16.47
N ASN D 59 -0.93 0.99 -16.36
CA ASN D 59 -2.25 1.41 -16.77
C ASN D 59 -3.26 1.38 -15.63
N GLY D 60 -2.77 1.54 -14.41
CA GLY D 60 -3.64 1.58 -13.25
C GLY D 60 -3.92 3.01 -12.84
N ASN D 61 -4.47 3.17 -11.63
CA ASN D 61 -4.78 4.47 -11.06
C ASN D 61 -3.68 4.95 -10.13
N TYR D 62 -3.06 6.09 -10.45
CA TYR D 62 -1.91 6.56 -9.71
C TYR D 62 -2.03 7.95 -9.07
N ASP D 63 -3.22 8.54 -9.06
CA ASP D 63 -3.38 9.79 -8.32
C ASP D 63 -3.36 9.51 -6.82
N SER D 64 -3.40 10.59 -6.03
CA SER D 64 -3.28 10.49 -4.58
C SER D 64 -4.28 9.54 -3.96
N ILE D 65 -3.85 8.89 -2.88
CA ILE D 65 -4.75 8.23 -1.96
C ILE D 65 -5.06 9.23 -0.85
N ARG D 66 -6.16 9.96 -1.00
CA ARG D 66 -6.55 10.91 0.04
C ARG D 66 -8.04 11.22 0.00
N GLY D 67 -8.58 11.60 1.15
CA GLY D 67 -9.98 11.99 1.24
C GLY D 67 -10.11 13.37 1.84
N GLU D 68 -11.35 13.77 2.12
CA GLU D 68 -11.58 15.04 2.78
C GLU D 68 -11.88 14.79 4.26
N PHE D 69 -11.25 15.57 5.13
CA PHE D 69 -11.46 15.43 6.56
C PHE D 69 -11.58 16.80 7.21
N ASN D 70 -12.38 16.89 8.27
CA ASN D 70 -12.40 18.10 9.07
C ASN D 70 -11.28 18.04 10.10
N GLN D 71 -11.17 19.07 10.95
CA GLN D 71 -10.06 19.15 11.89
C GLN D 71 -10.25 18.28 13.14
N VAL D 72 -11.38 17.58 13.22
CA VAL D 72 -11.64 16.72 14.37
C VAL D 72 -11.28 15.26 14.10
N GLU D 73 -11.03 14.95 12.84
CA GLU D 73 -10.64 13.59 12.45
C GLU D 73 -9.20 13.54 11.95
N LYS D 74 -8.28 13.92 12.83
CA LYS D 74 -6.85 13.99 12.50
C LYS D 74 -6.21 12.61 12.31
N ARG D 75 -6.57 11.66 13.16
CA ARG D 75 -5.98 10.33 13.12
C ARG D 75 -6.23 9.66 11.78
N ILE D 76 -7.50 9.56 11.40
CA ILE D 76 -7.86 8.93 10.13
C ILE D 76 -7.20 9.69 8.99
N ASN D 77 -7.04 10.99 9.16
CA ASN D 77 -6.40 11.86 8.17
C ASN D 77 -4.91 11.56 8.07
N MET D 78 -4.29 11.27 9.22
CA MET D 78 -2.86 10.98 9.27
C MET D 78 -2.52 9.61 8.72
N LEU D 79 -3.42 8.65 8.93
CA LEU D 79 -3.25 7.31 8.39
C LEU D 79 -3.39 7.34 6.88
N ALA D 80 -4.38 8.09 6.39
CA ALA D 80 -4.59 8.20 4.96
C ALA D 80 -3.33 8.74 4.30
N ASP D 81 -2.73 9.76 4.91
CA ASP D 81 -1.51 10.35 4.37
C ASP D 81 -0.33 9.38 4.47
N ARG D 82 -0.25 8.63 5.56
CA ARG D 82 0.85 7.71 5.73
C ARG D 82 0.79 6.58 4.71
N ILE D 83 -0.42 6.16 4.38
CA ILE D 83 -0.61 5.09 3.41
C ILE D 83 -0.27 5.60 2.01
N ASP D 84 -0.77 6.79 1.67
CA ASP D 84 -0.42 7.43 0.41
C ASP D 84 1.10 7.51 0.29
N ASP D 85 1.75 7.92 1.36
CA ASP D 85 3.20 8.06 1.38
C ASP D 85 3.90 6.72 1.18
N ALA D 86 3.37 5.67 1.81
CA ALA D 86 3.96 4.34 1.73
C ALA D 86 3.88 3.80 0.31
N VAL D 87 2.72 3.98 -0.32
CA VAL D 87 2.54 3.57 -1.70
C VAL D 87 3.50 4.33 -2.61
N THR D 88 3.69 5.60 -2.31
CA THR D 88 4.61 6.44 -3.08
C THR D 88 6.06 5.98 -2.89
N ASP D 89 6.39 5.50 -1.70
CA ASP D 89 7.75 5.03 -1.44
C ASP D 89 8.06 3.74 -2.18
N ILE D 90 7.05 2.90 -2.37
CA ILE D 90 7.21 1.68 -3.13
C ILE D 90 7.52 1.96 -4.60
N TRP D 91 6.71 2.83 -5.21
CA TRP D 91 6.91 3.22 -6.61
C TRP D 91 8.22 3.96 -6.82
N SER D 92 8.60 4.80 -5.86
CA SER D 92 9.84 5.56 -5.94
C SER D 92 11.05 4.64 -6.07
N TYR D 93 11.16 3.70 -5.15
CA TYR D 93 12.28 2.76 -5.15
C TYR D 93 12.29 1.88 -6.39
N ASN D 94 11.13 1.39 -6.79
CA ASN D 94 11.02 0.56 -7.99
C ASN D 94 11.43 1.32 -9.25
N ALA D 95 11.02 2.58 -9.36
CA ALA D 95 11.35 3.40 -10.53
C ALA D 95 12.85 3.64 -10.65
N LYS D 96 13.48 4.04 -9.55
CA LYS D 96 14.91 4.27 -9.53
C LYS D 96 15.68 3.00 -9.89
N LEU D 97 15.29 1.88 -9.30
CA LEU D 97 15.98 0.61 -9.51
C LEU D 97 15.74 0.04 -10.91
N LEU D 98 14.53 0.20 -11.41
CA LEU D 98 14.21 -0.34 -12.73
C LEU D 98 15.06 0.34 -13.79
N VAL D 99 15.16 1.66 -13.68
CA VAL D 99 15.97 2.45 -14.62
C VAL D 99 17.44 2.09 -14.53
N LEU D 100 17.96 1.90 -13.32
CA LEU D 100 19.35 1.50 -13.15
C LEU D 100 19.60 0.12 -13.77
N LEU D 101 18.69 -0.82 -13.49
CA LEU D 101 18.80 -2.18 -14.02
C LEU D 101 18.67 -2.19 -15.54
N GLU D 102 17.76 -1.38 -16.05
CA GLU D 102 17.51 -1.34 -17.48
C GLU D 102 18.62 -0.64 -18.26
N ASN D 103 19.16 0.43 -17.71
CA ASN D 103 20.31 1.09 -18.35
C ASN D 103 21.48 0.12 -18.43
N ASP D 104 21.67 -0.64 -17.36
CA ASP D 104 22.69 -1.67 -17.32
C ASP D 104 22.51 -2.62 -18.50
N LYS D 105 21.28 -3.11 -18.68
CA LYS D 105 21.00 -4.08 -19.73
C LYS D 105 21.01 -3.50 -21.14
N THR D 106 20.69 -2.22 -21.27
CA THR D 106 20.65 -1.57 -22.58
C THR D 106 22.05 -1.41 -23.17
N LEU D 107 22.97 -0.89 -22.36
CA LEU D 107 24.36 -0.75 -22.80
C LEU D 107 24.99 -2.09 -23.16
N ASP D 108 24.77 -3.10 -22.33
CA ASP D 108 25.30 -4.44 -22.58
C ASP D 108 24.69 -5.05 -23.85
N MET D 109 23.43 -4.72 -24.13
CA MET D 109 22.79 -5.21 -25.33
C MET D 109 23.52 -4.69 -26.56
N HIS D 110 23.79 -3.38 -26.57
CA HIS D 110 24.54 -2.76 -27.65
C HIS D 110 25.91 -3.40 -27.80
N ASP D 111 26.57 -3.61 -26.66
CA ASP D 111 27.87 -4.27 -26.64
C ASP D 111 27.76 -5.64 -27.32
N ALA D 112 26.73 -6.41 -26.96
CA ALA D 112 26.50 -7.73 -27.54
C ALA D 112 26.23 -7.65 -29.05
N ASN D 113 25.53 -6.60 -29.47
CA ASN D 113 25.16 -6.44 -30.87
C ASN D 113 26.35 -6.20 -31.80
N VAL D 114 27.25 -5.31 -31.40
CA VAL D 114 28.43 -5.05 -32.22
C VAL D 114 29.39 -6.22 -32.16
N LYS D 115 29.36 -6.96 -31.06
CA LYS D 115 30.22 -8.14 -30.94
C LYS D 115 29.72 -9.28 -31.82
N ASN D 116 28.40 -9.44 -31.90
CA ASN D 116 27.80 -10.42 -32.80
C ASN D 116 27.95 -10.03 -34.26
N LEU D 117 28.07 -8.73 -34.51
CA LEU D 117 28.29 -8.24 -35.86
C LEU D 117 29.73 -8.53 -36.29
N HIS D 118 30.67 -8.26 -35.39
CA HIS D 118 32.08 -8.54 -35.63
C HIS D 118 32.32 -10.02 -35.86
N GLU D 119 31.69 -10.86 -35.05
CA GLU D 119 31.81 -12.31 -35.20
C GLU D 119 31.19 -12.78 -36.50
N GLN D 120 30.14 -12.09 -36.95
CA GLN D 120 29.46 -12.46 -38.18
C GLN D 120 30.37 -12.22 -39.39
N VAL D 121 31.11 -11.12 -39.36
CA VAL D 121 32.04 -10.81 -40.44
C VAL D 121 33.22 -11.78 -40.42
N ARG D 122 33.69 -12.10 -39.22
CA ARG D 122 34.82 -13.01 -39.05
C ARG D 122 34.49 -14.40 -39.60
N ARG D 123 33.24 -14.83 -39.43
CA ARG D 123 32.81 -16.13 -39.94
C ARG D 123 32.70 -16.13 -41.46
N GLU D 124 32.30 -15.00 -42.03
CA GLU D 124 32.22 -14.85 -43.48
C GLU D 124 33.56 -15.07 -44.14
N LEU D 125 34.55 -14.30 -43.69
CA LEU D 125 35.86 -14.26 -44.33
C LEU D 125 36.64 -15.56 -44.12
N LYS D 126 36.59 -16.09 -42.90
CA LYS D 126 37.34 -17.29 -42.56
C LYS D 126 38.79 -16.89 -42.90
N ASP D 127 39.46 -17.75 -43.66
CA ASP D 127 40.91 -17.67 -43.86
C ASP D 127 41.28 -16.60 -44.89
N ASN D 128 40.29 -15.92 -45.44
CA ASN D 128 40.53 -14.90 -46.43
C ASN D 128 40.90 -13.55 -45.82
N ALA D 129 41.04 -13.51 -44.50
CA ALA D 129 41.39 -12.27 -43.82
C ALA D 129 42.14 -12.50 -42.52
N ILE D 130 42.89 -11.51 -42.11
CA ILE D 130 43.58 -11.54 -40.82
C ILE D 130 42.81 -10.72 -39.82
N ASP D 131 42.51 -11.30 -38.67
CA ASP D 131 41.83 -10.58 -37.60
C ASP D 131 42.83 -9.75 -36.81
N GLU D 132 42.69 -8.43 -36.90
CA GLU D 132 43.64 -7.52 -36.26
C GLU D 132 43.36 -7.29 -34.78
N GLY D 133 42.23 -7.83 -34.31
CA GLY D 133 41.89 -7.76 -32.89
C GLY D 133 41.53 -6.37 -32.41
N ASN D 134 40.95 -5.57 -33.30
CA ASN D 134 40.52 -4.22 -32.94
C ASN D 134 39.31 -3.79 -33.76
N GLY D 135 38.63 -4.76 -34.36
CA GLY D 135 37.45 -4.50 -35.14
C GLY D 135 37.71 -4.51 -36.63
N CYS D 136 39.00 -4.52 -36.99
CA CYS D 136 39.38 -4.48 -38.40
C CYS D 136 39.80 -5.83 -38.95
N PHE D 137 39.55 -6.03 -40.24
CA PHE D 137 39.96 -7.25 -40.94
C PHE D 137 40.82 -6.88 -42.14
N GLU D 138 42.02 -7.45 -42.20
CA GLU D 138 42.91 -7.23 -43.33
C GLU D 138 42.73 -8.33 -44.37
N LEU D 139 42.10 -7.99 -45.49
CA LEU D 139 41.85 -8.94 -46.56
C LEU D 139 43.15 -9.43 -47.19
N LEU D 140 43.20 -10.71 -47.55
CA LEU D 140 44.39 -11.29 -48.16
C LEU D 140 44.31 -11.24 -49.68
N HIS D 141 43.13 -10.93 -50.20
CA HIS D 141 42.94 -10.74 -51.63
C HIS D 141 42.44 -9.33 -51.88
N LYS D 142 42.13 -9.01 -53.12
CA LYS D 142 41.60 -7.69 -53.47
C LYS D 142 40.09 -7.70 -53.38
N CYS D 143 39.52 -6.57 -52.96
CA CYS D 143 38.08 -6.49 -52.73
C CYS D 143 37.44 -5.31 -53.46
N ASN D 144 36.66 -5.63 -54.50
CA ASN D 144 35.88 -4.64 -55.22
C ASN D 144 35.02 -3.80 -54.28
N ASP D 145 34.40 -2.74 -54.81
CA ASP D 145 33.37 -2.04 -54.08
C ASP D 145 32.16 -2.95 -54.01
N SER D 146 32.10 -3.91 -54.93
CA SER D 146 31.02 -4.88 -54.97
C SER D 146 31.34 -6.03 -54.01
N CYS D 147 32.63 -6.28 -53.81
CA CYS D 147 33.09 -7.27 -52.86
C CYS D 147 32.76 -6.81 -51.43
N MET D 148 33.11 -5.56 -51.13
CA MET D 148 32.81 -4.97 -49.83
C MET D 148 31.32 -5.11 -49.50
N GLU D 149 30.47 -4.86 -50.48
CA GLU D 149 29.02 -4.91 -50.28
C GLU D 149 28.51 -6.31 -49.96
N THR D 150 29.14 -7.33 -50.53
CA THR D 150 28.77 -8.70 -50.24
C THR D 150 29.18 -9.09 -48.83
N ILE D 151 30.25 -8.48 -48.34
CA ILE D 151 30.70 -8.69 -46.98
C ILE D 151 29.72 -8.04 -46.02
N ARG D 152 29.28 -6.83 -46.37
CA ARG D 152 28.34 -6.08 -45.55
C ARG D 152 26.97 -6.75 -45.48
N ASN D 153 26.50 -7.29 -46.60
CA ASN D 153 25.16 -7.87 -46.65
C ASN D 153 25.13 -9.37 -46.33
N GLY D 154 26.26 -9.91 -45.90
CA GLY D 154 26.32 -11.27 -45.40
C GLY D 154 26.40 -12.39 -46.43
N THR D 155 26.51 -12.04 -47.71
CA THR D 155 26.50 -13.04 -48.78
C THR D 155 27.90 -13.46 -49.25
N TYR D 156 28.92 -12.73 -48.82
CA TYR D 156 30.30 -13.01 -49.20
C TYR D 156 30.64 -14.50 -49.09
N ASP D 157 31.05 -15.10 -50.20
CA ASP D 157 31.40 -16.52 -50.23
C ASP D 157 32.93 -16.72 -50.22
N HIS D 158 33.43 -17.37 -49.18
CA HIS D 158 34.87 -17.51 -48.99
C HIS D 158 35.52 -18.42 -50.03
N THR D 159 34.73 -19.24 -50.71
CA THR D 159 35.26 -20.17 -51.69
C THR D 159 35.67 -19.45 -52.98
N GLU D 160 34.96 -18.37 -53.28
CA GLU D 160 35.18 -17.58 -54.48
C GLU D 160 36.40 -16.66 -54.38
N TYR D 161 37.30 -16.94 -53.46
CA TYR D 161 38.48 -16.10 -53.26
C TYR D 161 39.66 -16.88 -52.68
N ALA D 162 39.40 -18.13 -52.28
CA ALA D 162 40.35 -18.92 -51.51
C ALA D 162 41.81 -18.86 -51.98
N GLU D 163 42.03 -18.77 -53.28
CA GLU D 163 43.37 -18.95 -53.85
C GLU D 163 44.31 -17.75 -53.74
N GLU D 164 43.78 -16.54 -53.89
CA GLU D 164 44.61 -15.34 -53.83
C GLU D 164 45.18 -15.15 -52.42
N SER D 165 44.74 -16.00 -51.50
CA SER D 165 45.22 -15.96 -50.13
C SER D 165 46.31 -16.99 -49.89
N ILE E 1 59.97 -28.31 -21.24
CA ILE E 1 58.75 -27.62 -21.68
C ILE E 1 58.99 -26.13 -21.93
N GLN E 2 57.96 -25.41 -22.31
CA GLN E 2 58.14 -24.03 -22.70
C GLN E 2 57.68 -23.05 -21.64
N ASP E 3 57.81 -21.77 -21.93
CA ASP E 3 57.31 -20.73 -21.03
C ASP E 3 55.80 -20.63 -21.22
N ARG E 4 55.09 -20.37 -20.12
CA ARG E 4 53.66 -20.33 -20.16
C ARG E 4 53.07 -19.30 -19.25
N ILE E 5 51.93 -18.76 -19.64
CA ILE E 5 51.20 -17.81 -18.81
C ILE E 5 49.73 -18.19 -18.75
N CYS E 6 49.16 -18.13 -17.56
CA CYS E 6 47.77 -18.55 -17.35
C CYS E 6 46.89 -17.47 -16.75
N VAL E 7 45.62 -17.48 -17.12
CA VAL E 7 44.61 -16.62 -16.52
C VAL E 7 43.82 -17.45 -15.52
N GLY E 8 43.49 -16.84 -14.38
CA GLY E 8 42.76 -17.52 -13.34
C GLY E 8 42.00 -16.58 -12.44
N TYR E 9 41.36 -17.13 -11.41
CA TYR E 9 40.54 -16.34 -10.51
C TYR E 9 40.63 -16.86 -9.07
N LEU E 10 40.04 -16.10 -8.15
CA LEU E 10 40.20 -16.37 -6.72
C LEU E 10 39.47 -17.61 -6.22
N SER E 11 40.11 -18.30 -5.27
CA SER E 11 39.49 -19.39 -4.52
C SER E 11 39.86 -19.17 -3.06
N THR E 12 38.99 -19.56 -2.14
CA THR E 12 39.27 -19.34 -0.72
C THR E 12 38.75 -20.48 0.16
N ASN E 13 38.93 -20.31 1.46
CA ASN E 13 38.37 -21.22 2.46
C ASN E 13 37.09 -20.64 3.02
N SER E 14 35.97 -20.99 2.42
CA SER E 14 34.71 -20.49 2.90
C SER E 14 33.66 -21.56 2.83
N SER E 15 32.70 -21.48 3.74
CA SER E 15 31.45 -22.22 3.66
C SER E 15 30.37 -21.23 3.29
N GLU E 16 30.79 -19.99 3.04
CA GLU E 16 29.87 -18.92 2.63
C GLU E 16 29.09 -19.31 1.40
N ARG E 17 27.78 -19.12 1.45
CA ARG E 17 26.88 -19.52 0.37
C ARG E 17 25.70 -18.59 0.16
N VAL E 18 25.37 -18.33 -1.08
CA VAL E 18 24.27 -17.45 -1.42
C VAL E 18 23.32 -18.20 -2.33
N ASP E 19 22.07 -17.76 -2.38
CA ASP E 19 21.13 -18.32 -3.34
C ASP E 19 21.03 -17.36 -4.52
N THR E 20 20.93 -17.90 -5.73
CA THR E 20 20.64 -17.08 -6.89
C THR E 20 19.30 -17.50 -7.46
N LEU E 21 18.79 -16.76 -8.42
CA LEU E 21 17.49 -17.09 -9.00
C LEU E 21 17.50 -18.48 -9.61
N LEU E 22 18.66 -18.89 -10.12
CA LEU E 22 18.77 -20.16 -10.84
C LEU E 22 19.36 -21.30 -10.01
N GLU E 23 19.91 -20.98 -8.84
CA GLU E 23 20.60 -21.99 -8.07
C GLU E 23 20.57 -21.75 -6.55
N ASN E 24 20.43 -22.83 -5.80
CA ASN E 24 20.45 -22.74 -4.34
C ASN E 24 21.80 -23.13 -3.75
N GLY E 25 22.23 -22.39 -2.73
CA GLY E 25 23.45 -22.71 -2.01
C GLY E 25 24.69 -22.69 -2.87
N VAL E 26 24.95 -21.56 -3.52
CA VAL E 26 26.14 -21.39 -4.35
C VAL E 26 27.28 -20.82 -3.52
N PRO E 27 28.42 -21.52 -3.50
CA PRO E 27 29.59 -21.05 -2.75
C PRO E 27 30.14 -19.76 -3.36
N VAL E 28 30.43 -18.76 -2.54
CA VAL E 28 31.03 -17.53 -3.02
C VAL E 28 32.19 -17.11 -2.13
N THR E 29 33.10 -16.31 -2.69
CA THR E 29 34.28 -15.87 -1.95
C THR E 29 33.96 -14.80 -0.90
N SER E 30 32.88 -14.05 -1.11
CA SER E 30 32.45 -13.04 -0.15
C SER E 30 30.99 -12.60 -0.34
N SER E 31 30.39 -12.11 0.74
CA SER E 31 29.01 -11.65 0.70
C SER E 31 28.70 -10.71 1.87
N ILE E 32 27.56 -10.03 1.79
CA ILE E 32 27.10 -9.18 2.88
C ILE E 32 25.65 -9.46 3.27
N ASP E 33 25.27 -9.02 4.47
CA ASP E 33 23.91 -9.19 4.97
C ASP E 33 23.07 -7.95 4.72
N LEU E 34 21.85 -8.15 4.23
CA LEU E 34 20.96 -7.04 3.95
C LEU E 34 20.00 -6.75 5.09
N ILE E 35 19.71 -7.78 5.89
CA ILE E 35 18.73 -7.64 6.97
C ILE E 35 19.40 -7.46 8.33
N GLU E 36 18.94 -6.48 9.09
CA GLU E 36 19.45 -6.26 10.44
C GLU E 36 18.71 -7.15 11.44
N THR E 37 19.46 -7.85 12.27
CA THR E 37 18.87 -8.81 13.20
C THR E 37 19.21 -8.48 14.65
N ASN E 38 20.07 -7.48 14.85
CA ASN E 38 20.51 -7.11 16.18
C ASN E 38 19.91 -5.80 16.69
N HIS E 39 19.45 -5.83 17.95
CA HIS E 39 18.87 -4.66 18.60
C HIS E 39 19.35 -4.55 20.05
N THR E 40 19.08 -3.42 20.68
CA THR E 40 19.54 -3.17 22.04
C THR E 40 18.74 -3.97 23.07
N GLY E 41 17.49 -4.29 22.74
CA GLY E 41 16.62 -5.00 23.65
C GLY E 41 16.10 -4.10 24.76
N THR E 42 16.20 -2.80 24.55
CA THR E 42 15.80 -1.81 25.54
C THR E 42 15.13 -0.60 24.91
N TYR E 43 14.47 0.21 25.72
CA TYR E 43 13.96 1.49 25.25
C TYR E 43 15.08 2.52 25.25
N CYS E 44 15.27 3.18 24.12
CA CYS E 44 16.35 4.16 23.99
C CYS E 44 15.78 5.52 23.65
N SER E 45 16.64 6.54 23.73
CA SER E 45 16.29 7.84 23.18
C SER E 45 16.19 7.67 21.67
N LEU E 46 15.29 8.42 21.05
CA LEU E 46 15.09 8.31 19.61
C LEU E 46 15.59 9.55 18.90
N ASN E 47 16.72 9.42 18.22
CA ASN E 47 17.31 10.54 17.50
C ASN E 47 17.49 11.75 18.40
N GLY E 48 18.04 11.51 19.58
CA GLY E 48 18.34 12.59 20.52
C GLY E 48 17.23 12.92 21.49
N VAL E 49 16.01 12.46 21.20
CA VAL E 49 14.86 12.80 22.03
C VAL E 49 14.43 11.63 22.92
N SER E 50 14.43 11.88 24.23
CA SER E 50 14.06 10.86 25.20
C SER E 50 12.56 10.62 25.18
N PRO E 51 12.15 9.37 25.43
CA PRO E 51 10.72 9.05 25.55
C PRO E 51 10.19 9.52 26.90
N VAL E 52 8.99 9.08 27.26
CA VAL E 52 8.43 9.39 28.57
C VAL E 52 7.75 8.16 29.13
N HIS E 53 8.27 7.67 30.25
CA HIS E 53 7.67 6.53 30.91
C HIS E 53 6.49 7.02 31.75
N LEU E 54 5.39 6.28 31.74
CA LEU E 54 4.19 6.68 32.47
C LEU E 54 4.11 6.03 33.83
N GLY E 55 5.15 5.29 34.19
CA GLY E 55 5.22 4.64 35.49
C GLY E 55 4.07 3.69 35.77
N ASP E 56 3.30 4.00 36.81
CA ASP E 56 2.20 3.13 37.22
C ASP E 56 0.86 3.65 36.71
N CYS E 57 0.90 4.71 35.90
CA CYS E 57 -0.32 5.34 35.39
C CYS E 57 -0.60 4.97 33.94
N SER E 58 -1.88 4.88 33.61
CA SER E 58 -2.31 4.75 32.23
C SER E 58 -2.22 6.14 31.60
N PHE E 59 -2.31 6.20 30.28
CA PHE E 59 -2.24 7.47 29.57
C PHE E 59 -3.37 8.41 29.99
N GLU E 60 -4.56 7.85 30.18
CA GLU E 60 -5.71 8.62 30.61
C GLU E 60 -5.43 9.36 31.92
N GLY E 61 -5.00 8.62 32.93
CA GLY E 61 -4.69 9.20 34.23
C GLY E 61 -3.56 10.21 34.16
N TRP E 62 -2.62 9.98 33.26
CA TRP E 62 -1.50 10.88 33.07
C TRP E 62 -1.94 12.23 32.49
N ILE E 63 -2.81 12.17 31.49
CA ILE E 63 -3.18 13.36 30.74
C ILE E 63 -4.12 14.30 31.50
N VAL E 64 -4.95 13.74 32.38
CA VAL E 64 -5.86 14.56 33.18
C VAL E 64 -5.21 15.04 34.48
N GLY E 65 -4.13 14.37 34.87
CA GLY E 65 -3.36 14.78 36.04
C GLY E 65 -3.77 14.08 37.32
N ASN E 66 -3.92 12.76 37.24
CA ASN E 66 -4.17 11.95 38.44
C ASN E 66 -3.07 12.21 39.46
N PRO E 67 -3.45 12.72 40.65
CA PRO E 67 -2.51 13.13 41.68
C PRO E 67 -1.51 12.05 42.05
N ALA E 68 -1.85 10.79 41.77
CA ALA E 68 -0.96 9.67 42.08
C ALA E 68 0.14 9.50 41.05
N CYS E 69 -0.08 10.06 39.86
CA CYS E 69 0.93 10.03 38.80
C CYS E 69 1.97 11.10 39.03
N THR E 70 3.14 10.92 38.43
CA THR E 70 4.13 11.97 38.40
C THR E 70 3.65 13.05 37.42
N SER E 71 3.82 14.31 37.81
CA SER E 71 3.33 15.42 37.01
C SER E 71 4.04 15.54 35.66
N ASN E 72 3.32 16.05 34.67
CA ASN E 72 3.90 16.32 33.37
C ASN E 72 4.18 17.80 33.20
N PHE E 73 4.39 18.47 34.34
CA PHE E 73 4.63 19.90 34.36
C PHE E 73 5.96 20.30 33.70
N GLY E 74 6.98 19.47 33.89
CA GLY E 74 8.32 19.80 33.41
C GLY E 74 8.71 19.23 32.05
N ILE E 75 7.80 18.48 31.43
CA ILE E 75 8.09 17.84 30.14
C ILE E 75 8.08 18.86 29.01
N ARG E 76 8.99 18.72 28.04
CA ARG E 76 9.03 19.65 26.92
C ARG E 76 8.88 18.97 25.58
N GLU E 77 8.98 17.65 25.58
CA GLU E 77 9.00 16.92 24.32
C GLU E 77 9.14 15.44 24.60
N TRP E 78 8.58 14.63 23.72
CA TRP E 78 8.84 13.19 23.77
C TRP E 78 8.75 12.56 22.39
N SER E 79 9.55 11.52 22.19
CA SER E 79 9.62 10.82 20.92
C SER E 79 8.58 9.72 20.88
N TYR E 80 8.38 9.06 22.03
CA TYR E 80 7.33 8.08 22.18
C TYR E 80 6.94 7.90 23.65
N LEU E 81 5.90 7.12 23.90
CA LEU E 81 5.44 6.89 25.26
C LEU E 81 5.59 5.43 25.66
N ILE E 82 5.93 5.21 26.93
CA ILE E 82 5.99 3.87 27.49
C ILE E 82 4.89 3.70 28.52
N GLU E 83 3.99 2.76 28.27
CA GLU E 83 2.85 2.54 29.15
C GLU E 83 2.73 1.09 29.60
N ASP E 84 2.44 0.89 30.87
CA ASP E 84 2.18 -0.45 31.37
C ASP E 84 0.73 -0.80 31.09
N PRO E 85 0.48 -1.90 30.34
CA PRO E 85 -0.89 -2.35 30.04
C PRO E 85 -1.74 -2.61 31.27
N ALA E 86 -1.12 -3.03 32.37
CA ALA E 86 -1.86 -3.31 33.59
C ALA E 86 -1.63 -2.21 34.63
N ALA E 87 -1.43 -0.99 34.17
CA ALA E 87 -1.17 0.11 35.09
C ALA E 87 -2.31 0.24 36.09
N PRO E 88 -1.99 0.29 37.40
CA PRO E 88 -2.97 0.44 38.49
C PRO E 88 -3.70 1.78 38.45
N HIS E 89 -3.02 2.85 38.08
CA HIS E 89 -3.63 4.18 38.13
C HIS E 89 -4.14 4.64 36.77
N GLY E 90 -5.29 5.30 36.80
CA GLY E 90 -5.88 5.87 35.60
C GLY E 90 -6.78 7.00 36.03
N LEU E 91 -8.03 7.00 35.60
CA LEU E 91 -9.00 7.94 36.12
C LEU E 91 -9.41 7.47 37.50
N CYS E 92 -8.80 8.05 38.53
CA CYS E 92 -9.01 7.63 39.91
C CYS E 92 -10.48 7.63 40.31
N TYR E 93 -11.22 8.65 39.87
CA TYR E 93 -12.65 8.72 40.10
C TYR E 93 -13.38 8.02 38.96
N PRO E 94 -14.37 7.17 39.31
CA PRO E 94 -15.13 6.43 38.30
C PRO E 94 -15.60 7.32 37.16
N GLY E 95 -15.02 7.12 35.98
CA GLY E 95 -15.38 7.91 34.81
C GLY E 95 -14.77 7.42 33.53
N GLU E 96 -15.00 8.15 32.46
CA GLU E 96 -14.46 7.80 31.15
C GLU E 96 -13.95 9.05 30.44
N LEU E 97 -12.84 8.90 29.73
CA LEU E 97 -12.34 9.98 28.88
C LEU E 97 -12.90 9.80 27.49
N ASN E 98 -13.65 10.80 27.02
CA ASN E 98 -14.28 10.74 25.70
C ASN E 98 -13.28 10.82 24.56
N ASN E 99 -13.44 9.94 23.58
CA ASN E 99 -12.62 9.96 22.37
C ASN E 99 -11.13 9.83 22.70
N ASN E 100 -10.81 8.94 23.63
CA ASN E 100 -9.43 8.76 24.09
C ASN E 100 -8.52 8.13 23.05
N GLY E 101 -9.11 7.44 22.09
CA GLY E 101 -8.36 6.84 21.00
C GLY E 101 -7.63 7.89 20.18
N GLU E 102 -8.37 8.88 19.69
CA GLU E 102 -7.79 10.01 18.97
C GLU E 102 -6.72 10.70 19.80
N LEU E 103 -7.01 10.92 21.07
CA LEU E 103 -6.08 11.63 21.94
C LEU E 103 -4.77 10.86 22.07
N ARG E 104 -4.88 9.56 22.36
CA ARG E 104 -3.71 8.71 22.44
C ARG E 104 -2.85 8.87 21.19
N HIS E 105 -3.52 8.88 20.04
CA HIS E 105 -2.83 8.96 18.77
C HIS E 105 -2.09 10.29 18.64
N LEU E 106 -2.76 11.37 19.06
CA LEU E 106 -2.19 12.70 18.96
C LEU E 106 -1.07 12.97 19.97
N PHE E 107 -1.05 12.20 21.05
CA PHE E 107 -0.02 12.37 22.07
C PHE E 107 1.04 11.26 22.05
N SER E 108 1.02 10.44 21.00
CA SER E 108 1.99 9.37 20.87
C SER E 108 3.41 9.91 20.84
N GLY E 109 3.57 11.07 20.21
CA GLY E 109 4.86 11.74 20.14
C GLY E 109 4.65 13.20 19.80
N ILE E 110 5.32 14.08 20.53
CA ILE E 110 5.17 15.52 20.34
C ILE E 110 6.52 16.21 20.46
N ARG E 111 6.85 17.04 19.48
CA ARG E 111 8.15 17.69 19.45
C ARG E 111 8.21 18.94 20.31
N SER E 112 7.07 19.60 20.49
CA SER E 112 6.98 20.77 21.35
C SER E 112 5.79 20.68 22.30
N PHE E 113 6.08 20.52 23.58
CA PHE E 113 5.05 20.36 24.60
C PHE E 113 5.33 21.19 25.84
N SER E 114 4.28 21.81 26.38
CA SER E 114 4.39 22.54 27.64
C SER E 114 3.00 22.74 28.22
N ARG E 115 2.83 22.43 29.48
CA ARG E 115 1.56 22.66 30.11
C ARG E 115 1.38 24.13 30.38
N THR E 116 0.15 24.58 30.43
CA THR E 116 -0.14 25.98 30.66
C THR E 116 -1.47 26.14 31.39
N GLU E 117 -1.62 27.24 32.12
CA GLU E 117 -2.85 27.51 32.83
C GLU E 117 -3.79 28.31 31.94
N LEU E 118 -4.90 27.68 31.53
CA LEU E 118 -5.87 28.31 30.64
C LEU E 118 -6.61 29.41 31.38
N ILE E 119 -7.27 29.03 32.47
CA ILE E 119 -8.07 29.95 33.26
C ILE E 119 -7.74 29.79 34.74
N PRO E 120 -7.51 30.92 35.43
CA PRO E 120 -7.20 30.89 36.86
C PRO E 120 -8.31 30.20 37.67
N PRO E 121 -7.94 29.23 38.50
CA PRO E 121 -8.85 28.39 39.28
C PRO E 121 -9.79 29.17 40.21
N THR E 122 -9.42 30.41 40.55
CA THR E 122 -10.24 31.22 41.44
C THR E 122 -10.94 32.35 40.71
N SER E 123 -10.62 32.49 39.42
CA SER E 123 -11.20 33.53 38.58
C SER E 123 -12.63 33.18 38.14
N TRP E 124 -13.16 32.08 38.64
CA TRP E 124 -14.46 31.60 38.19
C TRP E 124 -15.65 32.26 38.89
N GLY E 125 -15.48 32.62 40.16
CA GLY E 125 -16.55 33.26 40.91
C GLY E 125 -16.81 32.61 42.24
N GLU E 126 -18.07 32.61 42.66
CA GLU E 126 -18.43 32.10 43.98
C GLU E 126 -18.69 30.60 43.99
N VAL E 127 -17.62 29.82 44.06
CA VAL E 127 -17.71 28.37 44.14
C VAL E 127 -16.52 27.80 44.91
N LEU E 128 -16.71 26.60 45.46
CA LEU E 128 -15.65 25.92 46.18
C LEU E 128 -14.98 24.84 45.33
N ASP E 129 -13.83 24.37 45.80
CA ASP E 129 -13.09 23.32 45.12
C ASP E 129 -13.31 21.99 45.81
N GLY E 130 -13.89 21.03 45.10
CA GLY E 130 -14.21 19.74 45.66
C GLY E 130 -13.12 18.70 45.48
N THR E 131 -12.85 17.95 46.54
CA THR E 131 -11.87 16.88 46.48
C THR E 131 -12.59 15.56 46.70
N THR E 132 -11.84 14.46 46.76
CA THR E 132 -12.42 13.14 46.97
C THR E 132 -11.39 12.13 47.45
N SER E 133 -11.86 11.11 48.15
CA SER E 133 -10.99 10.08 48.69
C SER E 133 -10.58 9.10 47.59
N ALA E 134 -11.18 9.23 46.42
CA ALA E 134 -10.83 8.38 45.28
C ALA E 134 -9.55 8.88 44.61
N CYS E 135 -9.28 10.17 44.73
CA CYS E 135 -8.11 10.78 44.12
C CYS E 135 -7.15 11.34 45.16
N ARG E 136 -6.62 10.49 46.01
CA ARG E 136 -5.68 10.96 47.00
C ARG E 136 -4.32 11.23 46.41
N ASP E 137 -3.63 12.20 46.99
CA ASP E 137 -2.33 12.61 46.46
C ASP E 137 -1.18 11.82 47.10
N ASN E 138 0.04 12.18 46.73
CA ASN E 138 1.24 11.50 47.22
C ASN E 138 1.25 11.34 48.74
N THR E 139 0.67 12.30 49.44
CA THR E 139 0.62 12.28 50.90
C THR E 139 -0.41 11.28 51.41
N GLY E 140 -1.68 11.58 51.15
CA GLY E 140 -2.79 10.77 51.63
C GLY E 140 -4.00 11.67 51.77
N THR E 141 -3.79 12.94 51.49
CA THR E 141 -4.84 13.96 51.53
C THR E 141 -5.79 13.80 50.36
N ASN E 142 -7.06 14.05 50.59
CA ASN E 142 -8.03 14.06 49.51
C ASN E 142 -7.72 15.16 48.49
N SER E 143 -7.78 14.82 47.21
CA SER E 143 -7.46 15.76 46.15
C SER E 143 -8.30 15.51 44.91
N PHE E 144 -7.83 16.03 43.78
CA PHE E 144 -8.53 15.88 42.51
C PHE E 144 -7.53 16.02 41.36
N TYR E 145 -8.01 15.79 40.14
CA TYR E 145 -7.19 15.92 38.95
C TYR E 145 -6.52 17.29 38.87
N ARG E 146 -5.22 17.31 38.56
CA ARG E 146 -4.48 18.56 38.49
C ARG E 146 -5.05 19.50 37.42
N ASN E 147 -5.53 18.93 36.32
CA ASN E 147 -5.92 19.71 35.16
C ASN E 147 -7.36 20.19 35.21
N LEU E 148 -8.13 19.65 36.14
CA LEU E 148 -9.52 20.04 36.29
C LEU E 148 -9.80 20.52 37.72
N VAL E 149 -10.83 21.34 37.87
CA VAL E 149 -11.26 21.78 39.20
C VAL E 149 -12.73 21.44 39.42
N TRP E 150 -13.01 20.66 40.45
CA TRP E 150 -14.37 20.22 40.74
C TRP E 150 -15.12 21.30 41.51
N PHE E 151 -15.81 22.16 40.79
CA PHE E 151 -16.56 23.25 41.41
C PHE E 151 -17.84 22.78 42.09
N ILE E 152 -18.06 23.27 43.31
CA ILE E 152 -19.27 22.94 44.05
C ILE E 152 -19.88 24.18 44.70
N LYS E 153 -21.02 24.01 45.36
CA LYS E 153 -21.76 25.12 45.95
C LYS E 153 -20.98 25.81 47.08
N LYS E 154 -21.05 27.13 47.09
CA LYS E 154 -20.42 27.92 48.15
C LYS E 154 -21.47 28.76 48.85
N ASN E 155 -21.67 28.51 50.14
CA ASN E 155 -22.70 29.20 50.92
C ASN E 155 -24.10 28.91 50.38
N ASN E 156 -24.37 27.63 50.14
CA ASN E 156 -25.69 27.16 49.74
C ASN E 156 -26.18 27.73 48.41
N ARG E 157 -25.26 28.25 47.60
CA ARG E 157 -25.62 28.82 46.31
C ARG E 157 -24.56 28.52 45.25
N TYR E 158 -25.02 28.10 44.07
CA TYR E 158 -24.15 27.86 42.94
C TYR E 158 -24.52 28.81 41.81
N PRO E 159 -23.73 29.88 41.64
CA PRO E 159 -24.00 30.91 40.62
C PRO E 159 -23.64 30.43 39.22
N VAL E 160 -24.21 31.08 38.21
CA VAL E 160 -23.87 30.80 36.83
C VAL E 160 -22.48 31.33 36.51
N ILE E 161 -21.49 30.43 36.55
CA ILE E 161 -20.10 30.80 36.28
C ILE E 161 -19.80 30.71 34.78
N SER E 162 -18.96 31.62 34.29
CA SER E 162 -18.65 31.67 32.86
C SER E 162 -17.29 32.33 32.60
N LYS E 163 -16.33 31.54 32.14
CA LYS E 163 -15.06 32.07 31.69
C LYS E 163 -14.77 31.60 30.28
N THR E 164 -13.81 32.25 29.62
CA THR E 164 -13.46 31.89 28.26
C THR E 164 -11.95 31.93 28.06
N TYR E 165 -11.45 31.10 27.16
CA TYR E 165 -10.02 31.03 26.88
C TYR E 165 -9.69 31.51 25.48
N ASN E 166 -8.60 32.27 25.37
CA ASN E 166 -8.15 32.80 24.09
C ASN E 166 -6.84 32.17 23.70
N ASN E 167 -6.83 31.43 22.59
CA ASN E 167 -5.59 30.81 22.14
C ASN E 167 -4.67 31.85 21.52
N THR E 168 -3.75 32.35 22.33
CA THR E 168 -2.82 33.39 21.90
C THR E 168 -1.41 32.83 21.71
N THR E 169 -1.27 31.53 21.94
CA THR E 169 0.05 30.89 21.94
C THR E 169 0.67 30.77 20.56
N GLY E 170 -0.17 30.84 19.52
CA GLY E 170 0.31 30.69 18.16
C GLY E 170 0.46 29.23 17.77
N ARG E 171 0.17 28.34 18.71
CA ARG E 171 0.19 26.91 18.46
C ARG E 171 -1.10 26.27 18.93
N ASP E 172 -1.29 25.00 18.60
CA ASP E 172 -2.48 24.27 19.03
C ASP E 172 -2.46 24.04 20.54
N VAL E 173 -3.64 24.15 21.15
CA VAL E 173 -3.77 24.00 22.59
C VAL E 173 -4.85 22.98 22.94
N LEU E 174 -4.48 21.96 23.71
CA LEU E 174 -5.42 20.95 24.16
C LEU E 174 -6.14 21.41 25.43
N VAL E 175 -7.46 21.47 25.36
CA VAL E 175 -8.27 21.83 26.52
C VAL E 175 -9.05 20.63 27.03
N LEU E 176 -9.08 20.46 28.34
CA LEU E 176 -9.86 19.39 28.96
C LEU E 176 -10.91 19.95 29.91
N TRP E 177 -12.13 19.42 29.81
CA TRP E 177 -13.16 19.71 30.79
C TRP E 177 -13.95 18.45 31.07
N GLY E 178 -14.84 18.51 32.06
CA GLY E 178 -15.58 17.32 32.45
C GLY E 178 -16.99 17.61 32.96
N ILE E 179 -17.79 16.56 33.00
CA ILE E 179 -19.15 16.62 33.51
C ILE E 179 -19.33 15.54 34.56
N HIS E 180 -19.76 15.92 35.75
CA HIS E 180 -20.03 14.95 36.80
C HIS E 180 -21.51 14.60 36.86
N HIS E 181 -21.79 13.30 36.78
CA HIS E 181 -23.15 12.78 36.86
C HIS E 181 -23.34 12.12 38.22
N PRO E 182 -24.04 12.81 39.13
CA PRO E 182 -24.28 12.32 40.50
C PRO E 182 -25.14 11.06 40.53
N VAL E 183 -25.20 10.42 41.71
CA VAL E 183 -25.94 9.17 41.87
C VAL E 183 -27.45 9.37 41.84
N SER E 184 -27.89 10.58 42.15
CA SER E 184 -29.32 10.88 42.22
C SER E 184 -29.56 12.39 42.23
N VAL E 185 -30.79 12.78 41.93
CA VAL E 185 -31.16 14.20 41.94
C VAL E 185 -30.92 14.78 43.32
N ASP E 186 -30.85 13.92 44.32
CA ASP E 186 -30.59 14.32 45.70
C ASP E 186 -29.15 14.77 45.88
N GLU E 187 -28.22 14.03 45.29
CA GLU E 187 -26.80 14.37 45.40
C GLU E 187 -26.45 15.62 44.58
N THR E 188 -27.08 15.78 43.42
CA THR E 188 -26.84 16.98 42.62
C THR E 188 -27.37 18.21 43.35
N LYS E 189 -28.41 18.02 44.14
CA LYS E 189 -28.95 19.10 44.96
C LYS E 189 -27.99 19.43 46.11
N THR E 190 -27.43 18.39 46.71
CA THR E 190 -26.47 18.56 47.79
C THR E 190 -25.19 19.24 47.30
N LEU E 191 -24.77 18.90 46.08
CA LEU E 191 -23.50 19.36 45.54
C LEU E 191 -23.60 20.67 44.76
N TYR E 192 -24.68 20.85 44.01
CA TYR E 192 -24.79 21.99 43.12
C TYR E 192 -26.02 22.86 43.36
N VAL E 193 -26.84 22.45 44.32
CA VAL E 193 -28.07 23.18 44.66
C VAL E 193 -29.10 23.13 43.52
N ASN E 194 -28.76 23.77 42.41
CA ASN E 194 -29.64 23.85 41.26
C ASN E 194 -30.15 22.49 40.81
N SER E 195 -31.44 22.41 40.50
CA SER E 195 -32.01 21.20 39.93
C SER E 195 -31.77 21.22 38.43
N ASP E 196 -31.43 20.06 37.86
CA ASP E 196 -31.23 19.96 36.43
C ASP E 196 -30.21 20.97 35.91
N PRO E 197 -28.98 20.95 36.46
CA PRO E 197 -27.94 21.87 36.02
C PRO E 197 -27.50 21.60 34.60
N TYR E 198 -26.70 22.49 34.04
CA TYR E 198 -26.23 22.37 32.68
C TYR E 198 -24.84 22.98 32.55
N THR E 199 -24.11 22.54 31.52
CA THR E 199 -22.86 23.17 31.15
C THR E 199 -22.89 23.43 29.66
N LEU E 200 -22.54 24.64 29.25
CA LEU E 200 -22.54 25.01 27.84
C LEU E 200 -21.11 25.33 27.41
N VAL E 201 -20.57 24.54 26.49
CA VAL E 201 -19.24 24.77 25.97
C VAL E 201 -19.32 25.15 24.49
N SER E 202 -18.68 26.25 24.11
CA SER E 202 -18.77 26.73 22.75
C SER E 202 -17.49 27.35 22.23
N THR E 203 -17.29 27.19 20.92
CA THR E 203 -16.30 27.94 20.17
C THR E 203 -17.09 28.66 19.08
N LYS E 204 -16.40 29.22 18.10
CA LYS E 204 -17.10 29.89 17.01
C LYS E 204 -17.40 28.93 15.87
N SER E 205 -17.13 27.65 16.08
CA SER E 205 -17.34 26.63 15.06
C SER E 205 -18.30 25.53 15.52
N TRP E 206 -18.32 25.28 16.82
CA TRP E 206 -19.20 24.27 17.40
C TRP E 206 -19.68 24.68 18.79
N SER E 207 -20.69 23.98 19.29
CA SER E 207 -21.28 24.31 20.58
C SER E 207 -21.99 23.09 21.17
N GLU E 208 -21.59 22.70 22.38
CA GLU E 208 -22.19 21.54 23.04
C GLU E 208 -22.87 21.94 24.35
N LYS E 209 -24.06 21.39 24.58
CA LYS E 209 -24.74 21.60 25.85
C LYS E 209 -24.86 20.27 26.62
N TYR E 210 -24.33 20.26 27.84
CA TYR E 210 -24.31 19.04 28.65
C TYR E 210 -25.31 19.10 29.79
N LYS E 211 -26.09 18.03 29.94
CA LYS E 211 -26.98 17.88 31.08
C LYS E 211 -26.57 16.67 31.90
N LEU E 212 -27.03 16.61 33.15
CA LEU E 212 -26.63 15.55 34.05
C LEU E 212 -27.44 14.26 33.86
N GLU E 213 -26.76 13.14 33.91
CA GLU E 213 -27.37 11.82 33.76
C GLU E 213 -27.25 11.05 35.07
N THR E 214 -28.17 11.32 36.00
CA THR E 214 -28.11 10.74 37.34
C THR E 214 -28.37 9.24 37.36
N GLY E 215 -27.74 8.56 38.31
CA GLY E 215 -27.88 7.13 38.46
C GLY E 215 -26.70 6.52 39.18
N VAL E 216 -26.89 5.32 39.72
CA VAL E 216 -25.81 4.63 40.41
C VAL E 216 -25.04 3.71 39.48
N ARG E 217 -23.74 3.97 39.34
CA ARG E 217 -22.87 3.13 38.53
C ARG E 217 -22.14 2.13 39.43
N PRO E 218 -21.82 0.95 38.88
CA PRO E 218 -21.01 -0.03 39.61
C PRO E 218 -19.54 0.37 39.56
N GLY E 219 -19.23 1.54 40.10
CA GLY E 219 -17.91 2.13 39.93
C GLY E 219 -16.77 1.42 40.62
N TYR E 220 -15.86 2.24 41.14
CA TYR E 220 -14.69 1.78 41.83
C TYR E 220 -14.23 2.79 42.84
N ASN E 221 -13.38 2.33 43.75
CA ASN E 221 -12.71 3.17 44.71
C ASN E 221 -13.58 3.87 45.71
N GLY E 222 -14.73 3.35 46.00
CA GLY E 222 -15.62 4.02 46.91
C GLY E 222 -16.76 4.82 46.33
N GLN E 223 -16.59 5.42 45.17
CA GLN E 223 -17.64 6.23 44.57
C GLN E 223 -18.57 5.44 43.68
N ARG E 224 -19.72 6.02 43.39
CA ARG E 224 -20.68 5.32 42.59
C ARG E 224 -21.42 6.22 41.64
N SER E 225 -20.89 7.41 41.47
CA SER E 225 -21.35 8.31 40.42
C SER E 225 -20.47 8.16 39.17
N TRP E 226 -20.63 9.06 38.20
CA TRP E 226 -19.88 8.94 36.96
C TRP E 226 -19.40 10.27 36.41
N MET E 227 -18.15 10.30 35.96
CA MET E 227 -17.58 11.48 35.33
C MET E 227 -17.28 11.22 33.86
N LYS E 228 -17.60 12.20 33.02
CA LYS E 228 -17.26 12.14 31.61
C LYS E 228 -16.36 13.30 31.24
N ILE E 229 -15.11 12.98 30.89
CA ILE E 229 -14.14 14.01 30.56
C ILE E 229 -14.01 14.19 29.05
N TYR E 230 -14.10 15.43 28.61
CA TYR E 230 -14.02 15.75 27.20
C TYR E 230 -12.78 16.58 26.90
N TRP E 231 -12.43 16.67 25.63
CA TRP E 231 -11.29 17.48 25.21
C TRP E 231 -11.52 18.09 23.85
N SER E 232 -10.70 19.09 23.52
CA SER E 232 -10.78 19.72 22.22
C SER E 232 -9.48 20.48 21.95
N LEU E 233 -9.07 20.47 20.69
CA LEU E 233 -7.89 21.20 20.29
C LEU E 233 -8.28 22.59 19.82
N ILE E 234 -7.85 23.61 20.56
CA ILE E 234 -8.10 24.98 20.17
C ILE E 234 -6.96 25.46 19.27
N HIS E 235 -7.32 25.94 18.09
CA HIS E 235 -6.32 26.39 17.13
C HIS E 235 -5.92 27.83 17.40
N PRO E 236 -4.72 28.22 16.95
CA PRO E 236 -4.23 29.59 17.16
C PRO E 236 -5.26 30.62 16.69
N GLY E 237 -5.66 31.50 17.60
CA GLY E 237 -6.61 32.56 17.27
C GLY E 237 -8.05 32.19 17.57
N GLU E 238 -8.24 30.99 18.10
CA GLU E 238 -9.59 30.53 18.45
C GLU E 238 -9.83 30.64 19.94
N MET E 239 -11.10 30.64 20.32
CA MET E 239 -11.48 30.81 21.72
C MET E 239 -12.64 29.89 22.11
N ILE E 240 -12.57 29.38 23.33
CA ILE E 240 -13.59 28.48 23.84
C ILE E 240 -14.17 28.98 25.16
N THR E 241 -15.49 29.10 25.23
CA THR E 241 -16.14 29.61 26.43
C THR E 241 -16.90 28.52 27.18
N PHE E 242 -16.78 28.53 28.50
CA PHE E 242 -17.49 27.59 29.36
C PHE E 242 -18.50 28.31 30.23
N GLU E 243 -19.74 27.84 30.20
CA GLU E 243 -20.78 28.38 31.06
C GLU E 243 -21.50 27.25 31.78
N SER E 244 -21.64 27.37 33.09
CA SER E 244 -22.24 26.30 33.88
C SER E 244 -22.89 26.78 35.18
N ASN E 245 -23.83 25.99 35.67
CA ASN E 245 -24.43 26.23 36.97
C ASN E 245 -24.45 24.95 37.82
N GLY E 246 -23.51 24.05 37.54
CA GLY E 246 -23.40 22.82 38.31
C GLY E 246 -22.90 21.62 37.53
N GLY E 247 -22.37 20.64 38.25
CA GLY E 247 -21.92 19.38 37.67
C GLY E 247 -20.83 19.54 36.63
N PHE E 248 -19.93 20.51 36.86
CA PHE E 248 -18.94 20.88 35.86
C PHE E 248 -17.51 20.78 36.37
N LEU E 249 -16.68 20.02 35.67
CA LEU E 249 -15.26 19.93 36.00
C LEU E 249 -14.52 20.91 35.11
N ALA E 250 -14.14 22.05 35.68
CA ALA E 250 -13.60 23.15 34.88
C ALA E 250 -12.15 22.92 34.47
N PRO E 251 -11.79 23.44 33.29
CA PRO E 251 -10.42 23.40 32.78
C PRO E 251 -9.49 24.33 33.56
N ARG E 252 -8.40 23.78 34.07
CA ARG E 252 -7.37 24.59 34.70
C ARG E 252 -6.10 24.60 33.84
N TYR E 253 -5.48 23.43 33.69
CA TYR E 253 -4.30 23.30 32.86
C TYR E 253 -4.62 22.71 31.49
N GLY E 254 -4.02 23.27 30.46
CA GLY E 254 -4.09 22.71 29.11
C GLY E 254 -2.69 22.44 28.60
N TYR E 255 -2.58 22.03 27.35
CA TYR E 255 -1.27 21.73 26.78
C TYR E 255 -1.03 22.47 25.46
N ILE E 256 0.14 23.10 25.35
CA ILE E 256 0.54 23.73 24.10
C ILE E 256 1.39 22.74 23.30
N ILE E 257 0.92 22.39 22.11
CA ILE E 257 1.55 21.32 21.34
C ILE E 257 1.86 21.70 19.90
N GLU E 258 2.99 21.20 19.40
CA GLU E 258 3.40 21.45 18.03
C GLU E 258 4.11 20.21 17.50
N GLU E 259 3.90 19.90 16.23
CA GLU E 259 4.44 18.68 15.62
C GLU E 259 4.13 17.46 16.48
N TYR E 260 2.88 17.01 16.43
CA TYR E 260 2.43 15.90 17.26
C TYR E 260 1.89 14.74 16.43
N GLY E 261 1.56 13.64 17.10
CA GLY E 261 1.13 12.43 16.43
C GLY E 261 2.30 11.74 15.76
N LYS E 262 3.51 12.10 16.20
CA LYS E 262 4.75 11.63 15.58
C LYS E 262 5.35 10.45 16.31
N GLY E 263 4.61 9.88 17.26
CA GLY E 263 5.17 8.86 18.12
C GLY E 263 4.49 7.52 18.08
N ARG E 264 4.49 6.87 19.24
CA ARG E 264 3.96 5.52 19.39
C ARG E 264 3.80 5.30 20.88
N ILE E 265 2.80 4.53 21.27
CA ILE E 265 2.66 4.16 22.67
C ILE E 265 3.00 2.69 22.83
N PHE E 266 4.27 2.44 23.16
CA PHE E 266 4.74 1.09 23.40
C PHE E 266 4.29 0.57 24.75
N GLN E 267 3.89 -0.70 24.81
CA GLN E 267 3.42 -1.30 26.04
C GLN E 267 4.28 -2.52 26.38
N SER E 268 5.47 -2.56 25.81
CA SER E 268 6.35 -3.70 25.99
C SER E 268 7.06 -3.60 27.34
N ARG E 269 7.14 -4.73 28.03
CA ARG E 269 7.77 -4.79 29.34
C ARG E 269 9.28 -5.02 29.23
N ILE E 270 9.95 -4.11 28.55
CA ILE E 270 11.40 -4.16 28.48
C ILE E 270 11.95 -2.92 29.18
N ARG E 271 13.25 -2.89 29.39
CA ARG E 271 13.85 -1.87 30.22
C ARG E 271 14.35 -0.66 29.51
N MET E 272 14.23 0.49 30.15
CA MET E 272 14.71 1.75 29.58
C MET E 272 16.22 1.87 29.79
N SER E 273 16.89 2.69 28.99
CA SER E 273 18.35 2.71 28.99
C SER E 273 18.97 4.01 28.45
N ARG E 274 20.29 4.13 28.60
CA ARG E 274 21.00 5.37 28.24
C ARG E 274 21.38 5.42 26.76
N CYS E 275 21.10 4.35 26.03
CA CYS E 275 21.45 4.28 24.61
C CYS E 275 20.66 5.29 23.80
N ASN E 276 21.07 5.47 22.55
CA ASN E 276 20.33 6.31 21.61
C ASN E 276 20.38 5.70 20.22
N THR E 277 19.20 5.50 19.62
CA THR E 277 19.11 4.92 18.29
C THR E 277 18.27 5.79 17.37
N LYS E 278 18.25 5.44 16.08
CA LYS E 278 17.42 6.15 15.12
C LYS E 278 16.12 5.39 14.85
N CYS E 279 16.04 4.18 15.40
CA CYS E 279 14.86 3.34 15.23
C CYS E 279 14.53 2.56 16.50
N GLN E 280 13.33 2.78 17.04
CA GLN E 280 12.89 2.04 18.22
C GLN E 280 11.80 1.05 17.87
N THR E 281 11.91 -0.17 18.38
CA THR E 281 10.87 -1.18 18.19
C THR E 281 10.31 -1.57 19.55
N SER E 282 9.23 -2.32 19.55
CA SER E 282 8.62 -2.77 20.80
C SER E 282 9.49 -3.84 21.44
N VAL E 283 10.66 -4.08 20.85
CA VAL E 283 11.51 -5.17 21.30
C VAL E 283 12.91 -4.68 21.63
N GLY E 284 13.28 -3.53 21.08
CA GLY E 284 14.57 -2.94 21.36
C GLY E 284 14.95 -1.88 20.33
N GLY E 285 16.04 -1.16 20.60
CA GLY E 285 16.50 -0.14 19.69
C GLY E 285 17.34 -0.73 18.57
N ILE E 286 17.30 -0.07 17.41
CA ILE E 286 18.05 -0.54 16.24
C ILE E 286 18.94 0.55 15.70
N ASN E 287 20.22 0.25 15.61
CA ASN E 287 21.18 1.13 15.03
C ASN E 287 21.97 0.47 13.96
N THR E 288 21.67 0.82 12.73
CA THR E 288 22.27 0.13 11.59
C THR E 288 22.18 1.00 10.34
N ASN E 289 23.05 0.71 9.37
CA ASN E 289 23.00 1.38 8.08
C ASN E 289 22.26 0.53 7.05
N ARG E 290 21.90 -0.68 7.44
CA ARG E 290 21.10 -1.59 6.65
C ARG E 290 19.72 -1.05 6.44
N THR E 291 19.07 -1.41 5.33
CA THR E 291 17.77 -0.87 5.01
C THR E 291 16.62 -1.86 5.22
N PHE E 292 16.94 -3.05 5.71
CA PHE E 292 15.91 -4.01 6.06
C PHE E 292 16.10 -4.56 7.47
N GLN E 293 15.04 -5.14 8.01
CA GLN E 293 15.07 -5.68 9.37
C GLN E 293 13.95 -6.69 9.54
N ASN E 294 14.20 -7.76 10.29
CA ASN E 294 13.19 -8.80 10.52
C ASN E 294 12.93 -9.06 12.00
N ILE E 295 13.19 -8.04 12.82
CA ILE E 295 13.10 -8.15 14.27
C ILE E 295 11.70 -7.93 14.81
N ASP E 296 11.03 -6.89 14.32
CA ASP E 296 9.73 -6.50 14.87
C ASP E 296 8.98 -5.57 13.92
N LYS E 297 7.73 -5.91 13.63
CA LYS E 297 6.90 -5.08 12.76
C LYS E 297 6.54 -3.75 13.41
N ASN E 298 6.56 -3.70 14.75
CA ASN E 298 6.23 -2.48 15.48
C ASN E 298 7.47 -1.62 15.68
N ALA E 299 7.66 -0.65 14.79
CA ALA E 299 8.89 0.15 14.79
C ALA E 299 8.60 1.61 14.51
N LEU E 300 9.45 2.48 15.03
CA LEU E 300 9.22 3.92 14.93
C LEU E 300 10.53 4.66 14.63
N GLY E 301 10.44 5.66 13.77
CA GLY E 301 11.59 6.51 13.48
C GLY E 301 12.21 6.27 12.12
N ASP E 302 13.49 6.60 12.02
CA ASP E 302 14.25 6.38 10.79
C ASP E 302 14.69 4.92 10.70
N CYS E 303 13.73 4.05 10.39
CA CYS E 303 13.93 2.61 10.49
C CYS E 303 14.19 1.95 9.16
N PRO E 304 14.88 0.81 9.18
CA PRO E 304 14.91 -0.08 8.02
C PRO E 304 13.53 -0.66 7.83
N LYS E 305 13.14 -1.02 6.62
CA LYS E 305 11.84 -1.61 6.40
C LYS E 305 11.78 -3.00 7.05
N TYR E 306 10.70 -3.27 7.78
CA TYR E 306 10.51 -4.62 8.30
C TYR E 306 10.03 -5.52 7.18
N ILE E 307 10.63 -6.70 7.06
CA ILE E 307 10.21 -7.67 6.05
C ILE E 307 10.16 -9.08 6.64
N LYS E 308 9.25 -9.89 6.12
CA LYS E 308 9.09 -11.26 6.59
C LYS E 308 10.04 -12.18 5.84
N SER E 309 11.24 -12.33 6.38
CA SER E 309 12.28 -13.06 5.66
C SER E 309 13.42 -13.49 6.59
N GLY E 310 14.05 -14.61 6.26
CA GLY E 310 15.30 -14.97 6.90
C GLY E 310 16.39 -14.06 6.35
N GLN E 311 17.60 -14.19 6.87
CA GLN E 311 18.70 -13.36 6.40
C GLN E 311 18.88 -13.49 4.88
N LEU E 312 19.19 -12.36 4.23
CA LEU E 312 19.42 -12.33 2.79
C LEU E 312 20.86 -11.95 2.49
N LYS E 313 21.61 -12.88 1.92
CA LYS E 313 23.01 -12.64 1.62
C LYS E 313 23.23 -12.17 0.18
N LEU E 314 23.83 -10.99 0.03
CA LEU E 314 24.15 -10.44 -1.27
C LEU E 314 25.57 -10.86 -1.64
N ALA E 315 25.73 -11.48 -2.80
CA ALA E 315 27.05 -11.91 -3.22
C ALA E 315 27.89 -10.70 -3.63
N THR E 316 29.14 -10.69 -3.21
CA THR E 316 30.07 -9.64 -3.62
C THR E 316 31.22 -10.25 -4.41
N GLY E 317 31.69 -11.41 -3.95
CA GLY E 317 32.76 -12.11 -4.63
C GLY E 317 32.26 -12.93 -5.82
N LEU E 318 33.05 -13.92 -6.22
CA LEU E 318 32.67 -14.78 -7.33
C LEU E 318 32.39 -16.18 -6.83
N ARG E 319 31.94 -17.04 -7.74
CA ARG E 319 31.70 -18.43 -7.38
C ARG E 319 32.98 -19.07 -6.85
N ASN E 320 32.90 -19.68 -5.67
CA ASN E 320 34.05 -20.32 -5.04
C ASN E 320 34.22 -21.76 -5.53
N VAL E 321 35.01 -21.92 -6.59
CA VAL E 321 35.25 -23.24 -7.15
C VAL E 321 36.67 -23.70 -6.83
N PRO E 322 36.79 -24.83 -6.13
CA PRO E 322 38.06 -25.38 -5.61
C PRO E 322 39.17 -25.46 -6.66
N ALA E 323 40.41 -25.43 -6.18
CA ALA E 323 41.58 -25.47 -7.06
C ALA E 323 41.74 -26.81 -7.75
N ILE E 324 42.14 -26.75 -9.02
CA ILE E 324 42.35 -27.94 -9.84
C ILE E 324 43.27 -28.96 -9.15
N LEU F 1 25.57 -16.72 -18.73
CA LEU F 1 26.85 -17.34 -18.38
C LEU F 1 27.83 -17.31 -19.55
N PHE F 2 29.11 -17.11 -19.23
CA PHE F 2 30.12 -16.88 -20.26
C PHE F 2 31.16 -18.00 -20.35
N GLY F 3 30.92 -19.08 -19.64
CA GLY F 3 31.68 -20.31 -19.81
C GLY F 3 33.11 -20.30 -19.31
N ALA F 4 33.51 -19.25 -18.62
CA ALA F 4 34.87 -19.14 -18.10
C ALA F 4 35.00 -19.74 -16.70
N ILE F 5 34.44 -19.06 -15.70
CA ILE F 5 34.51 -19.55 -14.33
C ILE F 5 33.76 -20.86 -14.19
N ALA F 6 34.41 -21.87 -13.60
CA ALA F 6 33.83 -23.20 -13.51
C ALA F 6 33.51 -23.73 -14.90
N GLY F 7 34.12 -23.11 -15.91
CA GLY F 7 33.93 -23.51 -17.29
C GLY F 7 35.21 -24.08 -17.86
N PHE F 8 35.76 -23.45 -18.88
CA PHE F 8 36.99 -23.95 -19.49
C PHE F 8 38.21 -23.72 -18.61
N ILE F 9 38.13 -22.72 -17.74
CA ILE F 9 39.08 -22.57 -16.65
C ILE F 9 38.44 -23.23 -15.44
N GLU F 10 38.77 -24.50 -15.22
CA GLU F 10 37.95 -25.35 -14.37
C GLU F 10 38.18 -25.21 -12.85
N GLY F 11 39.11 -24.35 -12.45
CA GLY F 11 39.42 -24.21 -11.05
C GLY F 11 39.92 -22.84 -10.65
N GLY F 12 39.74 -22.51 -9.37
CA GLY F 12 40.21 -21.23 -8.85
C GLY F 12 41.64 -21.35 -8.36
N TRP F 13 42.22 -20.21 -7.97
CA TRP F 13 43.56 -20.20 -7.42
C TRP F 13 43.56 -19.73 -5.97
N PRO F 14 43.76 -20.66 -5.03
CA PRO F 14 44.04 -20.20 -3.67
C PRO F 14 45.38 -19.46 -3.72
N GLY F 15 45.61 -18.54 -2.80
CA GLY F 15 46.87 -17.83 -2.79
C GLY F 15 47.00 -16.85 -3.93
N LEU F 16 45.86 -16.42 -4.47
CA LEU F 16 45.83 -15.26 -5.36
C LEU F 16 45.58 -14.06 -4.45
N ILE F 17 46.62 -13.26 -4.21
CA ILE F 17 46.55 -12.22 -3.18
C ILE F 17 46.10 -10.86 -3.72
N ASN F 18 45.24 -10.20 -2.96
CA ASN F 18 44.78 -8.85 -3.29
C ASN F 18 44.17 -8.71 -4.68
N GLY F 19 43.35 -9.68 -5.07
CA GLY F 19 42.71 -9.64 -6.37
C GLY F 19 41.72 -10.77 -6.60
N TRP F 20 40.81 -10.53 -7.54
CA TRP F 20 39.84 -11.55 -7.94
C TRP F 20 40.33 -12.31 -9.17
N TYR F 21 40.87 -11.57 -10.14
CA TYR F 21 41.42 -12.17 -11.35
C TYR F 21 42.92 -11.90 -11.43
N GLY F 22 43.64 -12.73 -12.18
CA GLY F 22 45.07 -12.54 -12.32
C GLY F 22 45.76 -13.51 -13.25
N PHE F 23 47.09 -13.55 -13.15
CA PHE F 23 47.90 -14.40 -14.02
C PHE F 23 48.82 -15.34 -13.23
N GLN F 24 49.14 -16.47 -13.84
CA GLN F 24 50.13 -17.38 -13.30
C GLN F 24 51.11 -17.73 -14.41
N HIS F 25 52.38 -17.37 -14.23
CA HIS F 25 53.38 -17.61 -15.26
C HIS F 25 54.43 -18.63 -14.85
N GLN F 26 55.13 -19.16 -15.84
CA GLN F 26 56.28 -20.01 -15.58
C GLN F 26 57.28 -19.97 -16.73
N ASN F 27 58.38 -19.26 -16.53
CA ASN F 27 59.50 -19.29 -17.46
C ASN F 27 60.68 -20.01 -16.81
N GLU F 28 61.83 -20.01 -17.48
CA GLU F 28 63.00 -20.70 -16.97
C GLU F 28 63.35 -20.28 -15.54
N GLN F 29 62.90 -19.10 -15.15
CA GLN F 29 63.35 -18.49 -13.90
C GLN F 29 62.28 -18.21 -12.85
N GLY F 30 61.30 -19.11 -12.71
CA GLY F 30 60.40 -19.04 -11.57
C GLY F 30 58.91 -18.91 -11.82
N THR F 31 58.18 -18.71 -10.72
CA THR F 31 56.72 -18.64 -10.71
C THR F 31 56.32 -17.81 -9.48
N GLY F 32 55.30 -16.96 -9.61
CA GLY F 32 54.56 -16.76 -10.84
C GLY F 32 53.05 -16.64 -10.61
N ILE F 33 52.66 -15.71 -9.75
CA ILE F 33 51.24 -15.39 -9.52
C ILE F 33 51.05 -13.92 -9.14
N ALA F 34 50.21 -13.23 -9.90
CA ALA F 34 49.95 -11.82 -9.65
C ALA F 34 48.52 -11.43 -10.03
N ALA F 35 47.91 -10.58 -9.23
CA ALA F 35 46.55 -10.11 -9.52
C ALA F 35 46.59 -9.07 -10.63
N ASP F 36 45.51 -8.98 -11.40
CA ASP F 36 45.39 -7.94 -12.41
C ASP F 36 44.65 -6.76 -11.83
N LYS F 37 45.41 -5.81 -11.27
CA LYS F 37 44.81 -4.66 -10.59
C LYS F 37 43.79 -3.92 -11.43
N GLU F 38 44.06 -3.80 -12.73
CA GLU F 38 43.16 -3.12 -13.66
C GLU F 38 41.74 -3.66 -13.62
N SER F 39 41.57 -4.92 -14.03
CA SER F 39 40.24 -5.51 -14.11
C SER F 39 39.63 -5.79 -12.73
N THR F 40 40.47 -6.11 -11.76
CA THR F 40 39.99 -6.38 -10.41
C THR F 40 39.38 -5.12 -9.78
N GLN F 41 40.12 -4.01 -9.85
CA GLN F 41 39.67 -2.74 -9.28
C GLN F 41 38.38 -2.28 -9.95
N LYS F 42 38.32 -2.46 -11.27
CA LYS F 42 37.14 -2.07 -12.04
C LYS F 42 35.91 -2.86 -11.60
N ALA F 43 36.11 -4.14 -11.31
CA ALA F 43 35.03 -5.00 -10.85
C ALA F 43 34.63 -4.63 -9.42
N ILE F 44 35.62 -4.28 -8.61
CA ILE F 44 35.34 -3.86 -7.24
C ILE F 44 34.52 -2.57 -7.21
N ASP F 45 34.81 -1.66 -8.13
CA ASP F 45 34.06 -0.41 -8.23
C ASP F 45 32.62 -0.66 -8.63
N GLN F 46 32.41 -1.68 -9.46
CA GLN F 46 31.07 -1.99 -9.94
C GLN F 46 30.21 -2.62 -8.84
N ILE F 47 30.80 -3.58 -8.12
CA ILE F 47 30.10 -4.22 -7.02
C ILE F 47 29.76 -3.20 -5.94
N THR F 48 30.67 -2.26 -5.73
CA THR F 48 30.47 -1.22 -4.72
C THR F 48 29.35 -0.28 -5.13
N THR F 49 29.33 0.11 -6.40
CA THR F 49 28.28 0.98 -6.91
C THR F 49 26.93 0.27 -6.85
N LYS F 50 26.93 -1.02 -7.18
CA LYS F 50 25.71 -1.82 -7.10
C LYS F 50 25.16 -1.80 -5.67
N ILE F 51 25.97 -2.24 -4.72
CA ILE F 51 25.59 -2.27 -3.31
C ILE F 51 25.10 -0.90 -2.82
N ASN F 52 25.86 0.15 -3.11
CA ASN F 52 25.48 1.50 -2.70
C ASN F 52 24.14 1.94 -3.28
N ASN F 53 23.89 1.62 -4.55
CA ASN F 53 22.61 1.97 -5.17
C ASN F 53 21.46 1.24 -4.49
N ILE F 54 21.60 -0.08 -4.33
CA ILE F 54 20.56 -0.88 -3.71
C ILE F 54 20.14 -0.32 -2.36
N ILE F 55 21.11 0.18 -1.60
CA ILE F 55 20.88 0.67 -0.25
C ILE F 55 20.57 2.16 -0.17
N ASP F 56 21.34 2.99 -0.87
CA ASP F 56 21.17 4.43 -0.81
C ASP F 56 19.87 4.90 -1.44
N LYS F 57 19.31 4.11 -2.34
CA LYS F 57 18.08 4.49 -3.03
C LYS F 57 16.85 4.31 -2.16
N MET F 58 17.01 3.55 -1.06
CA MET F 58 15.93 3.38 -0.09
C MET F 58 15.95 4.50 0.94
N ASN F 59 15.42 5.65 0.57
CA ASN F 59 15.51 6.83 1.42
C ASN F 59 14.14 7.37 1.80
N GLY F 60 13.15 6.50 1.83
CA GLY F 60 11.82 6.88 2.24
C GLY F 60 11.58 6.53 3.70
N ASN F 61 10.30 6.57 4.08
CA ASN F 61 9.89 6.24 5.44
C ASN F 61 9.39 4.81 5.54
N TYR F 62 10.06 4.00 6.37
CA TYR F 62 9.75 2.57 6.42
C TYR F 62 9.32 2.02 7.78
N ASP F 63 9.07 2.88 8.76
CA ASP F 63 8.54 2.38 10.02
C ASP F 63 7.08 1.98 9.85
N SER F 64 6.50 1.41 10.91
CA SER F 64 5.14 0.88 10.83
C SER F 64 4.11 1.87 10.33
N ILE F 65 3.11 1.34 9.64
CA ILE F 65 1.87 2.06 9.38
C ILE F 65 0.89 1.66 10.47
N ARG F 66 0.84 2.44 11.55
CA ARG F 66 -0.10 2.15 12.63
C ARG F 66 -0.42 3.39 13.45
N GLY F 67 -1.60 3.37 14.07
CA GLY F 67 -2.01 4.45 14.93
C GLY F 67 -2.40 3.93 16.30
N GLU F 68 -2.96 4.80 17.12
CA GLU F 68 -3.45 4.38 18.43
C GLU F 68 -4.96 4.27 18.37
N PHE F 69 -5.49 3.18 18.93
CA PHE F 69 -6.93 2.95 18.93
C PHE F 69 -7.36 2.40 20.28
N ASN F 70 -8.56 2.73 20.70
CA ASN F 70 -9.14 2.11 21.87
C ASN F 70 -9.82 0.80 21.48
N GLN F 71 -10.42 0.10 22.43
CA GLN F 71 -10.97 -1.22 22.15
C GLN F 71 -12.34 -1.17 21.48
N VAL F 72 -12.87 0.03 21.24
CA VAL F 72 -14.16 0.18 20.59
C VAL F 72 -14.03 0.42 19.08
N GLU F 73 -12.80 0.70 18.64
CA GLU F 73 -12.57 0.93 17.21
C GLU F 73 -11.69 -0.17 16.61
N LYS F 74 -12.20 -1.40 16.66
CA LYS F 74 -11.49 -2.59 16.21
C LYS F 74 -11.33 -2.65 14.70
N ARG F 75 -12.39 -2.29 13.98
CA ARG F 75 -12.40 -2.35 12.53
C ARG F 75 -11.31 -1.49 11.92
N ILE F 76 -11.32 -0.21 12.26
CA ILE F 76 -10.31 0.72 11.76
C ILE F 76 -8.93 0.26 12.17
N ASN F 77 -8.84 -0.38 13.33
CA ASN F 77 -7.59 -0.90 13.86
C ASN F 77 -7.11 -2.11 13.05
N MET F 78 -8.07 -2.92 12.60
CA MET F 78 -7.76 -4.11 11.83
C MET F 78 -7.36 -3.78 10.39
N LEU F 79 -7.99 -2.75 9.82
CA LEU F 79 -7.62 -2.29 8.49
C LEU F 79 -6.24 -1.69 8.51
N ALA F 80 -5.94 -0.89 9.53
CA ALA F 80 -4.63 -0.28 9.66
C ALA F 80 -3.55 -1.36 9.67
N ASP F 81 -3.78 -2.43 10.43
CA ASP F 81 -2.84 -3.55 10.51
C ASP F 81 -2.76 -4.31 9.18
N ARG F 82 -3.90 -4.49 8.53
CA ARG F 82 -3.90 -5.22 7.26
C ARG F 82 -3.13 -4.45 6.19
N ILE F 83 -3.22 -3.13 6.23
CA ILE F 83 -2.51 -2.30 5.26
C ILE F 83 -1.02 -2.33 5.53
N ASP F 84 -0.65 -2.17 6.79
CA ASP F 84 0.74 -2.28 7.19
C ASP F 84 1.31 -3.60 6.71
N ASP F 85 0.54 -4.67 6.91
CA ASP F 85 0.95 -6.01 6.52
C ASP F 85 1.12 -6.14 5.01
N ALA F 86 0.20 -5.53 4.26
CA ALA F 86 0.24 -5.59 2.80
C ALA F 86 1.48 -4.88 2.27
N VAL F 87 1.77 -3.72 2.82
CA VAL F 87 2.95 -2.97 2.44
C VAL F 87 4.20 -3.79 2.74
N THR F 88 4.17 -4.47 3.88
CA THR F 88 5.29 -5.32 4.29
C THR F 88 5.47 -6.52 3.36
N ASP F 89 4.36 -7.04 2.84
CA ASP F 89 4.41 -8.17 1.92
C ASP F 89 5.00 -7.79 0.58
N ILE F 90 4.75 -6.55 0.14
CA ILE F 90 5.32 -6.05 -1.11
C ILE F 90 6.85 -5.93 -1.01
N TRP F 91 7.34 -5.30 0.05
CA TRP F 91 8.77 -5.17 0.26
C TRP F 91 9.47 -6.52 0.48
N SER F 92 8.78 -7.43 1.15
CA SER F 92 9.34 -8.75 1.43
C SER F 92 9.66 -9.48 0.14
N TYR F 93 8.67 -9.59 -0.75
CA TYR F 93 8.84 -10.26 -2.01
C TYR F 93 9.89 -9.59 -2.89
N ASN F 94 9.85 -8.26 -2.96
CA ASN F 94 10.83 -7.51 -3.75
C ASN F 94 12.26 -7.72 -3.25
N ALA F 95 12.44 -7.73 -1.93
CA ALA F 95 13.77 -7.91 -1.33
C ALA F 95 14.35 -9.28 -1.66
N LYS F 96 13.54 -10.32 -1.47
CA LYS F 96 13.98 -11.68 -1.77
C LYS F 96 14.33 -11.85 -3.26
N LEU F 97 13.47 -11.31 -4.13
CA LEU F 97 13.67 -11.45 -5.56
C LEU F 97 14.83 -10.60 -6.07
N LEU F 98 14.99 -9.40 -5.52
CA LEU F 98 16.07 -8.53 -5.96
C LEU F 98 17.41 -9.18 -5.69
N VAL F 99 17.55 -9.75 -4.50
CA VAL F 99 18.78 -10.40 -4.09
C VAL F 99 19.08 -11.62 -4.95
N LEU F 100 18.05 -12.41 -5.27
CA LEU F 100 18.22 -13.56 -6.14
C LEU F 100 18.65 -13.12 -7.53
N LEU F 101 17.96 -12.13 -8.08
CA LEU F 101 18.28 -11.59 -9.39
C LEU F 101 19.69 -11.00 -9.43
N GLU F 102 20.04 -10.29 -8.37
CA GLU F 102 21.34 -9.61 -8.33
C GLU F 102 22.51 -10.57 -8.11
N ASN F 103 22.32 -11.59 -7.29
CA ASN F 103 23.35 -12.61 -7.12
C ASN F 103 23.59 -13.31 -8.45
N ASP F 104 22.51 -13.56 -9.17
CA ASP F 104 22.59 -14.15 -10.49
C ASP F 104 23.50 -13.30 -11.38
N LYS F 105 23.25 -12.00 -11.40
CA LYS F 105 24.01 -11.10 -12.25
C LYS F 105 25.44 -10.86 -11.78
N THR F 106 25.67 -10.95 -10.47
CA THR F 106 27.00 -10.70 -9.93
C THR F 106 27.98 -11.81 -10.32
N LEU F 107 27.56 -13.05 -10.13
CA LEU F 107 28.39 -14.19 -10.50
C LEU F 107 28.69 -14.20 -12.00
N ASP F 108 27.69 -13.93 -12.82
CA ASP F 108 27.87 -13.88 -14.26
C ASP F 108 28.79 -12.74 -14.68
N MET F 109 28.76 -11.65 -13.93
CA MET F 109 29.63 -10.52 -14.22
C MET F 109 31.09 -10.94 -14.06
N HIS F 110 31.38 -11.62 -12.94
CA HIS F 110 32.72 -12.12 -12.69
C HIS F 110 33.13 -13.09 -13.78
N ASP F 111 32.21 -13.98 -14.17
CA ASP F 111 32.46 -14.92 -15.25
C ASP F 111 32.85 -14.15 -16.52
N ALA F 112 32.09 -13.12 -16.85
CA ALA F 112 32.37 -12.29 -18.02
C ALA F 112 33.73 -11.59 -17.92
N ASN F 113 34.09 -11.16 -16.72
CA ASN F 113 35.35 -10.45 -16.50
C ASN F 113 36.59 -11.29 -16.74
N VAL F 114 36.62 -12.51 -16.22
CA VAL F 114 37.77 -13.37 -16.44
C VAL F 114 37.80 -13.87 -17.87
N LYS F 115 36.63 -13.95 -18.51
CA LYS F 115 36.57 -14.37 -19.90
C LYS F 115 37.09 -13.27 -20.81
N ASN F 116 36.77 -12.02 -20.49
CA ASN F 116 37.28 -10.88 -21.25
C ASN F 116 38.77 -10.67 -21.00
N LEU F 117 39.25 -11.12 -19.85
CA LEU F 117 40.67 -11.04 -19.54
C LEU F 117 41.43 -12.09 -20.36
N HIS F 118 40.88 -13.29 -20.40
CA HIS F 118 41.46 -14.39 -21.17
C HIS F 118 41.51 -14.04 -22.66
N GLU F 119 40.43 -13.46 -23.17
CA GLU F 119 40.37 -13.05 -24.57
C GLU F 119 41.36 -11.93 -24.86
N GLN F 120 41.60 -11.08 -23.86
CA GLN F 120 42.51 -9.97 -24.00
C GLN F 120 43.94 -10.45 -24.17
N VAL F 121 44.31 -11.48 -23.42
CA VAL F 121 45.64 -12.07 -23.52
C VAL F 121 45.80 -12.80 -24.84
N ARG F 122 44.74 -13.50 -25.25
CA ARG F 122 44.76 -14.25 -26.50
C ARG F 122 44.97 -13.33 -27.71
N ARG F 123 44.38 -12.14 -27.65
CA ARG F 123 44.53 -11.17 -28.73
C ARG F 123 45.94 -10.58 -28.77
N GLU F 124 46.54 -10.41 -27.59
CA GLU F 124 47.91 -9.92 -27.50
C GLU F 124 48.89 -10.85 -28.22
N LEU F 125 48.87 -12.11 -27.84
CA LEU F 125 49.85 -13.08 -28.30
C LEU F 125 49.66 -13.40 -29.79
N LYS F 126 48.42 -13.56 -30.21
CA LYS F 126 48.11 -14.00 -31.58
C LYS F 126 48.87 -15.30 -31.77
N ASP F 127 49.68 -15.37 -32.83
CA ASP F 127 50.29 -16.62 -33.27
C ASP F 127 51.53 -16.97 -32.47
N ASN F 128 51.88 -16.13 -31.50
CA ASN F 128 53.06 -16.35 -30.68
C ASN F 128 52.80 -17.32 -29.52
N ALA F 129 51.59 -17.88 -29.48
CA ALA F 129 51.25 -18.81 -28.41
C ALA F 129 50.20 -19.81 -28.84
N ILE F 130 50.18 -20.96 -28.16
CA ILE F 130 49.15 -21.96 -28.38
C ILE F 130 48.11 -21.86 -27.28
N ASP F 131 46.84 -21.77 -27.67
CA ASP F 131 45.75 -21.75 -26.70
C ASP F 131 45.43 -23.17 -26.24
N GLU F 132 45.69 -23.45 -24.96
CA GLU F 132 45.50 -24.79 -24.43
C GLU F 132 44.05 -25.09 -24.04
N GLY F 133 43.20 -24.07 -24.11
CA GLY F 133 41.78 -24.24 -23.86
C GLY F 133 41.44 -24.53 -22.41
N ASN F 134 42.25 -24.00 -21.50
CA ASN F 134 42.00 -24.16 -20.07
C ASN F 134 42.50 -22.96 -19.28
N GLY F 135 42.71 -21.85 -19.97
CA GLY F 135 43.16 -20.63 -19.32
C GLY F 135 44.64 -20.40 -19.50
N CYS F 136 45.34 -21.41 -20.00
CA CYS F 136 46.79 -21.32 -20.17
C CYS F 136 47.22 -21.07 -21.62
N PHE F 137 48.34 -20.37 -21.77
CA PHE F 137 48.92 -20.12 -23.08
C PHE F 137 50.36 -20.61 -23.11
N GLU F 138 50.67 -21.47 -24.07
CA GLU F 138 52.02 -21.98 -24.25
C GLU F 138 52.77 -21.12 -25.26
N LEU F 139 53.72 -20.31 -24.77
CA LEU F 139 54.50 -19.44 -25.62
C LEU F 139 55.39 -20.23 -26.57
N LEU F 140 55.53 -19.74 -27.80
CA LEU F 140 56.36 -20.41 -28.80
C LEU F 140 57.78 -19.87 -28.81
N HIS F 141 57.98 -18.75 -28.13
CA HIS F 141 59.31 -18.19 -27.94
C HIS F 141 59.63 -18.13 -26.45
N LYS F 142 60.78 -17.56 -26.11
CA LYS F 142 61.17 -17.41 -24.71
C LYS F 142 60.65 -16.08 -24.16
N CYS F 143 60.27 -16.08 -22.89
CA CYS F 143 59.66 -14.90 -22.28
C CYS F 143 60.35 -14.48 -20.99
N ASN F 144 61.07 -13.36 -21.06
CA ASN F 144 61.69 -12.75 -19.88
C ASN F 144 60.69 -12.58 -18.75
N ASP F 145 61.19 -12.20 -17.57
CA ASP F 145 60.32 -11.74 -16.50
C ASP F 145 59.77 -10.38 -16.91
N SER F 146 60.47 -9.73 -17.82
CA SER F 146 60.04 -8.44 -18.35
C SER F 146 59.04 -8.66 -19.48
N CYS F 147 59.18 -9.79 -20.17
CA CYS F 147 58.25 -10.17 -21.22
C CYS F 147 56.88 -10.49 -20.59
N MET F 148 56.89 -11.30 -19.55
CA MET F 148 55.67 -11.64 -18.83
C MET F 148 54.91 -10.38 -18.40
N GLU F 149 55.64 -9.39 -17.91
CA GLU F 149 55.03 -8.16 -17.42
C GLU F 149 54.36 -7.35 -18.53
N THR F 150 54.92 -7.41 -19.73
CA THR F 150 54.32 -6.69 -20.86
C THR F 150 53.05 -7.39 -21.31
N ILE F 151 52.99 -8.71 -21.10
CA ILE F 151 51.79 -9.47 -21.39
C ILE F 151 50.70 -9.12 -20.38
N ARG F 152 51.11 -9.02 -19.11
CA ARG F 152 50.18 -8.68 -18.04
C ARG F 152 49.63 -7.27 -18.16
N ASN F 153 50.46 -6.32 -18.55
CA ASN F 153 50.03 -4.92 -18.61
C ASN F 153 49.48 -4.50 -19.97
N GLY F 154 49.33 -5.47 -20.87
CA GLY F 154 48.64 -5.23 -22.14
C GLY F 154 49.46 -4.61 -23.25
N THR F 155 50.75 -4.41 -23.02
CA THR F 155 51.60 -3.74 -24.02
C THR F 155 52.37 -4.70 -24.93
N TYR F 156 52.37 -5.98 -24.59
CA TYR F 156 53.09 -6.98 -25.38
C TYR F 156 52.83 -6.84 -26.88
N ASP F 157 53.90 -6.65 -27.65
CA ASP F 157 53.81 -6.49 -29.10
C ASP F 157 54.20 -7.78 -29.82
N HIS F 158 53.25 -8.35 -30.56
CA HIS F 158 53.46 -9.65 -31.20
C HIS F 158 54.48 -9.60 -32.34
N THR F 159 54.75 -8.41 -32.85
CA THR F 159 55.70 -8.26 -33.96
C THR F 159 57.14 -8.44 -33.50
N GLU F 160 57.39 -8.07 -32.25
CA GLU F 160 58.72 -8.14 -31.65
C GLU F 160 59.13 -9.55 -31.23
N TYR F 161 58.45 -10.56 -31.77
CA TYR F 161 58.74 -11.95 -31.40
C TYR F 161 58.40 -12.92 -32.53
N ALA F 162 57.76 -12.41 -33.57
CA ALA F 162 57.16 -13.25 -34.62
C ALA F 162 58.03 -14.43 -35.10
N GLU F 163 59.34 -14.22 -35.17
CA GLU F 163 60.22 -15.17 -35.85
C GLU F 163 60.58 -16.44 -35.07
N GLU F 164 60.77 -16.31 -33.75
CA GLU F 164 61.13 -17.46 -32.94
C GLU F 164 60.00 -18.49 -32.89
N SER F 165 58.86 -18.12 -33.47
CA SER F 165 57.70 -18.98 -33.54
C SER F 165 57.63 -19.70 -34.89
C1 GAL G . -53.42 -1.37 16.97
C2 GAL G . -52.48 -2.59 17.06
C3 GAL G . -52.05 -2.86 18.51
C4 GAL G . -51.43 -1.54 18.96
C5 GAL G . -52.50 -0.47 18.94
C6 GAL G . -52.10 0.85 19.63
O1 GAL G . -53.63 -1.14 15.59
O2 GAL G . -53.05 -3.72 16.37
O3 GAL G . -51.05 -3.87 18.52
O4 GAL G . -50.53 -1.19 17.91
O5 GAL G . -52.81 -0.22 17.58
O6 GAL G . -52.93 1.91 19.15
C1 SIA G . -49.00 -5.31 18.22
C2 SIA G . -49.66 -4.13 18.85
C3 SIA G . -50.10 -5.00 19.99
C4 SIA G . -48.98 -5.69 20.73
C5 SIA G . -48.18 -4.76 21.38
C6 SIA G . -47.76 -3.75 20.39
C7 SIA G . -47.11 -2.63 21.07
C8 SIA G . -46.95 -1.47 20.09
C9 SIA G . -46.33 -0.29 20.76
C10 SIA G . -46.53 -4.96 23.30
C11 SIA G . -45.34 -5.58 23.96
N5 SIA G . -46.98 -5.41 22.01
O1A SIA G . -49.56 -6.46 18.25
O1B SIA G . -47.89 -5.17 17.65
O4 SIA G . -49.49 -6.66 21.69
O6 SIA G . -48.98 -3.24 19.68
O7 SIA G . -47.85 -2.25 22.19
O8 SIA G . -46.16 -1.85 19.05
O9 SIA G . -45.89 0.74 19.94
O10 SIA G . -47.15 -4.05 23.86
C1 NAG H . -21.06 7.38 57.78
C2 NAG H . -22.13 7.19 56.71
C3 NAG H . -21.57 7.36 55.29
C4 NAG H . -20.60 8.54 55.18
C5 NAG H . -19.69 8.68 56.39
C6 NAG H . -18.86 9.96 56.32
C7 NAG H . -23.93 5.70 57.42
C8 NAG H . -24.24 4.31 57.91
N2 NAG H . -22.74 5.87 56.84
O1 NAG H . -21.63 7.32 59.07
O3 NAG H . -22.64 7.53 54.39
O4 NAG H . -19.78 8.38 54.04
O5 NAG H . -20.43 8.64 57.60
O6 NAG H . -19.70 11.04 55.94
O7 NAG H . -24.76 6.60 57.55
C1 GAL H . -20.22 9.17 52.91
C2 GAL H . -18.99 9.55 52.09
C3 GAL H . -19.27 10.19 50.73
C4 GAL H . -20.45 9.50 50.06
C5 GAL H . -21.61 9.24 51.02
C6 GAL H . -22.76 8.50 50.33
O2 GAL H . -18.16 10.43 52.84
O3 GAL H . -18.08 10.01 50.00
O4 GAL H . -20.04 8.25 49.55
O5 GAL H . -21.14 8.46 52.10
O6 GAL H . -23.54 7.83 51.28
C1 SIA H . -16.40 10.89 48.39
C2 SIA H . -17.82 10.86 48.86
C3 SIA H . -17.53 12.07 49.72
C4 SIA H . -16.90 13.19 48.98
C5 SIA H . -17.79 13.72 48.02
C6 SIA H . -18.33 12.59 47.24
C7 SIA H . -19.37 13.04 46.29
C8 SIA H . -19.95 11.83 45.55
C9 SIA H . -20.80 12.24 44.39
C10 SIA H . -17.77 15.95 46.83
C11 SIA H . -17.11 16.99 45.96
N5 SIA H . -17.08 14.72 47.14
O1A SIA H . -15.42 10.83 49.21
O1B SIA H . -16.13 10.94 47.15
O4 SIA H . -16.43 14.27 49.84
O6 SIA H . -18.84 11.56 48.20
O7 SIA H . -20.37 13.74 46.96
O8 SIA H . -18.94 11.04 45.11
O9 SIA H . -21.77 11.35 43.97
O10 SIA H . -18.89 16.14 47.27
C1 NAG I . -8.44 37.46 22.40
C2 NAG I . -7.74 38.22 21.29
C3 NAG I . -8.39 39.56 21.04
C4 NAG I . -9.90 39.41 20.88
C5 NAG I . -10.49 38.58 22.03
C6 NAG I . -11.99 38.37 21.83
C7 NAG I . -5.45 38.79 20.72
C8 NAG I . -4.10 39.18 21.26
N2 NAG I . -6.34 38.41 21.64
O3 NAG I . -7.86 40.15 19.85
O4 NAG I . -10.52 40.71 20.88
O5 NAG I . -9.83 37.32 22.08
O6 NAG I . -12.70 39.47 22.41
O7 NAG I . -5.71 38.82 19.54
#